data_7LQI
#
_entry.id   7LQI
#
_entity_poly.entity_id   1
_entity_poly.type   'polypeptide(L)'
_entity_poly.pdbx_seq_one_letter_code
;(5CR)KFEFKF(GMA)
;
_entity_poly.pdbx_strand_id   A,K,L,M,N,B,R,S,T,U,C,Y,Z,f,g,D,k,l,m,n,E,r,s,t,u,F,y,z,0,1,G,5,6,7,8,H,CA,DA,EA,FA,I,JA,KA,LA,MA,J,QA,RA,SA,TA,a,XA,YA,ZA,aA,bA,cA,dA,eA,fA,b,mA,nA,oA,pA,qA,rA,sA,tA,uA,c,1A,2A,3A,4A,5A,6A,7A,8A,9A,d,GB,HB,IB,JB,KB,LB,MB,NB,OB,e,VB,WB,XB,YB,ZB,aB,bB,cB,dB
#
# COMPACT_ATOMS: atom_id res chain seq x y z
CAA 5CR A 1 -5.69 28.01 0.03
CAL 5CR A 1 -6.11 27.56 1.42
OAB 5CR A 1 -5.29 27.25 2.22
N 5CR A 1 -7.50 27.50 1.79
CA 5CR A 1 -7.79 27.07 3.14
C 5CR A 1 -8.35 25.67 3.11
O 5CR A 1 -9.07 25.28 2.15
CB 5CR A 1 -8.78 28.01 3.82
CG 5CR A 1 -8.17 29.40 3.97
CD1 5CR A 1 -8.99 30.49 4.13
CE1 5CR A 1 -8.45 31.75 4.27
CZ 5CR A 1 -7.08 31.92 4.25
CE2 5CR A 1 -6.25 30.83 4.08
CD2 5CR A 1 -6.80 29.56 3.94
N LYS A 2 -8.06 24.90 4.14
CA LYS A 2 -8.59 23.57 4.28
C LYS A 2 -9.06 23.36 5.69
N PHE A 3 -10.17 22.66 5.86
CA PHE A 3 -10.72 22.43 7.18
C PHE A 3 -11.27 21.02 7.28
N GLU A 4 -10.72 20.23 8.17
CA GLU A 4 -11.21 18.89 8.44
C GLU A 4 -12.03 18.91 9.72
N PHE A 5 -13.01 18.02 9.79
CA PHE A 5 -13.75 17.84 11.03
C PHE A 5 -14.14 16.37 11.08
N LYS A 6 -13.33 15.59 11.77
CA LYS A 6 -13.54 14.16 11.88
C LYS A 6 -14.15 13.89 13.25
N PHE A 7 -15.40 13.45 13.26
CA PHE A 7 -16.08 13.19 14.51
C PHE A 7 -16.25 11.70 14.74
N GMA A 8 -15.36 11.13 15.53
CA GMA A 8 -15.52 9.76 15.92
CD GMA A 8 -16.85 9.65 16.68
O1 GMA A 8 -16.98 10.00 17.86
CB GMA A 8 -14.42 9.21 16.81
CG GMA A 8 -14.05 7.80 16.45
C GMA A 8 -12.75 7.76 15.62
O GMA A 8 -11.95 6.79 15.79
OXT GMA A 8 -12.56 8.71 14.81
N2 GMA A 8 -17.92 9.16 15.97
CAA 5CR B 1 21.20 14.60 -12.55
CAL 5CR B 1 21.22 15.13 -11.12
OAB 5CR B 1 21.60 14.44 -10.25
N 5CR B 1 20.76 16.46 -10.84
CA 5CR B 1 20.82 16.88 -9.45
C 5CR B 1 19.42 16.96 -8.89
O 5CR B 1 18.47 17.41 -9.59
CB 5CR B 1 21.51 18.23 -9.32
CG 5CR B 1 22.95 18.14 -9.80
CD1 5CR B 1 23.59 19.30 -10.20
CE1 5CR B 1 24.91 19.24 -10.63
CZ 5CR B 1 25.57 18.03 -10.66
CE2 5CR B 1 24.92 16.88 -10.26
CD2 5CR B 1 23.62 16.94 -9.82
N LYS B 2 19.26 16.55 -7.65
CA LYS B 2 17.98 16.64 -6.97
C LYS B 2 18.16 17.32 -5.64
N PHE B 3 17.21 18.16 -5.27
CA PHE B 3 17.27 18.86 -3.99
C PHE B 3 15.86 18.99 -3.43
N GLU B 4 15.68 18.58 -2.18
CA GLU B 4 14.41 18.74 -1.50
C GLU B 4 14.68 19.39 -0.16
N PHE B 5 13.74 20.20 0.30
CA PHE B 5 13.88 20.89 1.57
C PHE B 5 12.53 20.85 2.29
N LYS B 6 12.33 19.82 3.09
CA LYS B 6 11.10 19.70 3.86
C LYS B 6 11.25 20.54 5.13
N PHE B 7 10.40 21.52 5.30
CA PHE B 7 10.44 22.35 6.48
C PHE B 7 9.23 22.08 7.36
N GMA B 8 9.39 21.18 8.32
CA GMA B 8 8.33 20.92 9.26
CD GMA B 8 7.99 22.23 9.97
O1 GMA B 8 8.69 22.71 10.89
CB GMA B 8 8.66 19.88 10.32
CG GMA B 8 7.48 19.02 10.67
C GMA B 8 7.62 17.62 10.09
O GMA B 8 7.13 16.64 10.72
OXT GMA B 8 8.23 17.52 8.98
N2 GMA B 8 6.86 22.89 9.55
CAA 5CR C 1 15.66 -17.21 -16.82
CAL 5CR C 1 16.63 -16.77 -15.73
OAB 5CR C 1 16.53 -17.19 -14.64
N 5CR C 1 17.69 -15.83 -16.03
CA 5CR C 1 18.57 -15.48 -14.95
C 5CR C 1 18.34 -14.03 -14.56
O 5CR C 1 18.22 -13.14 -15.43
CB 5CR C 1 20.02 -15.67 -15.35
CG 5CR C 1 20.29 -17.13 -15.70
CD1 5CR C 1 21.28 -17.44 -16.60
CE1 5CR C 1 21.54 -18.76 -16.93
CZ 5CR C 1 20.79 -19.77 -16.37
CE2 5CR C 1 19.79 -19.46 -15.47
CD2 5CR C 1 19.55 -18.14 -15.13
N LYS C 2 18.30 -13.77 -13.26
CA LYS C 2 18.17 -12.42 -12.78
C LYS C 2 19.34 -12.09 -11.87
N PHE C 3 19.80 -10.84 -11.93
CA PHE C 3 20.89 -10.40 -11.09
C PHE C 3 20.66 -8.97 -10.68
N GLU C 4 20.73 -8.71 -9.38
CA GLU C 4 20.66 -7.35 -8.88
C GLU C 4 21.86 -7.07 -8.00
N PHE C 5 22.23 -5.80 -7.93
CA PHE C 5 23.39 -5.37 -7.15
C PHE C 5 23.07 -3.99 -6.61
N LYS C 6 22.56 -3.92 -5.39
CA LYS C 6 22.29 -2.66 -4.75
C LYS C 6 23.51 -2.28 -3.93
N PHE C 7 24.13 -1.16 -4.26
CA PHE C 7 25.30 -0.70 -3.52
C PHE C 7 24.93 0.50 -2.68
N GMA C 8 24.55 0.25 -1.44
CA GMA C 8 24.27 1.32 -0.52
CD GMA C 8 25.50 2.22 -0.42
O1 GMA C 8 26.59 1.82 0.04
CB GMA C 8 23.89 0.86 0.89
CG GMA C 8 22.82 1.73 1.50
C GMA C 8 21.49 0.95 1.62
O GMA C 8 20.72 1.21 2.59
OXT GMA C 8 21.25 0.08 0.73
N2 GMA C 8 25.37 3.50 -0.89
CAA 5CR D 1 -14.77 -23.45 -6.63
CAL 5CR D 1 -13.58 -24.01 -5.86
OAB 5CR D 1 -13.46 -23.80 -4.70
N 5CR D 1 -12.58 -24.79 -6.53
CA 5CR D 1 -11.50 -25.29 -5.72
C 5CR D 1 -10.24 -24.49 -6.01
O 5CR D 1 -9.95 -24.16 -7.18
CB 5CR D 1 -11.24 -26.77 -5.97
CG 5CR D 1 -12.48 -27.58 -5.59
CD1 5CR D 1 -12.69 -28.80 -6.17
CE1 5CR D 1 -13.81 -29.54 -5.85
CZ 5CR D 1 -14.71 -29.06 -4.92
CE2 5CR D 1 -14.50 -27.83 -4.33
CD2 5CR D 1 -13.37 -27.09 -4.66
N LYS D 2 -9.48 -24.20 -4.97
CA LYS D 2 -8.22 -23.50 -5.14
C LYS D 2 -7.14 -24.25 -4.39
N PHE D 3 -5.93 -24.28 -4.95
CA PHE D 3 -4.80 -24.95 -4.32
C PHE D 3 -3.55 -24.15 -4.59
N GLU D 4 -2.80 -23.86 -3.53
CA GLU D 4 -1.51 -23.22 -3.68
C GLU D 4 -0.44 -24.08 -3.02
N PHE D 5 0.76 -24.03 -3.56
CA PHE D 5 1.88 -24.78 -3.01
C PHE D 5 3.12 -23.92 -3.14
N LYS D 6 3.42 -23.14 -2.11
CA LYS D 6 4.61 -22.32 -2.10
C LYS D 6 5.74 -23.14 -1.47
N PHE D 7 6.71 -23.51 -2.28
CA PHE D 7 7.83 -24.28 -1.76
C PHE D 7 9.02 -23.36 -1.55
N GMA D 8 9.13 -22.83 -0.34
CA GMA D 8 10.24 -21.99 0.00
CD GMA D 8 11.54 -22.76 -0.22
O1 GMA D 8 11.85 -23.76 0.45
CB GMA D 8 10.24 -21.50 1.45
CG GMA D 8 10.88 -20.15 1.59
C GMA D 8 9.83 -19.09 1.98
O GMA D 8 10.19 -18.13 2.72
OXT GMA D 8 8.65 -19.25 1.56
N2 GMA D 8 12.35 -22.32 -1.24
CAA 5CR E 1 -27.92 4.59 3.74
CAL 5CR E 1 -27.63 3.44 4.69
OAB 5CR E 1 -26.90 3.60 5.61
N 5CR E 1 -28.23 2.15 4.49
CA 5CR E 1 -27.89 1.13 5.45
C 5CR E 1 -26.83 0.20 4.88
O 5CR E 1 -26.89 -0.15 3.68
CB 5CR E 1 -29.11 0.32 5.86
CG 5CR E 1 -30.09 1.23 6.58
CD1 5CR E 1 -31.42 0.86 6.66
CE1 5CR E 1 -32.33 1.68 7.30
CZ 5CR E 1 -31.90 2.86 7.86
CE2 5CR E 1 -30.58 3.23 7.79
CD2 5CR E 1 -29.68 2.41 7.15
N LYS E 2 -25.88 -0.18 5.71
CA LYS E 2 -24.87 -1.13 5.30
C LYS E 2 -24.73 -2.18 6.39
N PHE E 3 -24.74 -3.43 6.00
CA PHE E 3 -24.62 -4.54 6.94
C PHE E 3 -23.46 -5.43 6.53
N GLU E 4 -22.67 -5.85 7.49
CA GLU E 4 -21.44 -6.57 7.26
C GLU E 4 -21.46 -7.85 8.07
N PHE E 5 -21.00 -8.95 7.48
CA PHE E 5 -21.02 -10.24 8.16
C PHE E 5 -19.82 -11.06 7.72
N LYS E 6 -18.78 -11.08 8.54
CA LYS E 6 -17.64 -11.94 8.30
C LYS E 6 -17.76 -13.15 9.23
N PHE E 7 -17.94 -14.32 8.65
CA PHE E 7 -17.95 -15.53 9.45
C PHE E 7 -16.65 -16.27 9.29
N GMA E 8 -15.69 -15.96 10.15
CA GMA E 8 -14.43 -16.64 10.13
CD GMA E 8 -14.66 -18.13 10.29
O1 GMA E 8 -14.90 -18.68 11.38
CB GMA E 8 -13.46 -16.19 11.23
CG GMA E 8 -12.03 -16.37 10.84
C GMA E 8 -11.33 -15.00 10.69
O GMA E 8 -10.09 -14.93 10.94
OXT GMA E 8 -12.03 -14.02 10.32
N2 GMA E 8 -14.61 -18.88 9.14
CAA 5CR F 1 -9.86 28.04 -3.07
CAL 5CR F 1 -10.25 27.50 -1.70
OAB 5CR F 1 -9.42 27.24 -0.91
N 5CR F 1 -11.63 27.29 -1.37
CA 5CR F 1 -11.91 26.78 -0.04
C 5CR F 1 -12.33 25.33 -0.13
O 5CR F 1 -12.98 24.91 -1.11
CB 5CR F 1 -12.99 27.60 0.65
CG 5CR F 1 -12.51 29.03 0.86
CD1 5CR F 1 -13.44 30.03 1.04
CE1 5CR F 1 -13.03 31.33 1.24
CZ 5CR F 1 -11.68 31.64 1.25
CE2 5CR F 1 -10.75 30.63 1.06
CD2 5CR F 1 -11.17 29.33 0.87
N LYS F 2 -11.98 24.57 0.89
CA LYS F 2 -12.39 23.18 0.95
C LYS F 2 -12.86 22.88 2.36
N PHE F 3 -13.90 22.06 2.48
CA PHE F 3 -14.43 21.73 3.79
C PHE F 3 -14.84 20.28 3.81
N GLU F 4 -14.23 19.51 4.69
CA GLU F 4 -14.59 18.12 4.91
C GLU F 4 -15.43 18.02 6.17
N PHE F 5 -16.33 17.04 6.19
CA PHE F 5 -17.07 16.75 7.41
C PHE F 5 -17.32 15.24 7.40
N LYS F 6 -16.44 14.52 8.08
CA LYS F 6 -16.51 13.07 8.14
C LYS F 6 -17.12 12.69 9.48
N PHE F 7 -18.33 12.13 9.45
CA PHE F 7 -18.99 11.76 10.69
C PHE F 7 -19.03 10.27 10.85
N GMA F 8 -18.10 9.75 11.64
CA GMA F 8 -18.14 8.35 11.98
CD GMA F 8 -19.45 8.09 12.71
O1 GMA F 8 -19.64 8.39 13.91
CB GMA F 8 -16.98 7.89 12.88
CG GMA F 8 -16.49 6.53 12.47
C GMA F 8 -15.18 6.64 11.66
O GMA F 8 -14.29 5.75 11.82
OXT GMA F 8 -15.06 7.62 10.89
N2 GMA F 8 -20.46 7.53 11.97
CAA 5CR G 1 18.38 17.72 -15.62
CAL 5CR G 1 18.33 18.19 -14.17
OAB 5CR G 1 18.76 17.51 -13.31
N 5CR G 1 17.75 19.47 -13.85
CA 5CR G 1 17.74 19.85 -12.45
C 5CR G 1 16.33 19.77 -11.92
O 5CR G 1 15.35 20.15 -12.61
CB 5CR G 1 18.29 21.25 -12.25
CG 5CR G 1 19.74 21.32 -12.71
CD1 5CR G 1 20.28 22.53 -13.06
CE1 5CR G 1 21.60 22.62 -13.48
CZ 5CR G 1 22.37 21.48 -13.53
CE2 5CR G 1 21.83 20.27 -13.18
CD2 5CR G 1 20.52 20.18 -12.77
N LYS G 2 16.20 19.30 -10.68
CA LYS G 2 14.91 19.24 -10.03
C LYS G 2 14.99 19.88 -8.67
N PHE G 3 13.95 20.62 -8.29
CA PHE G 3 13.93 21.28 -6.99
C PHE G 3 12.51 21.24 -6.45
N GLU G 4 12.35 20.77 -5.23
CA GLU G 4 11.07 20.78 -4.56
C GLU G 4 11.25 21.41 -3.19
N PHE G 5 10.22 22.11 -2.72
CA PHE G 5 10.28 22.77 -1.42
C PHE G 5 8.93 22.57 -0.74
N LYS G 6 8.82 21.50 0.03
CA LYS G 6 7.59 21.24 0.77
C LYS G 6 7.65 22.03 2.07
N PHE G 7 6.69 22.93 2.26
CA PHE G 7 6.63 23.71 3.48
C PHE G 7 5.45 23.29 4.31
N GMA G 8 5.68 22.37 5.24
CA GMA G 8 4.64 21.99 6.15
CD GMA G 8 4.16 23.23 6.91
O1 GMA G 8 4.80 23.74 7.85
CB GMA G 8 5.05 20.94 7.19
CG GMA G 8 3.95 19.96 7.49
C GMA G 8 4.24 18.60 6.84
O GMA G 8 3.83 17.55 7.44
OXT GMA G 8 4.88 18.59 5.76
N2 GMA G 8 2.98 23.79 6.49
CAA 5CR H 1 15.99 -14.29 -21.10
CAL 5CR H 1 16.90 -13.80 -19.98
OAB 5CR H 1 16.83 -14.28 -18.90
N 5CR H 1 17.86 -12.76 -20.23
CA 5CR H 1 18.69 -12.36 -19.11
C 5CR H 1 18.32 -10.96 -18.68
O 5CR H 1 18.12 -10.05 -19.52
CB 5CR H 1 20.17 -12.41 -19.48
CG 5CR H 1 20.57 -13.82 -19.89
CD1 5CR H 1 21.61 -14.00 -20.78
CE1 5CR H 1 21.99 -15.27 -21.16
CZ 5CR H 1 21.34 -16.36 -20.64
CE2 5CR H 1 20.30 -16.18 -19.75
CD2 5CR H 1 19.92 -14.91 -19.37
N LYS H 2 18.24 -10.75 -17.37
CA LYS H 2 17.97 -9.44 -16.84
C LYS H 2 19.09 -9.03 -15.91
N PHE H 3 19.43 -7.75 -15.91
CA PHE H 3 20.46 -7.24 -15.04
C PHE H 3 20.08 -5.84 -14.58
N GLU H 4 20.11 -5.63 -13.28
CA GLU H 4 19.90 -4.30 -12.73
C GLU H 4 21.05 -3.94 -11.81
N PHE H 5 21.30 -2.64 -11.70
CA PHE H 5 22.40 -2.14 -10.88
C PHE H 5 21.94 -0.81 -10.29
N LYS H 6 21.41 -0.84 -9.09
CA LYS H 6 21.01 0.38 -8.41
C LYS H 6 22.17 0.84 -7.55
N PHE H 7 22.69 2.02 -7.83
CA PHE H 7 23.79 2.56 -7.05
C PHE H 7 23.31 3.69 -6.18
N GMA H 8 22.93 3.36 -4.95
CA GMA H 8 22.53 4.37 -4.01
CD GMA H 8 23.67 5.37 -3.85
O1 GMA H 8 24.79 5.05 -3.38
CB GMA H 8 22.19 3.82 -2.62
CG GMA H 8 21.02 4.56 -1.99
C GMA H 8 19.78 3.65 -1.93
O GMA H 8 18.97 3.81 -0.97
OXT GMA H 8 19.64 2.80 -2.85
N2 GMA H 8 23.43 6.65 -4.28
CAA 5CR I 1 -13.84 -23.78 -11.70
CAL 5CR I 1 -12.62 -24.26 -10.92
OAB 5CR I 1 -12.54 -24.07 -9.76
N 5CR I 1 -11.54 -24.92 -11.61
CA 5CR I 1 -10.43 -25.33 -10.78
C 5CR I 1 -9.24 -24.41 -11.03
O 5CR I 1 -8.98 -24.00 -12.19
CB 5CR I 1 -10.03 -26.77 -11.08
CG 5CR I 1 -11.18 -27.71 -10.76
CD1 5CR I 1 -11.27 -28.92 -11.39
CE1 5CR I 1 -12.31 -29.78 -11.11
CZ 5CR I 1 -13.27 -29.42 -10.18
CE2 5CR I 1 -13.18 -28.19 -9.55
CD2 5CR I 1 -12.14 -27.34 -9.83
N LYS I 2 -8.52 -24.08 -9.97
CA LYS I 2 -7.35 -23.27 -10.10
C LYS I 2 -6.20 -23.93 -9.34
N PHE I 3 -5.00 -23.82 -9.89
CA PHE I 3 -3.82 -24.41 -9.26
C PHE I 3 -2.65 -23.49 -9.47
N GLU I 4 -1.94 -23.16 -8.39
CA GLU I 4 -0.71 -22.39 -8.49
C GLU I 4 0.41 -23.17 -7.85
N PHE I 5 1.62 -22.98 -8.36
CA PHE I 5 2.79 -23.65 -7.82
C PHE I 5 3.95 -22.66 -7.90
N LYS I 6 4.15 -21.90 -6.83
CA LYS I 6 5.27 -20.98 -6.78
C LYS I 6 6.45 -21.70 -6.15
N PHE I 7 7.47 -21.96 -6.95
CA PHE I 7 8.66 -22.63 -6.45
C PHE I 7 9.74 -21.61 -6.18
N GMA I 8 9.78 -21.12 -4.96
CA GMA I 8 10.80 -20.18 -4.56
CD GMA I 8 12.17 -20.81 -4.78
O1 GMA I 8 12.57 -21.80 -4.14
CB GMA I 8 10.73 -19.75 -3.09
CG GMA I 8 11.23 -18.35 -2.89
C GMA I 8 10.09 -17.41 -2.49
O GMA I 8 10.34 -16.44 -1.71
OXT GMA I 8 8.94 -17.67 -2.94
N2 GMA I 8 12.95 -20.27 -5.77
CAA 5CR J 1 -29.79 2.47 -0.61
CAL 5CR J 1 -29.40 1.33 0.31
OAB 5CR J 1 -28.70 1.51 1.25
N 5CR J 1 -29.87 -0.02 0.06
CA 5CR J 1 -29.45 -1.02 0.99
C 5CR J 1 -28.30 -1.82 0.40
O 5CR J 1 -28.30 -2.15 -0.81
CB 5CR J 1 -30.59 -1.96 1.35
CG 5CR J 1 -31.67 -1.18 2.08
CD1 5CR J 1 -32.95 -1.67 2.12
CE1 5CR J 1 -33.95 -0.97 2.77
CZ 5CR J 1 -33.65 0.23 3.39
CE2 5CR J 1 -32.36 0.72 3.35
CD2 5CR J 1 -31.37 0.01 2.70
N LYS J 2 -27.32 -2.14 1.24
CA LYS J 2 -26.22 -2.98 0.82
C LYS J 2 -26.01 -4.04 1.87
N PHE J 3 -25.88 -5.29 1.43
CA PHE J 3 -25.66 -6.41 2.34
C PHE J 3 -24.43 -7.16 1.91
N GLU J 4 -23.62 -7.54 2.88
CA GLU J 4 -22.32 -8.13 2.65
C GLU J 4 -22.24 -9.44 3.41
N PHE J 5 -21.66 -10.46 2.79
CA PHE J 5 -21.56 -11.78 3.43
C PHE J 5 -20.28 -12.46 2.98
N LYS J 6 -19.26 -12.42 3.81
CA LYS J 6 -18.03 -13.15 3.57
C LYS J 6 -18.06 -14.40 4.45
N PHE J 7 -18.11 -15.56 3.83
CA PHE J 7 -18.02 -16.80 4.58
C PHE J 7 -16.64 -17.40 4.42
N GMA J 8 -15.74 -17.03 5.31
CA GMA J 8 -14.41 -17.59 5.29
CD GMA J 8 -14.50 -19.10 5.40
O1 GMA J 8 -14.71 -19.70 6.46
CB GMA J 8 -13.52 -17.09 6.43
CG GMA J 8 -12.05 -17.11 6.05
C GMA J 8 -11.49 -15.68 5.96
O GMA J 8 -10.27 -15.49 6.23
OXT GMA J 8 -12.29 -14.76 5.61
N2 GMA J 8 -14.37 -19.80 4.21
CAA 5CR K 1 -1.18 27.74 2.17
CAL 5CR K 1 -1.61 27.40 3.58
OAB 5CR K 1 -0.81 27.03 4.37
N 5CR K 1 -2.98 27.53 3.99
CA 5CR K 1 -3.28 27.18 5.36
C 5CR K 1 -4.01 25.85 5.41
O 5CR K 1 -4.78 25.51 4.49
CB 5CR K 1 -4.13 28.26 6.01
CG 5CR K 1 -3.37 29.57 6.09
CD1 5CR K 1 -4.05 30.76 6.22
CE1 5CR K 1 -3.36 31.95 6.29
CZ 5CR K 1 -1.98 31.95 6.24
CE2 5CR K 1 -1.30 30.77 6.09
CD2 5CR K 1 -1.98 29.57 6.03
N LYS K 2 -3.77 25.10 6.47
CA LYS K 2 -4.45 23.85 6.67
C LYS K 2 -4.91 23.76 8.11
N PHE K 3 -6.08 23.19 8.33
CA PHE K 3 -6.61 23.09 9.68
C PHE K 3 -7.32 21.76 9.85
N GLU K 4 -6.84 20.94 10.77
CA GLU K 4 -7.47 19.68 11.10
C GLU K 4 -8.24 19.86 12.41
N PHE K 5 -9.31 19.10 12.54
CA PHE K 5 -10.04 19.05 13.79
C PHE K 5 -10.60 17.64 13.93
N LYS K 6 -9.86 16.80 14.63
CA LYS K 6 -10.23 15.41 14.81
C LYS K 6 -10.83 15.27 16.20
N PHE K 7 -12.13 14.98 16.26
CA PHE K 7 -12.79 14.86 17.55
C PHE K 7 -13.12 13.42 17.85
N GMA K 8 -12.29 12.78 18.64
CA GMA K 8 -12.60 11.44 19.10
CD GMA K 8 -13.90 11.53 19.89
O1 GMA K 8 -13.96 11.95 21.07
CB GMA K 8 -11.53 10.82 19.99
CG GMA K 8 -11.35 9.35 19.68
C GMA K 8 -10.09 9.12 18.82
O GMA K 8 -9.41 8.08 19.01
OXT GMA K 8 -9.80 10.00 17.96
N2 GMA K 8 -15.05 11.14 19.24
CAA 5CR L 1 23.58 10.75 -10.46
CAL 5CR L 1 23.71 11.32 -9.05
OAB 5CR L 1 24.03 10.64 -8.15
N 5CR L 1 23.42 12.72 -8.82
CA 5CR L 1 23.56 13.18 -7.45
C 5CR L 1 22.20 13.45 -6.87
O 5CR L 1 21.29 13.98 -7.55
CB 5CR L 1 24.40 14.45 -7.40
CG 5CR L 1 25.81 14.17 -7.91
CD1 5CR L 1 26.58 15.22 -8.38
CE1 5CR L 1 27.86 14.99 -8.85
CZ 5CR L 1 28.38 13.72 -8.84
CE2 5CR L 1 27.61 12.67 -8.36
CD2 5CR L 1 26.33 12.90 -7.89
N LYS L 2 22.03 13.11 -5.60
CA LYS L 2 20.79 13.38 -4.90
C LYS L 2 21.09 14.10 -3.60
N PHE L 3 20.25 15.05 -3.24
CA PHE L 3 20.42 15.80 -2.01
C PHE L 3 19.06 16.10 -1.41
N GLU L 4 18.88 15.77 -0.15
CA GLU L 4 17.66 16.12 0.56
C GLU L 4 18.04 16.78 1.87
N PHE L 5 17.21 17.72 2.31
CA PHE L 5 17.47 18.45 3.55
C PHE L 5 16.14 18.59 4.29
N LYS L 6 15.85 17.63 5.15
CA LYS L 6 14.64 17.69 5.95
C LYS L 6 14.92 18.54 7.17
N PHE L 7 14.19 19.64 7.31
CA PHE L 7 14.35 20.50 8.47
C PHE L 7 13.16 20.41 9.38
N GMA L 8 13.23 19.54 10.38
CA GMA L 8 12.19 19.45 11.35
CD GMA L 8 12.02 20.81 12.02
O1 GMA L 8 12.79 21.24 12.89
CB GMA L 8 12.43 18.41 12.46
CG GMA L 8 11.16 17.72 12.88
C GMA L 8 11.13 16.28 12.34
O GMA L 8 10.54 15.40 13.03
OXT GMA L 8 11.69 16.06 11.23
N2 GMA L 8 10.96 21.58 11.59
CAA 5CR M 1 14.27 -20.34 -13.15
CAL 5CR M 1 15.31 -19.98 -12.10
OAB 5CR M 1 15.20 -20.34 -10.99
N 5CR M 1 16.46 -19.19 -12.47
CA 5CR M 1 17.40 -18.89 -11.42
C 5CR M 1 17.36 -17.41 -11.10
O 5CR M 1 17.31 -16.55 -12.00
CB 5CR M 1 18.82 -19.27 -11.85
CG 5CR M 1 18.90 -20.76 -12.14
CD1 5CR M 1 19.83 -21.23 -13.05
CE1 5CR M 1 19.92 -22.58 -13.34
CZ 5CR M 1 19.07 -23.47 -12.71
CE2 5CR M 1 18.13 -23.00 -11.80
CD2 5CR M 1 18.06 -21.65 -11.52
N LYS M 2 17.39 -17.10 -9.81
CA LYS M 2 17.44 -15.72 -9.38
C LYS M 2 18.66 -15.48 -8.52
N PHE M 3 19.26 -14.31 -8.65
CA PHE M 3 20.42 -13.97 -7.85
C PHE M 3 20.36 -12.49 -7.51
N GLU M 4 20.51 -12.19 -6.23
CA GLU M 4 20.61 -10.81 -5.78
C GLU M 4 21.85 -10.64 -4.95
N PHE M 5 22.38 -9.43 -4.94
CA PHE M 5 23.60 -9.10 -4.21
C PHE M 5 23.46 -7.66 -3.73
N LYS M 6 22.99 -7.50 -2.50
CA LYS M 6 22.90 -6.17 -1.91
C LYS M 6 24.18 -5.91 -1.13
N PHE M 7 24.91 -4.89 -1.53
CA PHE M 7 26.14 -4.54 -0.84
C PHE M 7 25.95 -3.27 -0.05
N GMA M 8 25.56 -3.42 1.21
CA GMA M 8 25.45 -2.28 2.09
CD GMA M 8 26.77 -1.53 2.12
O1 GMA M 8 27.82 -2.04 2.57
CB GMA M 8 25.06 -2.63 3.52
CG GMA M 8 24.11 -1.63 4.13
C GMA M 8 22.71 -2.24 4.30
O GMA M 8 22.01 -1.84 5.28
OXT GMA M 8 22.34 -3.11 3.47
N2 GMA M 8 26.79 -0.26 1.60
CAA 5CR N 1 -16.37 -22.54 -1.94
CAL 5CR N 1 -15.23 -23.20 -1.18
OAB 5CR N 1 -15.06 -22.95 -0.03
N 5CR N 1 -14.36 -24.13 -1.83
CA 5CR N 1 -13.31 -24.71 -1.03
C 5CR N 1 -11.98 -24.08 -1.39
O 5CR N 1 -11.69 -23.82 -2.59
CB 5CR N 1 -13.23 -26.21 -1.22
CG 5CR N 1 -14.54 -26.85 -0.78
CD1 5CR N 1 -14.92 -28.07 -1.30
CE1 5CR N 1 -16.10 -28.67 -0.91
CZ 5CR N 1 -16.91 -28.04 0.02
CE2 5CR N 1 -16.54 -26.82 0.54
CD2 5CR N 1 -15.36 -26.23 0.15
N LYS N 2 -11.15 -23.83 -0.38
CA LYS N 2 -9.83 -23.30 -0.62
C LYS N 2 -8.82 -24.13 0.14
N PHE N 3 -7.65 -24.33 -0.45
CA PHE N 3 -6.59 -25.10 0.18
C PHE N 3 -5.25 -24.47 -0.14
N GLU N 4 -4.45 -24.22 0.88
CA GLU N 4 -3.09 -23.74 0.67
C GLU N 4 -2.12 -24.69 1.33
N PHE N 5 -0.93 -24.80 0.77
CA PHE N 5 0.10 -25.66 1.33
C PHE N 5 1.44 -24.95 1.12
N LYS N 6 1.86 -24.17 2.11
CA LYS N 6 3.14 -23.51 2.05
C LYS N 6 4.16 -24.42 2.69
N PHE N 7 5.07 -24.94 1.88
CA PHE N 7 6.12 -25.81 2.40
C PHE N 7 7.40 -25.04 2.55
N GMA N 8 7.61 -24.47 3.73
CA GMA N 8 8.82 -23.75 4.00
CD GMA N 8 10.02 -24.67 3.78
O1 GMA N 8 10.22 -25.67 4.50
CB GMA N 8 8.91 -23.20 5.43
CG GMA N 8 9.72 -21.93 5.50
C GMA N 8 8.81 -20.74 5.86
O GMA N 8 9.31 -19.80 6.54
OXT GMA N 8 7.61 -20.77 5.47
N2 GMA N 8 10.85 -24.38 2.73
CAA 5CR O 1 -25.86 7.26 7.46
CAL 5CR O 1 -25.68 6.12 8.46
OAB 5CR O 1 -24.92 6.24 9.35
N 5CR O 1 -26.43 4.91 8.33
CA 5CR O 1 -26.17 3.90 9.33
C 5CR O 1 -25.26 2.83 8.78
O 5CR O 1 -25.39 2.42 7.60
CB 5CR O 1 -27.47 3.26 9.81
CG 5CR O 1 -28.33 4.31 10.51
CD1 5CR O 1 -29.69 4.10 10.63
CE1 5CR O 1 -30.47 5.04 11.26
CZ 5CR O 1 -29.90 6.19 11.76
CE2 5CR O 1 -28.54 6.40 11.63
CD2 5CR O 1 -27.75 5.45 11.01
N LYS O 2 -24.33 2.38 9.60
CA LYS O 2 -23.45 1.30 9.21
C LYS O 2 -23.40 0.29 10.34
N PHE O 3 -23.57 -0.97 10.00
CA PHE O 3 -23.55 -2.05 10.99
C PHE O 3 -22.51 -3.09 10.58
N GLU O 4 -21.76 -3.55 11.57
CA GLU O 4 -20.62 -4.42 11.33
C GLU O 4 -20.77 -5.66 12.20
N PHE O 5 -20.45 -6.82 11.64
CA PHE O 5 -20.60 -8.07 12.39
C PHE O 5 -19.52 -9.05 11.95
N LYS O 6 -18.47 -9.15 12.74
CA LYS O 6 -17.44 -10.15 12.52
C LYS O 6 -17.68 -11.29 13.50
N PHE O 7 -18.01 -12.46 12.98
CA PHE O 7 -18.14 -13.63 13.83
C PHE O 7 -16.93 -14.52 13.67
N GMA O 8 -15.92 -14.29 14.49
CA GMA O 8 -14.74 -15.11 14.48
CD GMA O 8 -15.15 -16.57 14.71
O1 GMA O 8 -15.41 -17.02 15.83
CB GMA O 8 -13.71 -14.74 15.54
CG GMA O 8 -12.31 -15.10 15.11
C GMA O 8 -11.46 -13.83 14.88
O GMA O 8 -10.21 -13.89 15.09
OXT GMA O 8 -12.06 -12.79 14.49
N2 GMA O 8 -15.22 -17.36 13.59
CAA 5CR P 1 -14.12 27.66 -5.86
CAL 5CR P 1 -14.48 27.03 -4.52
OAB 5CR P 1 -13.64 26.83 -3.71
N 5CR P 1 -15.84 26.66 -4.22
CA 5CR P 1 -16.08 26.08 -2.94
C 5CR P 1 -16.35 24.59 -3.09
O 5CR P 1 -16.93 24.14 -4.10
CB 5CR P 1 -17.26 26.74 -2.23
CG 5CR P 1 -16.95 28.20 -1.96
CD1 5CR P 1 -17.99 29.10 -1.75
CE1 5CR P 1 -17.72 30.43 -1.49
CZ 5CR P 1 -16.40 30.87 -1.44
CE2 5CR P 1 -15.37 29.98 -1.64
CD2 5CR P 1 -15.64 28.65 -1.90
N LYS P 2 -15.93 23.83 -2.10
CA LYS P 2 -16.19 22.40 -2.09
C LYS P 2 -16.66 21.99 -0.71
N PHE P 3 -17.60 21.07 -0.65
CA PHE P 3 -18.12 20.63 0.64
C PHE P 3 -18.38 19.14 0.59
N GLU P 4 -17.71 18.40 1.46
CA GLU P 4 -17.92 16.97 1.61
C GLU P 4 -18.77 16.73 2.85
N PHE P 5 -19.55 15.66 2.80
CA PHE P 5 -20.28 15.24 3.99
C PHE P 5 -20.36 13.71 3.92
N LYS P 6 -19.44 13.06 4.58
CA LYS P 6 -19.35 11.61 4.58
C LYS P 6 -19.95 11.12 5.89
N PHE P 7 -21.08 10.44 5.81
CA PHE P 7 -21.72 9.95 7.02
C PHE P 7 -21.59 8.46 7.13
N GMA P 8 -20.63 8.00 7.92
CA GMA P 8 -20.53 6.60 8.21
CD GMA P 8 -21.82 6.16 8.89
O1 GMA P 8 -22.06 6.39 10.09
CB GMA P 8 -19.35 6.22 9.11
CG GMA P 8 -18.70 4.94 8.66
C GMA P 8 -17.40 5.23 7.89
O GMA P 8 -16.43 4.43 8.03
OXT GMA P 8 -17.37 6.25 7.15
N2 GMA P 8 -22.74 5.52 8.10
CAA 5CR Q 1 15.31 20.96 -18.12
CAL 5CR Q 1 15.18 21.36 -16.66
OAB 5CR Q 1 15.66 20.69 -15.81
N 5CR Q 1 14.45 22.55 -16.29
CA 5CR Q 1 14.37 22.86 -14.89
C 5CR Q 1 12.97 22.61 -14.38
O 5CR Q 1 11.97 22.92 -15.09
CB 5CR Q 1 14.77 24.31 -14.62
CG 5CR Q 1 16.21 24.55 -15.04
CD1 5CR Q 1 16.63 25.83 -15.33
CE1 5CR Q 1 17.93 26.08 -15.70
CZ 5CR Q 1 18.83 25.04 -15.80
CE2 5CR Q 1 18.42 23.76 -15.50
CD2 5CR Q 1 17.11 23.52 -15.11
N LYS Q 2 12.87 22.08 -13.18
CA LYS Q 2 11.58 21.87 -12.57
C LYS Q 2 11.57 22.46 -11.17
N PHE Q 3 10.45 23.05 -10.79
CA PHE Q 3 10.33 23.65 -9.46
C PHE Q 3 8.91 23.44 -8.96
N GLU Q 4 8.79 22.91 -7.76
CA GLU Q 4 7.50 22.76 -7.12
C GLU Q 4 7.58 23.34 -5.72
N PHE Q 5 6.47 23.90 -5.25
CA PHE Q 5 6.43 24.51 -3.93
C PHE Q 5 5.10 24.14 -3.29
N LYS Q 6 5.08 23.04 -2.57
CA LYS Q 6 3.88 22.61 -1.87
C LYS Q 6 3.83 23.35 -0.54
N PHE Q 7 2.78 24.14 -0.34
CA PHE Q 7 2.61 24.85 0.91
C PHE Q 7 1.46 24.27 1.70
N GMA Q 8 1.77 23.35 2.60
CA GMA Q 8 0.75 22.81 3.47
CD GMA Q 8 0.13 23.96 4.26
O1 GMA Q 8 0.69 24.50 5.24
CB GMA Q 8 1.26 21.77 4.47
CG GMA Q 8 0.26 20.68 4.71
C GMA Q 8 0.71 19.38 4.02
O GMA Q 8 0.41 18.28 4.56
OXT GMA Q 8 1.36 19.49 2.95
N2 GMA Q 8 -1.09 24.41 3.84
CAA 5CR R 1 16.49 -10.87 -24.91
CAL 5CR R 1 17.31 -10.33 -23.76
OAB 5CR R 1 17.27 -10.85 -22.70
N 5CR R 1 18.17 -9.19 -23.94
CA 5CR R 1 18.93 -8.74 -22.80
C 5CR R 1 18.40 -7.41 -22.31
O 5CR R 1 18.12 -6.49 -23.12
CB 5CR R 1 20.40 -8.61 -23.14
CG 5CR R 1 20.97 -9.96 -23.58
CD1 5CR R 1 22.04 -9.99 -24.45
CE1 5CR R 1 22.56 -11.19 -24.87
CZ 5CR R 1 22.01 -12.38 -24.41
CE2 5CR R 1 20.94 -12.35 -23.54
CD2 5CR R 1 20.43 -11.14 -23.12
N LYS R 2 18.27 -7.27 -21.00
CA LYS R 2 17.85 -6.01 -20.42
C LYS R 2 18.89 -5.53 -19.45
N PHE R 3 19.09 -4.22 -19.40
CA PHE R 3 20.05 -3.63 -18.48
C PHE R 3 19.51 -2.30 -17.97
N GLU R 4 19.50 -2.14 -16.66
CA GLU R 4 19.12 -0.88 -16.06
C GLU R 4 20.22 -0.43 -15.11
N PHE R 5 20.33 0.88 -14.93
CA PHE R 5 21.35 1.46 -14.07
C PHE R 5 20.74 2.71 -13.45
N LYS R 6 20.19 2.57 -12.25
CA LYS R 6 19.65 3.71 -11.54
C LYS R 6 20.74 4.25 -10.63
N PHE R 7 21.12 5.50 -10.86
CA PHE R 7 22.14 6.12 -10.03
C PHE R 7 21.53 7.15 -9.12
N GMA R 8 21.16 6.73 -7.92
CA GMA R 8 20.64 7.65 -6.94
CD GMA R 8 21.66 8.77 -6.72
O1 GMA R 8 22.79 8.55 -6.24
CB GMA R 8 20.33 7.01 -5.59
CG GMA R 8 19.08 7.59 -4.96
C GMA R 8 17.94 6.56 -4.97
O GMA R 8 17.10 6.59 -4.02
OXT GMA R 8 17.90 5.73 -5.92
N2 GMA R 8 21.29 10.03 -7.10
CAA 5CR S 1 -12.33 -23.88 -16.61
CAL 5CR S 1 -11.08 -24.24 -15.84
OAB 5CR S 1 -11.05 -24.11 -14.66
N 5CR S 1 -9.92 -24.76 -16.52
CA 5CR S 1 -8.79 -25.09 -15.69
C 5CR S 1 -7.70 -24.03 -15.87
O 5CR S 1 -7.46 -23.55 -17.00
CB 5CR S 1 -8.23 -26.46 -16.04
CG 5CR S 1 -9.29 -27.53 -15.78
CD1 5CR S 1 -9.23 -28.72 -16.46
CE1 5CR S 1 -10.18 -29.70 -16.23
CZ 5CR S 1 -11.18 -29.48 -15.32
CE2 5CR S 1 -11.25 -28.28 -14.64
CD2 5CR S 1 -10.29 -27.31 -14.86
N LYS S 2 -7.05 -23.68 -14.77
CA LYS S 2 -5.96 -22.74 -14.84
C LYS S 2 -4.77 -23.30 -14.09
N PHE S 3 -3.57 -23.04 -14.61
CA PHE S 3 -2.35 -23.53 -13.98
C PHE S 3 -1.27 -22.48 -14.12
N GLU S 4 -0.63 -22.13 -13.01
CA GLU S 4 0.50 -21.23 -13.05
C GLU S 4 1.69 -21.91 -12.41
N PHE S 5 2.88 -21.56 -12.88
CA PHE S 5 4.11 -22.12 -12.33
C PHE S 5 5.16 -21.02 -12.35
N LYS S 6 5.26 -20.29 -11.26
CA LYS S 6 6.27 -19.25 -11.14
C LYS S 6 7.50 -19.87 -10.51
N PHE S 7 8.57 -19.99 -11.29
CA PHE S 7 9.80 -20.54 -10.79
C PHE S 7 10.77 -19.43 -10.45
N GMA S 8 10.73 -18.99 -9.20
CA GMA S 8 11.64 -17.96 -8.75
CD GMA S 8 13.07 -18.44 -8.98
O1 GMA S 8 13.57 -19.40 -8.35
CB GMA S 8 11.49 -17.60 -7.27
CG GMA S 8 11.84 -16.16 -7.00
C GMA S 8 10.59 -15.37 -6.59
O GMA S 8 10.73 -14.43 -5.77
OXT GMA S 8 9.49 -15.74 -7.08
N2 GMA S 8 13.82 -17.77 -9.91
CAA 5CR T 1 -31.23 0.04 -4.89
CAL 5CR T 1 -30.74 -1.10 -4.00
OAB 5CR T 1 -30.09 -0.87 -3.04
N 5CR T 1 -31.05 -2.47 -4.33
CA 5CR T 1 -30.54 -3.47 -3.42
C 5CR T 1 -29.31 -4.11 -4.01
O 5CR T 1 -29.25 -4.38 -5.24
CB 5CR T 1 -31.58 -4.54 -3.12
CG 5CR T 1 -32.75 -3.90 -2.39
CD1 5CR T 1 -33.98 -4.54 -2.41
CE1 5CR T 1 -35.06 -3.97 -1.75
CZ 5CR T 1 -34.90 -2.78 -1.08
CE2 5CR T 1 -33.67 -2.14 -1.07
CD2 5CR T 1 -32.60 -2.71 -1.72
N LYS T 2 -28.31 -4.36 -3.16
CA LYS T 2 -27.12 -5.05 -3.59
C LYS T 2 -26.82 -6.13 -2.58
N PHE T 3 -26.55 -7.34 -3.06
CA PHE T 3 -26.23 -8.47 -2.19
C PHE T 3 -24.91 -9.07 -2.62
N GLU T 4 -24.08 -9.40 -1.64
CA GLU T 4 -22.71 -9.84 -1.87
C GLU T 4 -22.52 -11.16 -1.16
N PHE T 5 -21.81 -12.09 -1.81
CA PHE T 5 -21.60 -13.40 -1.22
C PHE T 5 -20.24 -13.93 -1.67
N LYS T 6 -19.25 -13.81 -0.80
CA LYS T 6 -17.94 -14.40 -1.05
C LYS T 6 -17.85 -15.67 -0.21
N PHE T 7 -17.76 -16.81 -0.88
CA PHE T 7 -17.56 -18.07 -0.18
C PHE T 7 -16.12 -18.50 -0.34
N GMA T 8 -15.28 -18.08 0.59
CA GMA T 8 -13.89 -18.50 0.59
CD GMA T 8 -13.83 -20.02 0.62
O1 GMA T 8 -13.99 -20.68 1.67
CB GMA T 8 -13.08 -17.96 1.77
CG GMA T 8 -11.62 -17.80 1.42
C GMA T 8 -11.22 -16.31 1.40
O GMA T 8 -10.03 -16.02 1.71
OXT GMA T 8 -12.10 -15.47 1.07
N2 GMA T 8 -13.60 -20.65 -0.58
CAA 5CR U 1 2.79 27.10 5.01
CAL 5CR U 1 2.37 26.85 6.45
OAB 5CR U 1 3.14 26.43 7.24
N 5CR U 1 1.01 27.12 6.87
CA 5CR U 1 0.70 26.84 8.25
C 5CR U 1 -0.14 25.59 8.37
O 5CR U 1 -0.96 25.29 7.46
CB 5CR U 1 -0.04 28.01 8.88
CG 5CR U 1 0.86 29.25 8.91
CD1 5CR U 1 0.28 30.50 9.01
CE1 5CR U 1 1.08 31.63 9.03
CZ 5CR U 1 2.45 31.50 8.95
CE2 5CR U 1 3.02 30.26 8.84
CD2 5CR U 1 2.23 29.12 8.82
N LYS U 2 0.05 24.85 9.44
CA LYS U 2 -0.74 23.67 9.70
C LYS U 2 -1.18 23.68 11.15
N PHE U 3 -2.39 23.23 11.41
CA PHE U 3 -2.91 23.22 12.77
C PHE U 3 -3.73 21.97 12.99
N GLU U 4 -3.31 21.14 13.93
CA GLU U 4 -4.05 19.96 14.33
C GLU U 4 -4.78 20.24 15.63
N PHE U 5 -5.92 19.59 15.79
CA PHE U 5 -6.62 19.66 17.07
C PHE U 5 -7.30 18.30 17.25
N LYS U 6 -6.63 17.42 17.98
CA LYS U 6 -7.12 16.08 18.22
C LYS U 6 -7.72 16.05 19.62
N PHE U 7 -9.03 15.88 19.71
CA PHE U 7 -9.68 15.86 21.01
C PHE U 7 -10.14 14.47 21.35
N GMA U 8 -9.35 13.78 22.16
CA GMA U 8 -9.77 12.50 22.67
CD GMA U 8 -11.05 12.72 23.47
O1 GMA U 8 -11.04 13.19 24.63
CB GMA U 8 -8.75 11.80 23.56
CG GMA U 8 -8.70 10.32 23.30
C GMA U 8 -7.49 9.95 22.44
O GMA U 8 -6.89 8.85 22.65
OXT GMA U 8 -7.14 10.77 21.55
N2 GMA U 8 -12.23 12.41 22.84
CAA 5CR V 1 25.69 7.49 -7.35
CAL 5CR V 1 25.89 8.10 -5.97
OAB 5CR V 1 26.16 7.42 -5.05
N 5CR V 1 25.73 9.52 -5.78
CA 5CR V 1 25.94 10.02 -4.44
C 5CR V 1 24.61 10.44 -3.83
O 5CR V 1 23.74 11.01 -4.53
CB 5CR V 1 26.90 11.20 -4.43
CG 5CR V 1 28.27 10.79 -4.95
CD1 5CR V 1 29.12 11.74 -5.47
CE1 5CR V 1 30.36 11.39 -5.94
CZ 5CR V 1 30.76 10.07 -5.89
CE2 5CR V 1 29.92 9.11 -5.38
CD2 5CR V 1 28.66 9.47 -4.90
N LYS V 2 24.45 10.15 -2.55
CA LYS V 2 23.25 10.56 -1.85
C LYS V 2 23.63 11.29 -0.57
N PHE V 3 22.88 12.33 -0.24
CA PHE V 3 23.15 13.10 0.97
C PHE V 3 21.83 13.55 1.56
N GLU V 4 21.64 13.28 2.84
CA GLU V 4 20.47 13.75 3.56
C GLU V 4 20.92 14.42 4.83
N PHE V 5 20.19 15.45 5.25
CA PHE V 5 20.53 16.18 6.46
C PHE V 5 19.25 16.47 7.22
N LYS V 6 18.88 15.58 8.12
CA LYS V 6 17.69 15.77 8.93
C LYS V 6 18.08 16.63 10.12
N PHE V 7 17.45 17.80 10.24
CA PHE V 7 17.71 18.69 11.36
C PHE V 7 16.53 18.73 12.29
N GMA V 8 16.55 17.89 13.31
CA GMA V 8 15.51 17.93 14.30
CD GMA V 8 15.47 19.33 14.92
O1 GMA V 8 16.30 19.71 15.77
CB GMA V 8 15.67 16.92 15.43
CG GMA V 8 14.36 16.36 15.90
C GMA V 8 14.17 14.91 15.42
O GMA V 8 13.52 14.11 16.14
OXT GMA V 8 14.70 14.60 14.31
N2 GMA V 8 14.48 20.18 14.49
CAA 5CR W 1 13.53 -22.69 -8.82
CAL 5CR W 1 14.62 -22.38 -7.81
OAB 5CR W 1 14.48 -22.69 -6.68
N 5CR W 1 15.83 -21.71 -8.22
CA 5CR W 1 16.82 -21.47 -7.19
C 5CR W 1 16.92 -19.98 -6.92
O 5CR W 1 16.92 -19.15 -7.85
CB 5CR W 1 18.18 -22.00 -7.62
CG 5CR W 1 18.13 -23.49 -7.86
CD1 5CR W 1 18.99 -24.07 -8.77
CE1 5CR W 1 18.95 -25.43 -9.01
CZ 5CR W 1 18.04 -26.22 -8.33
CE2 5CR W 1 17.17 -25.64 -7.44
CD2 5CR W 1 17.21 -24.28 -7.20
N LYS W 2 17.00 -19.63 -5.64
CA LYS W 2 17.17 -18.24 -5.26
C LYS W 2 18.42 -18.10 -4.43
N PHE W 3 19.13 -16.99 -4.61
CA PHE W 3 20.32 -16.73 -3.84
C PHE W 3 20.41 -15.24 -3.54
N GLU W 4 20.60 -14.91 -2.28
CA GLU W 4 20.83 -13.53 -1.89
C GLU W 4 22.11 -13.45 -1.07
N PHE W 5 22.74 -12.29 -1.12
CA PHE W 5 23.99 -12.05 -0.41
C PHE W 5 24.00 -10.60 0.02
N LYS W 6 23.57 -10.34 1.24
CA LYS W 6 23.61 -9.00 1.79
C LYS W 6 24.92 -8.82 2.54
N PHE W 7 25.73 -7.89 2.10
CA PHE W 7 27.00 -7.63 2.76
C PHE W 7 26.94 -6.32 3.52
N GMA W 8 26.57 -6.40 4.78
CA GMA W 8 26.57 -5.22 5.62
CD GMA W 8 27.96 -4.60 5.61
O1 GMA W 8 28.96 -5.18 6.07
CB GMA W 8 26.18 -5.49 7.07
CG GMA W 8 25.33 -4.38 7.65
C GMA W 8 23.88 -4.86 7.87
O GMA W 8 23.24 -4.37 8.84
OXT GMA W 8 23.43 -5.71 7.07
N2 GMA W 8 28.08 -3.35 5.04
CAA 5CR X 1 -16.98 -21.68 2.89
CAL 5CR X 1 -15.90 -22.41 3.65
OAB 5CR X 1 -15.68 -22.16 4.78
N 5CR X 1 -15.11 -23.45 3.01
CA 5CR X 1 -14.11 -24.09 3.83
C 5CR X 1 -12.73 -23.60 3.43
O 5CR X 1 -12.45 -23.42 2.22
CB 5CR X 1 -14.18 -25.60 3.69
CG 5CR X 1 -15.54 -26.11 4.17
CD1 5CR X 1 -16.03 -27.30 3.70
CE1 5CR X 1 -17.25 -27.77 4.13
CZ 5CR X 1 -17.99 -27.04 5.04
CE2 5CR X 1 -17.50 -25.84 5.51
CD2 5CR X 1 -16.27 -25.38 5.09
N LYS X 2 -11.88 -23.40 4.41
CA LYS X 2 -10.52 -23.00 4.14
C LYS X 2 -9.57 -23.89 4.91
N PHE X 3 -8.43 -24.21 4.31
CA PHE X 3 -7.44 -25.06 4.96
C PHE X 3 -6.06 -24.56 4.59
N GLU X 4 -5.22 -24.36 5.59
CA GLU X 4 -3.82 -24.01 5.35
C GLU X 4 -2.93 -25.02 6.04
N PHE X 5 -1.77 -25.26 5.45
CA PHE X 5 -0.81 -26.19 6.03
C PHE X 5 0.58 -25.62 5.79
N LYS X 6 1.08 -24.84 6.73
CA LYS X 6 2.43 -24.30 6.63
C LYS X 6 3.37 -25.28 7.29
N PHE X 7 4.22 -25.92 6.49
CA PHE X 7 5.18 -26.86 7.02
C PHE X 7 6.54 -26.20 7.12
N GMA X 8 6.81 -25.61 8.28
CA GMA X 8 8.09 -24.99 8.51
CD GMA X 8 9.19 -26.04 8.31
O1 GMA X 8 9.33 -27.02 9.05
CB GMA X 8 8.26 -24.41 9.92
CG GMA X 8 9.17 -23.22 9.92
C GMA X 8 8.39 -21.94 10.27
O GMA X 8 8.97 -21.02 10.90
OXT GMA X 8 7.18 -21.88 9.89
N2 GMA X 8 10.02 -25.85 7.23
CAA 5CR Y 1 -23.56 9.16 11.37
CAL 5CR Y 1 -23.46 8.04 12.41
OAB 5CR Y 1 -22.67 8.11 13.28
N 5CR Y 1 -24.32 6.90 12.33
CA 5CR Y 1 -24.15 5.91 13.36
C 5CR Y 1 -23.34 4.74 12.83
O 5CR Y 1 -23.53 4.31 11.66
CB 5CR Y 1 -25.48 5.40 13.88
CG 5CR Y 1 -26.23 6.54 14.55
CD1 5CR Y 1 -27.59 6.47 14.71
CE1 5CR Y 1 -28.29 7.50 15.31
CZ 5CR Y 1 -27.60 8.61 15.76
CE2 5CR Y 1 -26.23 8.68 15.61
CD2 5CR Y 1 -25.55 7.65 15.01
N LYS Y 2 -22.45 4.24 13.65
CA LYS Y 2 -21.67 3.06 13.30
C LYS Y 2 -21.70 2.09 14.45
N PHE Y 3 -21.98 0.84 14.17
CA PHE Y 3 -22.04 -0.19 15.20
C PHE Y 3 -21.11 -1.34 14.81
N GLU Y 4 -20.39 -1.84 15.78
CA GLU Y 4 -19.33 -2.82 15.57
C GLU Y 4 -19.59 -4.00 16.48
N PHE Y 5 -19.39 -5.21 15.97
CA PHE Y 5 -19.63 -6.42 16.75
C PHE Y 5 -18.65 -7.51 16.34
N LYS Y 6 -17.60 -7.67 17.12
CA LYS Y 6 -16.67 -8.77 16.92
C LYS Y 6 -17.00 -9.86 17.94
N PHE Y 7 -17.44 -11.01 17.46
CA PHE Y 7 -17.66 -12.13 18.36
C PHE Y 7 -16.55 -13.13 18.21
N GMA Y 8 -15.50 -12.96 19.01
CA GMA Y 8 -14.41 -13.89 19.01
CD GMA Y 8 -14.93 -15.29 19.29
O1 GMA Y 8 -15.22 -15.69 20.44
CB GMA Y 8 -13.32 -13.58 20.04
CG GMA Y 8 -11.97 -14.07 19.61
C GMA Y 8 -11.01 -12.90 19.32
O GMA Y 8 -9.78 -13.07 19.52
OXT GMA Y 8 -11.52 -11.83 18.90
N2 GMA Y 8 -15.11 -16.12 18.21
CAA 5CR Z 1 -18.08 27.04 -9.08
CAL 5CR Z 1 -18.40 26.33 -7.77
OAB 5CR Z 1 -17.56 26.18 -6.96
N 5CR Z 1 -19.72 25.82 -7.52
CA 5CR Z 1 -19.91 25.17 -6.25
C 5CR Z 1 -20.03 23.67 -6.46
O 5CR Z 1 -20.55 23.21 -7.49
CB 5CR Z 1 -21.16 25.69 -5.56
CG 5CR Z 1 -21.01 27.16 -5.22
CD1 5CR Z 1 -22.12 27.93 -5.01
CE1 5CR Z 1 -22.00 29.27 -4.70
CZ 5CR Z 1 -20.75 29.84 -4.61
CE2 5CR Z 1 -19.62 29.07 -4.82
CD2 5CR Z 1 -19.75 27.73 -5.11
N LYS Z 2 -19.55 22.91 -5.48
CA LYS Z 2 -19.68 21.47 -5.53
C LYS Z 2 -20.11 20.96 -4.18
N PHE Z 3 -20.97 19.95 -4.16
CA PHE Z 3 -21.47 19.42 -2.91
C PHE Z 3 -21.57 17.91 -3.01
N GLU Z 4 -20.84 17.22 -2.15
CA GLU Z 4 -20.91 15.78 -2.05
C GLU Z 4 -21.75 15.40 -0.84
N PHE Z 5 -22.42 14.26 -0.93
CA PHE Z 5 -23.13 13.72 0.21
C PHE Z 5 -23.05 12.20 0.09
N LYS Z 6 -22.08 11.62 0.76
CA LYS Z 6 -21.85 10.19 0.71
C LYS Z 6 -22.41 9.60 1.99
N PHE Z 7 -23.47 8.81 1.86
CA PHE Z 7 -24.09 8.22 3.04
C PHE Z 7 -23.81 6.73 3.10
N GMA Z 8 -22.82 6.35 3.90
CA GMA Z 8 -22.58 4.95 4.13
CD GMA Z 8 -23.83 4.37 4.78
O1 GMA Z 8 -24.11 4.54 5.98
CB GMA Z 8 -21.39 4.66 5.05
CG GMA Z 8 -20.60 3.47 4.56
C GMA Z 8 -19.32 3.91 3.83
O GMA Z 8 -18.28 3.20 3.97
OXT GMA Z 8 -19.39 4.96 3.14
N2 GMA Z 8 -24.68 3.68 3.95
CAA 5CR AA 1 12.07 23.72 -20.97
CAL 5CR AA 1 11.88 24.06 -19.51
OAB 5CR AA 1 12.41 23.42 -18.67
N 5CR AA 1 11.03 25.16 -19.11
CA 5CR AA 1 10.90 25.41 -17.69
C 5CR AA 1 9.52 25.01 -17.23
O 5CR AA 1 8.50 25.23 -17.94
CB 5CR AA 1 11.15 26.88 -17.38
CG 5CR AA 1 12.57 27.29 -17.75
CD1 5CR AA 1 12.85 28.61 -17.99
CE1 5CR AA 1 14.14 28.99 -18.33
CZ 5CR AA 1 15.13 28.05 -18.43
CE2 5CR AA 1 14.85 26.72 -18.20
CD2 5CR AA 1 13.57 26.34 -17.85
N LYS AA 2 9.45 24.42 -16.05
CA LYS AA 2 8.18 24.06 -15.47
C LYS AA 2 8.09 24.60 -14.05
N PHE AA 3 6.91 25.06 -13.67
CA PHE AA 3 6.70 25.60 -12.34
C PHE AA 3 5.31 25.24 -11.87
N GLU AA 4 5.22 24.65 -10.69
CA GLU AA 4 3.94 24.35 -10.08
C GLU AA 4 3.94 24.89 -8.66
N PHE AA 5 2.78 25.32 -8.20
CA PHE AA 5 2.65 25.87 -6.85
C PHE AA 5 1.35 25.36 -6.24
N LYS AA 6 1.43 24.22 -5.56
CA LYS AA 6 0.27 23.66 -4.90
C LYS AA 6 0.12 24.34 -3.55
N PHE AA 7 -1.01 25.01 -3.35
CA PHE AA 7 -1.26 25.66 -2.08
C PHE AA 7 -2.37 24.95 -1.33
N GMA AA 8 -1.98 24.03 -0.46
CA GMA AA 8 -2.95 23.36 0.37
CD GMA AA 8 -3.69 24.42 1.20
O1 GMA AA 8 -3.21 24.97 2.20
CB GMA AA 8 -2.35 22.34 1.35
CG GMA AA 8 -3.24 21.15 1.53
C GMA AA 8 -2.65 19.92 0.80
O GMA AA 8 -2.86 18.77 1.30
OXT GMA AA 8 -2.00 20.13 -0.25
N2 GMA AA 8 -4.95 24.75 0.76
CAA 5CR BA 1 16.53 -7.57 -28.81
CAL 5CR BA 1 17.28 -7.00 -27.62
OAB 5CR BA 1 17.27 -7.56 -26.59
N 5CR BA 1 18.02 -5.76 -27.74
CA 5CR BA 1 18.71 -5.29 -26.57
C 5CR BA 1 18.04 -4.03 -26.05
O 5CR BA 1 17.68 -3.12 -26.84
CB 5CR BA 1 20.17 -5.01 -26.88
CG 5CR BA 1 20.88 -6.26 -27.36
CD1 5CR BA 1 21.95 -6.16 -28.21
CE1 5CR BA 1 22.60 -7.29 -28.65
CZ 5CR BA 1 22.17 -8.54 -28.26
CE2 5CR BA 1 21.09 -8.64 -27.41
CD2 5CR BA 1 20.44 -7.51 -26.95
N LYS BA 2 17.88 -3.96 -24.74
CA LYS BA 2 17.32 -2.77 -24.14
C LYS BA 2 18.30 -2.21 -23.12
N PHE BA 3 18.36 -0.90 -23.02
CA PHE BA 3 19.24 -0.25 -22.06
C PHE BA 3 18.57 1.00 -21.52
N GLU BA 4 18.52 1.11 -20.21
CA GLU BA 4 18.01 2.31 -19.58
C GLU BA 4 19.04 2.83 -18.59
N PHE BA 5 19.01 4.14 -18.37
CA PHE BA 5 19.96 4.79 -17.46
C PHE BA 5 19.21 5.95 -16.81
N LYS BA 6 18.66 5.71 -15.64
CA LYS BA 6 18.00 6.77 -14.89
C LYS BA 6 19.02 7.38 -13.94
N PHE BA 7 19.28 8.67 -14.12
CA PHE BA 7 20.23 9.35 -13.25
C PHE BA 7 19.49 10.29 -12.32
N GMA BA 8 19.15 9.79 -11.14
CA GMA BA 8 18.52 10.62 -10.15
CD GMA BA 8 19.42 11.82 -9.86
O1 GMA BA 8 20.56 11.70 -9.37
CB GMA BA 8 18.25 9.91 -8.82
CG GMA BA 8 16.94 10.34 -8.20
C GMA BA 8 15.91 9.19 -8.27
O GMA BA 8 15.06 9.11 -7.33
OXT GMA BA 8 15.98 8.41 -9.25
N2 GMA BA 8 18.94 13.06 -10.21
CAA 5CR CA 1 -10.98 -23.65 -21.54
CAL 5CR CA 1 -9.71 -23.92 -20.74
OAB 5CR CA 1 -9.72 -23.83 -19.57
N 5CR CA 1 -8.50 -24.30 -21.42
CA 5CR CA 1 -7.35 -24.54 -20.57
C 5CR CA 1 -6.37 -23.38 -20.70
O 5CR CA 1 -6.16 -22.84 -21.82
CB 5CR CA 1 -6.66 -25.84 -20.96
CG 5CR CA 1 -7.60 -27.01 -20.76
CD1 5CR CA 1 -7.41 -28.17 -21.48
CE1 5CR CA 1 -8.26 -29.24 -21.31
CZ 5CR CA 1 -9.31 -29.15 -20.40
CE2 5CR CA 1 -9.50 -27.99 -19.68
CD2 5CR CA 1 -8.64 -26.92 -19.85
N LYS CA 2 -5.78 -23.00 -19.59
CA LYS CA 2 -4.78 -21.95 -19.60
C LYS CA 2 -3.56 -22.42 -18.84
N PHE CA 3 -2.39 -22.03 -19.33
CA PHE CA 3 -1.14 -22.42 -18.68
C PHE CA 3 -0.16 -21.25 -18.77
N GLU CA 4 0.43 -20.89 -17.64
CA GLU CA 4 1.46 -19.88 -17.63
C GLU CA 4 2.71 -20.45 -16.98
N PHE CA 5 3.86 -19.99 -17.42
CA PHE CA 5 5.13 -20.44 -16.87
C PHE CA 5 6.07 -19.24 -16.82
N LYS CA 6 6.08 -18.53 -15.71
CA LYS CA 6 6.97 -17.40 -15.53
C LYS CA 6 8.26 -17.92 -14.91
N PHE CA 7 9.34 -17.90 -15.67
CA PHE CA 7 10.62 -18.35 -15.16
C PHE CA 7 11.45 -17.16 -14.76
N GMA CA 8 11.35 -16.77 -13.51
CA GMA CA 8 12.15 -15.68 -13.00
CD GMA CA 8 13.62 -16.00 -13.21
O1 GMA CA 8 14.19 -16.93 -12.61
CB GMA CA 8 11.94 -15.39 -11.51
CG GMA CA 8 12.14 -13.93 -11.18
C GMA CA 8 10.81 -13.29 -10.76
O GMA CA 8 10.84 -12.35 -9.92
OXT GMA CA 8 9.75 -13.74 -11.30
N2 GMA CA 8 14.30 -15.23 -14.11
CAA 5CR DA 1 -32.36 -2.16 -9.38
CAL 5CR DA 1 -31.77 -3.28 -8.52
OAB 5CR DA 1 -31.16 -3.02 -7.54
N 5CR DA 1 -31.94 -4.65 -8.90
CA 5CR DA 1 -31.35 -5.63 -8.02
C 5CR DA 1 -30.05 -6.12 -8.61
O 5CR DA 1 -29.94 -6.34 -9.84
CB 5CR DA 1 -32.29 -6.80 -7.79
CG 5CR DA 1 -33.53 -6.32 -7.05
CD1 5CR DA 1 -34.68 -7.06 -7.11
CE1 5CR DA 1 -35.82 -6.64 -6.45
CZ 5CR DA 1 -35.80 -5.46 -5.74
CE2 5CR DA 1 -34.64 -4.70 -5.69
CD2 5CR DA 1 -33.50 -5.14 -6.34
N LYS DA 2 -29.05 -6.31 -7.75
CA LYS DA 2 -27.79 -6.87 -8.18
C LYS DA 2 -27.39 -7.95 -7.20
N PHE DA 3 -26.99 -9.10 -7.71
CA PHE DA 3 -26.59 -10.21 -6.88
C PHE DA 3 -25.20 -10.67 -7.30
N GLU DA 4 -24.36 -10.96 -6.32
CA GLU DA 4 -22.96 -11.24 -6.54
C GLU DA 4 -22.63 -12.57 -5.87
N PHE DA 5 -21.84 -13.40 -6.54
CA PHE DA 5 -21.50 -14.71 -5.99
C PHE DA 5 -20.09 -15.08 -6.41
N LYS DA 6 -19.12 -14.88 -5.53
CA LYS DA 6 -17.76 -15.35 -5.77
C LYS DA 6 -17.56 -16.62 -4.98
N PHE DA 7 -17.35 -17.73 -5.69
CA PHE DA 7 -17.03 -18.97 -5.02
C PHE DA 7 -15.56 -19.27 -5.16
N GMA DA 8 -14.78 -18.79 -4.20
CA GMA DA 8 -13.37 -19.07 -4.20
CD GMA DA 8 -13.14 -20.57 -4.21
O1 GMA DA 8 -13.25 -21.29 -3.19
CB GMA DA 8 -12.62 -18.50 -2.99
CG GMA DA 8 -11.18 -18.18 -3.29
C GMA DA 8 -10.92 -16.66 -3.25
O GMA DA 8 -9.78 -16.26 -2.91
OXT GMA DA 8 -11.88 -15.91 -3.57
N2 GMA DA 8 -12.83 -21.14 -5.42
CAA 5CR EA 1 7.15 26.11 7.33
CAL 5CR EA 1 6.74 25.97 8.80
OAB 5CR EA 1 7.48 25.50 9.59
N 5CR EA 1 5.44 26.39 9.23
CA 5CR EA 1 5.13 26.22 10.63
C 5CR EA 1 4.16 25.07 10.80
O 5CR EA 1 3.29 24.82 9.94
CB 5CR EA 1 4.55 27.49 11.22
CG 5CR EA 1 5.56 28.62 11.17
CD1 5CR EA 1 5.13 29.94 11.22
CE1 5CR EA 1 6.04 30.96 11.18
CZ 5CR EA 1 7.39 30.69 11.07
CE2 5CR EA 1 7.82 29.38 11.02
CD2 5CR EA 1 6.91 28.35 11.07
N LYS EA 2 4.30 24.37 11.92
CA LYS EA 2 3.38 23.30 12.24
C LYS EA 2 2.99 23.40 13.69
N PHE EA 3 1.74 23.10 14.00
CA PHE EA 3 1.26 23.21 15.37
C PHE EA 3 0.31 22.06 15.66
N GLU EA 4 0.67 21.24 16.63
CA GLU EA 4 -0.18 20.16 17.09
C GLU EA 4 -0.85 20.58 18.39
N PHE EA 5 -2.04 20.06 18.61
CA PHE EA 5 -2.71 20.25 19.89
C PHE EA 5 -3.52 18.99 20.15
N LYS EA 6 -2.94 18.08 20.90
CA LYS EA 6 -3.57 16.81 21.21
C LYS EA 6 -4.12 16.89 22.62
N PHE EA 7 -5.45 16.87 22.74
CA PHE EA 7 -6.06 16.98 24.05
C PHE EA 7 -6.66 15.66 24.48
N GMA EA 8 -5.93 14.92 25.29
CA GMA EA 8 -6.48 13.72 25.86
CD GMA EA 8 -7.70 14.12 26.69
O1 GMA EA 8 -7.62 14.63 27.83
CB GMA EA 8 -5.51 12.96 26.77
CG GMA EA 8 -5.63 11.47 26.58
C GMA EA 8 -4.48 10.93 25.71
O GMA EA 8 -4.01 9.79 25.96
OXT GMA EA 8 -4.08 11.67 24.77
N2 GMA EA 8 -8.93 13.92 26.10
CAA 5CR FA 1 27.49 3.62 -4.60
CAL 5CR FA 1 27.78 4.26 -3.25
OAB 5CR FA 1 28.01 3.60 -2.30
N 5CR FA 1 27.79 5.70 -3.12
CA 5CR FA 1 28.08 6.23 -1.80
C 5CR FA 1 26.82 6.81 -1.19
O 5CR FA 1 26.00 7.46 -1.89
CB 5CR FA 1 29.16 7.30 -1.87
CG 5CR FA 1 30.46 6.72 -2.40
CD1 5CR FA 1 31.40 7.55 -2.98
CE1 5CR FA 1 32.59 7.04 -3.46
CZ 5CR FA 1 32.84 5.69 -3.36
CE2 5CR FA 1 31.91 4.85 -2.79
CD2 5CR FA 1 30.72 5.37 -2.30
N LYS FA 2 26.65 6.60 0.10
CA LYS FA 2 25.53 7.17 0.81
C LYS FA 2 26.02 7.90 2.04
N PHE FA 3 25.40 9.03 2.35
CA PHE FA 3 25.77 9.81 3.51
C PHE FA 3 24.52 10.44 4.11
N GLU FA 4 24.34 10.23 5.40
CA GLU FA 4 23.25 10.86 6.12
C GLU FA 4 23.80 11.54 7.36
N PHE FA 5 23.20 12.64 7.75
CA PHE FA 5 23.65 13.39 8.92
C PHE FA 5 22.42 13.86 9.68
N LYS FA 6 21.97 13.04 10.62
CA LYS FA 6 20.83 13.40 11.45
C LYS FA 6 21.34 14.27 12.59
N PHE FA 7 20.85 15.50 12.67
CA PHE FA 7 21.23 16.39 13.75
C PHE FA 7 20.08 16.61 14.70
N GMA FA 8 20.03 15.82 15.76
CA GMA FA 8 19.03 16.01 16.77
CD GMA FA 8 19.16 17.42 17.32
O1 GMA FA 8 20.05 17.75 18.13
CB GMA FA 8 19.11 15.03 17.94
CG GMA FA 8 17.75 14.65 18.45
C GMA FA 8 17.41 13.20 18.04
O GMA FA 8 16.69 12.51 18.81
OXT GMA FA 8 17.86 12.79 16.94
N2 GMA FA 8 18.26 18.35 16.86
CAA 5CR GA 1 12.10 -25.08 -4.48
CAL 5CR GA 1 13.24 -24.86 -3.51
OAB 5CR GA 1 13.11 -25.10 -2.36
N 5CR GA 1 14.52 -24.35 -3.97
CA 5CR GA 1 15.55 -24.16 -2.98
C 5CR GA 1 15.81 -22.69 -2.78
O 5CR GA 1 15.88 -21.90 -3.75
CB 5CR GA 1 16.83 -24.85 -3.41
CG 5CR GA 1 16.61 -26.34 -3.59
CD1 5CR GA 1 17.38 -27.05 -4.48
CE1 5CR GA 1 17.19 -28.40 -4.65
CZ 5CR GA 1 16.21 -29.06 -3.94
CE2 5CR GA 1 15.43 -28.36 -3.04
CD2 5CR GA 1 15.63 -27.01 -2.86
N LYS GA 2 15.95 -22.29 -1.52
CA LYS GA 2 16.29 -20.91 -1.21
C LYS GA 2 17.57 -20.88 -0.40
N PHE GA 3 18.38 -19.85 -0.64
CA PHE GA 3 19.63 -19.69 0.09
C PHE GA 3 19.88 -18.22 0.32
N GLU GA 4 20.14 -17.86 1.56
CA GLU GA 4 20.52 -16.50 1.89
C GLU GA 4 21.82 -16.52 2.67
N PHE GA 5 22.57 -15.43 2.56
CA PHE GA 5 23.86 -15.31 3.23
C PHE GA 5 24.03 -13.84 3.60
N LYS GA 6 23.67 -13.49 4.82
CA LYS GA 6 23.86 -12.14 5.30
C LYS GA 6 25.20 -12.08 6.02
N PHE GA 7 26.11 -11.26 5.52
CA PHE GA 7 27.41 -11.12 6.15
C PHE GA 7 27.50 -9.78 6.84
N GMA GA 8 27.16 -9.76 8.12
CA GMA GA 8 27.30 -8.56 8.90
CD GMA GA 8 28.76 -8.09 8.83
O1 GMA GA 8 29.70 -8.76 9.29
CB GMA GA 8 26.93 -8.72 10.37
CG GMA GA 8 26.22 -7.50 10.91
C GMA GA 8 24.74 -7.80 11.18
O GMA GA 8 24.17 -7.20 12.14
OXT GMA GA 8 24.16 -8.63 10.43
N2 GMA GA 8 28.99 -6.89 8.21
CAA 5CR HA 1 -17.83 -20.26 7.77
CAL 5CR HA 1 -16.81 -21.08 8.54
OAB 5CR HA 1 -16.53 -20.79 9.66
N 5CR HA 1 -16.16 -22.22 7.94
CA 5CR HA 1 -15.21 -22.94 8.76
C 5CR HA 1 -13.80 -22.61 8.31
O 5CR HA 1 -13.52 -22.51 7.09
CB 5CR HA 1 -15.45 -24.43 8.69
CG 5CR HA 1 -16.84 -24.77 9.22
CD1 5CR HA 1 -17.47 -25.92 8.81
CE1 5CR HA 1 -18.72 -26.23 9.28
CZ 5CR HA 1 -19.35 -25.39 10.17
CE2 5CR HA 1 -18.71 -24.23 10.59
CD2 5CR HA 1 -17.46 -23.92 10.12
N LYS HA 2 -12.90 -22.46 9.27
CA LYS HA 2 -11.51 -22.22 8.95
C LYS HA 2 -10.65 -23.18 9.74
N PHE HA 3 -9.56 -23.66 9.13
CA PHE HA 3 -8.66 -24.57 9.80
C PHE HA 3 -7.23 -24.25 9.38
N GLU HA 4 -6.36 -24.09 10.35
CA GLU HA 4 -4.94 -23.90 10.07
C GLU HA 4 -4.14 -24.98 10.78
N PHE HA 5 -3.03 -25.37 10.19
CA PHE HA 5 -2.15 -26.38 10.79
C PHE HA 5 -0.72 -25.97 10.49
N LYS HA 6 -0.12 -25.22 11.39
CA LYS HA 6 1.27 -24.82 11.24
C LYS HA 6 2.12 -25.88 11.93
N PHE HA 7 2.88 -26.64 11.13
CA PHE HA 7 3.75 -27.65 11.69
C PHE HA 7 5.17 -27.14 11.74
N GMA HA 8 5.54 -26.53 12.86
CA GMA HA 8 6.88 -26.05 13.04
CD GMA HA 8 7.85 -27.21 12.86
O1 GMA HA 8 7.90 -28.18 13.64
CB GMA HA 8 7.15 -25.44 14.41
CG GMA HA 8 8.18 -24.35 14.35
C GMA HA 8 7.55 -22.98 14.65
O GMA HA 8 8.24 -22.11 15.23
OXT GMA HA 8 6.35 -22.81 14.29
N2 GMA HA 8 8.68 -27.17 11.75
CAA 5CR IA 1 -20.81 11.44 15.01
CAL 5CR IA 1 -20.81 10.37 16.09
OAB 5CR IA 1 -20.00 10.39 16.94
N 5CR IA 1 -21.79 9.31 16.08
CA 5CR IA 1 -21.69 8.35 17.16
C 5CR IA 1 -21.03 7.09 16.65
O 5CR IA 1 -21.30 6.63 15.52
CB 5CR IA 1 -23.08 8.02 17.72
CG 5CR IA 1 -23.67 9.26 18.35
CD1 5CR IA 1 -25.04 9.34 18.54
CE1 5CR IA 1 -25.59 10.47 19.11
CZ 5CR IA 1 -24.78 11.52 19.50
CE2 5CR IA 1 -23.42 11.44 19.31
CD2 5CR IA 1 -22.86 10.31 18.75
N LYS IA 2 -20.18 6.52 17.49
CA LYS IA 2 -19.55 5.26 17.17
C LYS IA 2 -19.66 4.34 18.36
N PHE IA 3 -20.08 3.12 18.14
CA PHE IA 3 -20.23 2.14 19.21
C PHE IA 3 -19.44 0.89 18.85
N GLU IA 4 -18.74 0.35 19.84
CA GLU IA 4 -17.80 -0.74 19.65
C GLU IA 4 -18.17 -1.86 20.62
N PHE IA 5 -18.11 -3.10 20.15
CA PHE IA 5 -18.47 -4.24 20.99
C PHE IA 5 -17.61 -5.43 20.61
N LYS IA 6 -16.58 -5.69 21.38
CA LYS IA 6 -15.77 -6.89 21.21
C LYS IA 6 -16.18 -7.89 22.27
N PHE IA 7 -16.76 -9.00 21.87
CA PHE IA 7 -17.09 -10.05 22.82
C PHE IA 7 -16.08 -11.17 22.69
N GMA IA 8 -15.01 -11.09 23.46
CA GMA IA 8 -14.02 -12.13 23.48
CD GMA IA 8 -14.70 -13.46 23.84
O1 GMA IA 8 -14.99 -13.77 25.00
CB GMA IA 8 -12.88 -11.91 24.47
CG GMA IA 8 -11.60 -12.56 24.04
C GMA IA 8 -10.53 -11.50 23.67
O GMA IA 8 -9.32 -11.80 23.87
OXT GMA IA 8 -10.94 -10.40 23.22
N2 GMA IA 8 -14.98 -14.30 22.79
CAA 5CR JA 1 -21.81 26.30 -12.68
CAL 5CR JA 1 -22.07 25.52 -11.40
OAB 5CR JA 1 -21.23 25.43 -10.58
N 5CR JA 1 -23.34 24.89 -11.19
CA 5CR JA 1 -23.50 24.17 -9.93
C 5CR JA 1 -23.46 22.67 -10.20
O 5CR JA 1 -23.93 22.19 -11.26
CB 5CR JA 1 -24.80 24.55 -9.25
CG 5CR JA 1 -24.79 26.02 -8.87
CD1 5CR JA 1 -25.98 26.67 -8.65
CE1 5CR JA 1 -25.98 28.01 -8.30
CZ 5CR JA 1 -24.79 28.69 -8.17
CE2 5CR JA 1 -23.59 28.04 -8.39
CD2 5CR JA 1 -23.59 26.70 -8.73
N LYS JA 2 -22.94 21.93 -9.24
CA LYS JA 2 -22.91 20.49 -9.33
C LYS JA 2 -23.33 19.91 -8.00
N PHE JA 3 -24.07 18.82 -8.03
CA PHE JA 3 -24.53 18.20 -6.80
C PHE JA 3 -24.50 16.69 -6.94
N GLU JA 4 -23.71 16.05 -6.10
CA GLU JA 4 -23.65 14.59 -6.04
C GLU JA 4 -24.47 14.11 -4.86
N PHE JA 5 -25.02 12.92 -5.00
CA PHE JA 5 -25.70 12.27 -3.88
C PHE JA 5 -25.47 10.78 -4.05
N LYS JA 6 -24.45 10.27 -3.38
CA LYS JA 6 -24.09 8.86 -3.46
C LYS JA 6 -24.61 8.18 -2.22
N PHE JA 7 -25.58 7.30 -2.39
CA PHE JA 7 -26.15 6.61 -1.23
C PHE JA 7 -25.74 5.17 -1.21
N GMA JA 8 -24.73 4.85 -0.42
CA GMA JA 8 -24.37 3.48 -0.21
CD GMA JA 8 -25.57 2.76 0.39
O1 GMA JA 8 -25.88 2.86 1.59
CB GMA JA 8 -23.16 3.27 0.70
CG GMA JA 8 -22.26 2.18 0.21
C GMA JA 8 -21.01 2.77 -0.49
O GMA JA 8 -19.91 2.16 -0.36
OXT GMA JA 8 -21.17 3.82 -1.16
N2 GMA JA 8 -26.33 2.02 -0.47
CAA 5CR KA 1 8.69 26.25 -24.14
CAL 5CR KA 1 8.44 26.51 -22.66
OAB 5CR KA 1 9.03 25.90 -21.83
N 5CR KA 1 7.50 27.52 -22.26
CA 5CR KA 1 7.32 27.72 -20.83
C 5CR KA 1 5.97 27.16 -20.40
O 5CR KA 1 4.95 27.31 -21.12
CB 5CR KA 1 7.41 29.19 -20.47
CG 5CR KA 1 8.80 29.74 -20.80
CD1 5CR KA 1 8.96 31.09 -21.00
CE1 5CR KA 1 10.20 31.61 -21.31
CZ 5CR KA 1 11.29 30.77 -21.42
CE2 5CR KA 1 11.12 29.41 -21.23
CD2 5CR KA 1 9.88 28.89 -20.92
N LYS KA 2 5.95 26.53 -19.24
CA LYS KA 2 4.70 26.04 -18.69
C LYS KA 2 4.55 26.52 -17.27
N PHE KA 3 3.32 26.86 -16.89
CA PHE KA 3 3.04 27.33 -15.54
C PHE KA 3 1.68 26.82 -15.11
N GLU KA 4 1.63 26.20 -13.95
CA GLU KA 4 0.37 25.76 -13.38
C GLU KA 4 0.30 26.24 -11.94
N PHE KA 5 -0.89 26.55 -11.49
CA PHE KA 5 -1.09 27.05 -10.12
C PHE KA 5 -2.35 26.38 -9.56
N LYS KA 6 -2.16 25.24 -8.91
CA LYS KA 6 -3.29 24.55 -8.29
C LYS KA 6 -3.51 25.17 -6.92
N PHE KA 7 -4.70 25.72 -6.71
CA PHE KA 7 -5.04 26.31 -5.43
C PHE KA 7 -6.07 25.47 -4.72
N GMA KA 8 -5.62 24.57 -3.87
CA GMA KA 8 -6.53 23.78 -3.08
CD GMA KA 8 -7.38 24.73 -2.25
O1 GMA KA 8 -6.96 25.30 -1.22
CB GMA KA 8 -5.85 22.80 -2.12
CG GMA KA 8 -6.63 21.51 -1.99
C GMA KA 8 -5.91 20.37 -2.75
O GMA KA 8 -6.01 19.20 -2.29
OXT GMA KA 8 -5.27 20.68 -3.78
N2 GMA KA 8 -8.66 24.97 -2.69
CAA 5CR LA 1 16.24 -4.22 -32.83
CAL 5CR LA 1 16.92 -3.61 -31.61
OAB 5CR LA 1 16.95 -4.20 -30.60
N 5CR LA 1 17.54 -2.31 -31.69
CA 5CR LA 1 18.16 -1.81 -30.49
C 5CR LA 1 17.37 -0.64 -29.95
O 5CR LA 1 16.93 0.25 -30.71
CB 5CR LA 1 19.59 -1.37 -30.76
CG 5CR LA 1 20.42 -2.55 -31.27
CD1 5CR LA 1 21.50 -2.31 -32.09
CE1 5CR LA 1 22.26 -3.36 -32.56
CZ 5CR LA 1 21.94 -4.66 -32.20
CE2 5CR LA 1 20.86 -4.90 -31.37
CD2 5CR LA 1 20.10 -3.84 -30.91
N LYS LA 2 17.18 -0.62 -28.64
CA LYS LA 2 16.51 0.49 -28.00
C LYS LA 2 17.41 1.10 -26.95
N PHE LA 3 17.35 2.42 -26.81
CA PHE LA 3 18.15 3.12 -25.82
C PHE LA 3 17.36 4.28 -25.26
N GLU LA 4 17.26 4.34 -23.94
CA GLU LA 4 16.63 5.47 -23.28
C GLU LA 4 17.60 6.05 -22.26
N PHE LA 5 17.44 7.34 -21.99
CA PHE LA 5 18.31 8.05 -21.06
C PHE LA 5 17.45 9.12 -20.39
N LYS LA 6 16.90 8.78 -19.23
CA LYS LA 6 16.13 9.75 -18.47
C LYS LA 6 17.07 10.43 -17.48
N PHE LA 7 17.21 11.74 -17.61
CA PHE LA 7 18.07 12.48 -16.71
C PHE LA 7 17.24 13.31 -15.76
N GMA LA 8 16.93 12.75 -14.61
CA GMA LA 8 16.21 13.48 -13.60
CD GMA LA 8 16.99 14.75 -13.27
O1 GMA LA 8 18.12 14.73 -12.75
CB GMA LA 8 15.99 12.71 -12.30
CG GMA LA 8 14.63 12.99 -11.69
C GMA LA 8 13.72 11.76 -11.81
O GMA LA 8 12.87 11.56 -10.90
OXT GMA LA 8 13.87 11.01 -12.81
N2 GMA LA 8 16.39 15.95 -13.58
CAA 5CR MA 1 -9.70 -23.06 -26.53
CAL 5CR MA 1 -8.43 -23.24 -25.72
OAB 5CR MA 1 -8.46 -23.18 -24.54
N 5CR MA 1 -7.17 -23.47 -26.38
CA 5CR MA 1 -6.02 -23.63 -25.53
C 5CR MA 1 -5.16 -22.38 -25.60
O 5CR MA 1 -4.98 -21.79 -26.69
CB 5CR MA 1 -5.20 -24.84 -25.94
CG 5CR MA 1 -6.03 -26.11 -25.79
CD1 5CR MA 1 -5.72 -27.22 -26.54
CE1 5CR MA 1 -6.46 -28.38 -26.42
CZ 5CR MA 1 -7.52 -28.42 -25.53
CE2 5CR MA 1 -7.84 -27.31 -24.78
CD2 5CR MA 1 -7.08 -26.16 -24.90
N LYS MA 2 -4.62 -21.98 -24.46
CA LYS MA 2 -3.73 -20.85 -24.42
C LYS MA 2 -2.47 -21.22 -23.66
N PHE MA 3 -1.33 -20.71 -24.11
CA PHE MA 3 -0.07 -20.99 -23.47
C PHE MA 3 0.79 -19.73 -23.50
N GLU MA 4 1.32 -19.35 -22.35
CA GLU MA 4 2.27 -18.24 -22.28
C GLU MA 4 3.55 -18.72 -21.64
N PHE MA 5 4.66 -18.13 -22.05
CA PHE MA 5 5.95 -18.48 -21.48
C PHE MA 5 6.77 -17.19 -21.38
N LYS MA 6 6.69 -16.53 -20.25
CA LYS MA 6 7.48 -15.33 -20.01
C LYS MA 6 8.79 -15.75 -19.38
N PHE MA 7 9.88 -15.60 -20.13
CA PHE MA 7 11.19 -15.94 -19.61
C PHE MA 7 11.90 -14.68 -19.17
N GMA MA 8 11.74 -14.35 -17.90
CA GMA MA 8 12.43 -13.20 -17.35
CD GMA MA 8 13.93 -13.38 -17.54
O1 GMA MA 8 14.58 -14.27 -16.96
CB GMA MA 8 12.17 -12.98 -15.86
CG GMA MA 8 12.22 -11.52 -15.49
C GMA MA 8 10.83 -11.02 -15.07
O GMA MA 8 10.76 -10.11 -14.19
OXT GMA MA 8 9.83 -11.55 -15.64
N2 GMA MA 8 14.55 -12.51 -18.41
CAA 5CR NA 1 -33.22 -4.10 -14.11
CAL 5CR NA 1 -32.54 -5.18 -13.28
OAB 5CR NA 1 -31.97 -4.90 -12.28
N 5CR NA 1 -32.57 -6.56 -13.70
CA 5CR NA 1 -31.90 -7.50 -12.84
C 5CR NA 1 -30.55 -7.86 -13.41
O 5CR NA 1 -30.40 -8.02 -14.65
CB 5CR NA 1 -32.72 -8.77 -12.64
CG 5CR NA 1 -34.02 -8.43 -11.93
CD1 5CR NA 1 -35.10 -9.28 -12.03
CE1 5CR NA 1 -36.27 -8.99 -11.38
CZ 5CR NA 1 -36.38 -7.82 -10.63
CE2 5CR NA 1 -35.30 -6.98 -10.53
CD2 5CR NA 1 -34.11 -7.27 -11.18
N LYS NA 2 -29.55 -7.96 -12.55
CA LYS NA 2 -28.23 -8.39 -12.96
C LYS NA 2 -27.75 -9.45 -12.01
N PHE NA 3 -27.24 -10.55 -12.55
CA PHE NA 3 -26.73 -11.64 -11.75
C PHE NA 3 -25.31 -11.95 -12.16
N GLU NA 4 -24.46 -12.19 -11.17
CA GLU NA 4 -23.04 -12.34 -11.37
C GLU NA 4 -22.60 -13.65 -10.74
N PHE NA 5 -21.71 -14.37 -11.41
CA PHE NA 5 -21.25 -15.67 -10.89
C PHE NA 5 -19.80 -15.89 -11.31
N LYS NA 6 -18.89 -15.63 -10.41
CA LYS NA 6 -17.48 -15.95 -10.63
C LYS NA 6 -17.16 -17.23 -9.88
N PHE NA 7 -16.84 -18.28 -10.61
CA PHE NA 7 -16.42 -19.51 -9.98
C PHE NA 7 -14.92 -19.66 -10.10
N GMA NA 8 -14.20 -19.15 -9.12
CA GMA NA 8 -12.76 -19.28 -9.10
CD GMA NA 8 -12.40 -20.75 -9.16
O1 GMA NA 8 -12.45 -21.51 -8.16
CB GMA NA 8 -12.10 -18.68 -7.85
CG GMA NA 8 -10.69 -18.22 -8.13
C GMA NA 8 -10.58 -16.69 -8.04
O GMA NA 8 -9.48 -16.19 -7.67
OXT GMA NA 8 -11.60 -16.01 -8.35
N2 GMA NA 8 -12.02 -21.25 -10.38
CAA 5CR OA 1 11.50 24.88 10.05
CAL 5CR OA 1 11.11 24.85 11.52
OAB 5CR OA 1 11.82 24.34 12.32
N 5CR OA 1 9.88 25.45 11.96
CA 5CR OA 1 9.60 25.37 13.37
C 5CR OA 1 8.50 24.35 13.63
O 5CR OA 1 7.58 24.17 12.80
CB 5CR OA 1 9.18 26.73 13.93
CG 5CR OA 1 10.32 27.73 13.79
CD1 5CR OA 1 10.04 29.08 13.80
CE1 5CR OA 1 11.07 29.99 13.69
CZ 5CR OA 1 12.38 29.55 13.56
CE2 5CR OA 1 12.65 28.20 13.56
CD2 5CR OA 1 11.62 27.29 13.67
N LYS OA 2 8.58 23.69 14.77
CA LYS OA 2 7.56 22.74 15.15
C LYS OA 2 7.23 22.96 16.61
N PHE OA 3 5.95 22.82 16.97
CA PHE OA 3 5.53 23.03 18.34
C PHE OA 3 4.46 22.02 18.69
N GLU OA 4 4.75 21.21 19.69
CA GLU OA 4 3.78 20.26 20.22
C GLU OA 4 3.21 20.81 21.52
N PHE OA 5 1.97 20.45 21.79
CA PHE OA 5 1.36 20.77 23.07
C PHE OA 5 0.42 19.63 23.41
N LYS OA 6 0.90 18.69 24.18
CA LYS OA 6 0.14 17.51 24.56
C LYS OA 6 -0.36 17.72 25.97
N PHE OA 7 -1.67 17.86 26.13
CA PHE OA 7 -2.24 18.09 27.45
C PHE OA 7 -2.97 16.88 27.94
N GMA OA 8 -2.32 16.10 28.78
CA GMA OA 8 -2.98 14.99 29.41
CD GMA OA 8 -4.12 15.56 30.24
O1 GMA OA 8 -3.95 16.11 31.36
CB GMA OA 8 -2.09 14.15 30.33
CG GMA OA 8 -2.39 12.68 30.21
C GMA OA 8 -1.34 11.97 29.33
O GMA OA 8 -1.00 10.80 29.63
OXT GMA OA 8 -0.87 12.63 28.36
N2 GMA OA 8 -5.38 15.48 29.70
CAA 5CR PA 1 28.70 -0.34 -1.31
CAL 5CR PA 1 29.11 0.32 0.00
OAB 5CR PA 1 29.28 -0.34 0.97
N 5CR PA 1 29.29 1.74 0.07
CA 5CR PA 1 29.68 2.29 1.34
C 5CR PA 1 28.52 3.04 1.96
O 5CR PA 1 27.76 3.74 1.25
CB 5CR PA 1 30.87 3.22 1.20
CG 5CR PA 1 32.08 2.46 0.68
CD1 5CR PA 1 33.09 3.16 0.04
CE1 5CR PA 1 34.20 2.49 -0.44
CZ 5CR PA 1 34.30 1.12 -0.29
CE2 5CR PA 1 33.29 0.42 0.34
CD2 5CR PA 1 32.18 1.09 0.83
N LYS PA 2 28.36 2.91 3.26
CA LYS PA 2 27.32 3.63 3.97
C LYS PA 2 27.93 4.35 5.16
N PHE PA 3 27.46 5.56 5.42
CA PHE PA 3 27.95 6.34 6.54
C PHE PA 3 26.81 7.12 7.15
N GLU PA 4 26.63 7.01 8.45
CA GLU PA 4 25.64 7.79 9.16
C GLU PA 4 26.30 8.44 10.35
N PHE PA 5 25.84 9.64 10.70
CA PHE PA 5 26.42 10.37 11.83
C PHE PA 5 25.26 11.01 12.60
N LYS PA 6 24.76 10.30 13.58
CA LYS PA 6 23.69 10.82 14.42
C LYS PA 6 24.33 11.67 15.52
N PHE PA 7 23.99 12.95 15.55
CA PHE PA 7 24.50 13.84 16.58
C PHE PA 7 23.41 14.22 17.54
N GMA PA 8 23.30 13.49 18.64
CA GMA PA 8 22.35 13.85 19.66
CD GMA PA 8 22.67 15.25 20.15
O1 GMA PA 8 23.61 15.52 20.92
CB GMA PA 8 22.36 12.91 20.87
CG GMA PA 8 20.97 12.71 21.44
C GMA PA 8 20.44 11.31 21.09
O GMA PA 8 19.68 10.73 21.91
OXT GMA PA 8 20.82 10.79 20.00
N2 GMA PA 8 21.87 16.27 19.67
CAA 5CR QA 1 10.05 -26.99 0.43
CAL 5CR QA 1 11.24 -26.86 1.36
OAB 5CR QA 1 11.11 -27.04 2.53
N 5CR QA 1 12.55 -26.52 0.85
CA 5CR QA 1 13.62 -26.42 1.81
C 5CR QA 1 14.06 -24.98 1.95
O 5CR QA 1 14.20 -24.25 0.94
CB 5CR QA 1 14.81 -27.28 1.39
CG 5CR QA 1 14.39 -28.74 1.28
CD1 5CR QA 1 15.06 -29.57 0.40
CE1 5CR QA 1 14.71 -30.90 0.29
CZ 5CR QA 1 13.68 -31.40 1.07
CE2 5CR QA 1 13.02 -30.57 1.95
CD2 5CR QA 1 13.38 -29.24 2.05
N LYS QA 2 14.28 -24.55 3.18
CA LYS QA 2 14.79 -23.22 3.43
C LYS QA 2 16.09 -23.30 4.20
N PHE QA 3 17.01 -22.39 3.89
CA PHE QA 3 18.28 -22.35 4.58
C PHE QA 3 18.71 -20.90 4.75
N GLU QA 4 19.04 -20.52 5.97
CA GLU QA 4 19.60 -19.21 6.22
C GLU QA 4 20.90 -19.35 6.98
N PHE QA 5 21.78 -18.37 6.80
CA PHE QA 5 23.09 -18.37 7.44
C PHE QA 5 23.45 -16.92 7.73
N LYS QA 6 23.16 -16.48 8.95
CA LYS QA 6 23.52 -15.13 9.37
C LYS QA 6 24.87 -15.21 10.05
N PHE QA 7 25.86 -14.52 9.49
CA PHE QA 7 27.18 -14.51 10.07
C PHE QA 7 27.46 -13.17 10.71
N GMA QA 8 27.16 -13.05 11.99
CA GMA QA 8 27.46 -11.84 12.72
CD GMA QA 8 28.95 -11.56 12.59
O1 GMA QA 8 29.82 -12.31 13.06
CB GMA QA 8 27.10 -11.90 14.21
CG GMA QA 8 26.57 -10.58 14.71
C GMA QA 8 25.06 -10.70 15.02
O GMA QA 8 24.60 -9.99 15.96
OXT GMA QA 8 24.38 -11.49 14.32
N2 GMA QA 8 29.31 -10.42 11.92
CAA 5CR RA 1 -18.75 -18.13 13.12
CAL 5CR RA 1 -17.81 -19.03 13.90
OAB 5CR RA 1 -17.49 -18.74 15.00
N 5CR RA 1 -17.32 -20.26 13.34
CA 5CR RA 1 -16.44 -21.04 14.17
C 5CR RA 1 -15.02 -20.92 13.67
O 5CR RA 1 -14.76 -20.91 12.44
CB 5CR RA 1 -16.86 -22.51 14.17
CG 5CR RA 1 -18.26 -22.65 14.75
CD1 5CR RA 1 -19.03 -23.74 14.40
CE1 5CR RA 1 -20.30 -23.89 14.92
CZ 5CR RA 1 -20.81 -22.93 15.78
CE2 5CR RA 1 -20.03 -21.85 16.14
CD2 5CR RA 1 -18.76 -21.71 15.62
N LYS RA 2 -14.08 -20.84 14.60
CA LYS RA 2 -12.69 -20.78 14.24
C LYS RA 2 -11.92 -21.79 15.06
N PHE RA 3 -10.92 -22.42 14.45
CA PHE RA 3 -10.11 -23.41 15.13
C PHE RA 3 -8.67 -23.28 14.67
N GLU RA 4 -7.74 -23.19 15.61
CA GLU RA 4 -6.33 -23.18 15.29
C GLU RA 4 -5.65 -24.31 16.04
N PHE RA 5 -4.60 -24.86 15.43
CA PHE RA 5 -3.84 -25.93 16.05
C PHE RA 5 -2.37 -25.71 15.71
N LYS RA 6 -1.66 -24.99 16.56
CA LYS RA 6 -0.23 -24.78 16.36
C LYS RA 6 0.51 -25.90 17.08
N PHE RA 7 1.14 -26.77 16.30
CA PHE RA 7 1.90 -27.86 16.88
C PHE RA 7 3.37 -27.52 16.88
N GMA RA 8 3.84 -26.92 17.96
CA GMA RA 8 5.23 -26.59 18.08
CD GMA RA 8 6.06 -27.87 17.94
O1 GMA RA 8 6.01 -28.80 18.76
CB GMA RA 8 5.60 -25.96 19.43
CG GMA RA 8 6.76 -25.01 19.29
C GMA RA 8 6.30 -23.55 19.54
O GMA RA 8 7.11 -22.75 20.08
OXT GMA RA 8 5.12 -23.26 19.20
N2 GMA RA 8 6.85 -27.97 16.82
CAA 5CR SA 1 -17.78 13.97 18.99
CAL 5CR SA 1 -17.88 12.95 20.11
OAB 5CR SA 1 -17.05 12.91 20.95
N 5CR SA 1 -18.97 12.03 20.17
CA 5CR SA 1 -18.96 11.11 21.29
C 5CR SA 1 -18.46 9.75 20.83
O 5CR SA 1 -18.82 9.28 19.72
CB 5CR SA 1 -20.35 10.97 21.90
CG 5CR SA 1 -20.79 12.30 22.49
CD1 5CR SA 1 -22.12 12.55 22.70
CE1 5CR SA 1 -22.53 13.76 23.23
CZ 5CR SA 1 -21.59 14.71 23.56
CE2 5CR SA 1 -20.25 14.46 23.35
CD2 5CR SA 1 -19.84 13.26 22.82
N LYS SA 2 -17.67 9.12 21.67
CA LYS SA 2 -17.20 7.78 21.40
C LYS SA 2 -17.37 6.95 22.63
N PHE SA 3 -17.95 5.76 22.48
CA PHE SA 3 -18.18 4.86 23.59
C PHE SA 3 -17.55 3.51 23.27
N GLU SA 4 -16.90 2.93 24.27
CA GLU SA 4 -16.11 1.73 24.10
C GLU SA 4 -16.57 0.70 25.13
N PHE SA 5 -16.67 -0.55 24.72
CA PHE SA 5 -17.14 -1.60 25.62
C PHE SA 5 -16.44 -2.91 25.27
N LYS SA 6 -15.42 -3.26 26.02
CA LYS SA 6 -14.77 -4.55 25.89
C LYS SA 6 -15.27 -5.44 27.01
N PHE SA 7 -15.98 -6.50 26.66
CA PHE SA 7 -16.40 -7.46 27.66
C PHE SA 7 -15.55 -8.70 27.57
N GMA SA 8 -14.45 -8.71 28.31
CA GMA SA 8 -13.59 -9.86 28.35
CD GMA SA 8 -14.40 -11.08 28.79
O1 GMA SA 8 -14.70 -11.30 29.97
CB GMA SA 8 -12.40 -9.72 29.31
CG GMA SA 8 -11.22 -10.55 28.87
C GMA SA 8 -10.05 -9.64 28.45
O GMA SA 8 -8.87 -10.07 28.62
OXT GMA SA 8 -10.33 -8.52 27.95
N2 GMA SA 8 -14.81 -11.92 27.79
CAA 5CR TA 1 -26.19 24.79 -15.45
CAL 5CR TA 1 -26.39 23.91 -14.22
OAB 5CR TA 1 -25.56 23.88 -13.38
N 5CR TA 1 -27.57 23.12 -14.07
CA 5CR TA 1 -27.67 22.32 -12.87
C 5CR TA 1 -27.44 20.86 -13.20
O 5CR TA 1 -27.82 20.38 -14.30
CB 5CR TA 1 -29.03 22.50 -12.20
CG 5CR TA 1 -29.20 23.94 -11.74
CD1 5CR TA 1 -30.47 24.43 -11.53
CE1 5CR TA 1 -30.65 25.73 -11.12
CZ 5CR TA 1 -29.55 26.55 -10.91
CE2 5CR TA 1 -28.28 26.06 -11.13
CD2 5CR TA 1 -28.10 24.74 -11.54
N LYS TA 2 -26.85 20.13 -12.27
CA LYS TA 2 -26.65 18.71 -12.43
C LYS TA 2 -27.02 18.01 -11.15
N PHE TA 3 -27.63 16.84 -11.26
CA PHE TA 3 -28.04 16.10 -10.07
C PHE TA 3 -27.81 14.63 -10.30
N GLU TA 4 -26.97 14.03 -9.46
CA GLU TA 4 -26.74 12.59 -9.48
C GLU TA 4 -27.51 11.95 -8.35
N PHE TA 5 -27.91 10.70 -8.57
CA PHE TA 5 -28.53 9.93 -7.50
C PHE TA 5 -28.12 8.49 -7.74
N LYS TA 6 -27.06 8.06 -7.07
CA LYS TA 6 -26.53 6.72 -7.22
C LYS TA 6 -26.99 5.92 -6.02
N PHE TA 7 -27.84 4.93 -6.26
CA PHE TA 7 -28.35 4.12 -5.17
C PHE TA 7 -27.77 2.73 -5.21
N GMA TA 8 -26.75 2.50 -4.40
CA GMA TA 8 -26.21 1.18 -4.26
CD GMA TA 8 -27.33 0.29 -3.72
O1 GMA TA 8 -27.68 0.27 -2.53
CB GMA TA 8 -25.02 1.07 -3.32
CG GMA TA 8 -23.97 0.12 -3.84
C GMA TA 8 -22.80 0.89 -4.47
O GMA TA 8 -21.63 0.41 -4.34
OXT GMA TA 8 -23.07 1.96 -5.08
N2 GMA TA 8 -27.97 -0.50 -4.65
CAA 5CR UA 1 4.35 29.07 -25.97
CAL 5CR UA 1 4.03 29.22 -24.49
OAB 5CR UA 1 4.66 28.65 -23.69
N 5CR UA 1 2.96 30.08 -24.06
CA 5CR UA 1 2.72 30.18 -22.64
C 5CR UA 1 1.45 29.45 -22.28
O 5CR UA 1 0.43 29.51 -23.02
CB 5CR UA 1 2.63 31.63 -22.19
CG 5CR UA 1 3.94 32.35 -22.46
CD1 5CR UA 1 3.94 33.73 -22.58
CE1 5CR UA 1 5.12 34.41 -22.83
CZ 5CR UA 1 6.30 33.72 -22.95
CE2 5CR UA 1 6.30 32.34 -22.83
CD2 5CR UA 1 5.12 31.66 -22.59
N LYS UA 2 1.46 28.76 -21.15
CA LYS UA 2 0.28 28.08 -20.67
C LYS UA 2 0.04 28.46 -19.22
N PHE UA 3 -1.23 28.63 -18.87
CA PHE UA 3 -1.59 28.99 -17.50
C PHE UA 3 -2.89 28.29 -17.14
N GLU UA 4 -2.88 27.60 -16.02
CA GLU UA 4 -4.10 26.98 -15.50
C GLU UA 4 -4.26 27.38 -14.05
N PHE UA 5 -5.50 27.51 -13.61
CA PHE UA 5 -5.79 27.90 -12.23
C PHE UA 5 -6.96 27.06 -11.74
N LYS UA 6 -6.66 25.92 -11.15
CA LYS UA 6 -7.70 25.07 -10.60
C LYS UA 6 -8.04 25.58 -9.21
N PHE UA 7 -9.29 25.96 -9.01
CA PHE UA 7 -9.72 26.44 -7.70
C PHE UA 7 -10.67 25.44 -7.08
N GMA UA 8 -10.12 24.55 -6.26
CA GMA UA 8 -10.95 23.62 -5.53
CD GMA UA 8 -11.94 24.42 -4.67
O1 GMA UA 8 -11.61 24.97 -3.61
CB GMA UA 8 -10.18 22.67 -4.61
CG GMA UA 8 -10.80 21.30 -4.57
C GMA UA 8 -9.93 20.30 -5.36
O GMA UA 8 -9.90 19.09 -4.96
OXT GMA UA 8 -9.30 20.73 -6.36
N2 GMA UA 8 -13.22 24.52 -5.15
CAA 5CR VA 1 15.78 0.28 -36.00
CAL 5CR VA 1 16.35 0.90 -34.74
OAB 5CR VA 1 16.42 0.25 -33.75
N 5CR VA 1 16.80 2.27 -34.73
CA 5CR VA 1 17.34 2.77 -33.48
C 5CR VA 1 16.39 3.81 -32.90
O 5CR VA 1 15.87 4.68 -33.63
CB 5CR VA 1 18.71 3.38 -33.69
CG 5CR VA 1 19.69 2.35 -34.22
CD1 5CR VA 1 20.75 2.76 -35.01
CE1 5CR VA 1 21.64 1.84 -35.51
CZ 5CR VA 1 21.47 0.50 -35.22
CE2 5CR VA 1 20.41 0.09 -34.45
CD2 5CR VA 1 19.52 1.01 -33.95
N LYS VA 2 16.16 3.73 -31.60
CA LYS VA 2 15.35 4.71 -30.93
C LYS VA 2 16.15 5.38 -29.82
N PHE VA 3 15.92 6.66 -29.61
CA PHE VA 3 16.61 7.39 -28.57
C PHE VA 3 15.66 8.40 -27.97
N GLU VA 4 15.54 8.39 -26.65
CA GLU VA 4 14.76 9.40 -25.96
C GLU VA 4 15.62 10.04 -24.87
N PHE VA 5 15.30 11.28 -24.56
CA PHE VA 5 16.04 12.04 -23.55
C PHE VA 5 15.05 12.96 -22.85
N LYS VA 6 14.52 12.50 -21.73
CA LYS VA 6 13.62 13.32 -20.94
C LYS VA 6 14.44 14.05 -19.90
N PHE VA 7 14.43 15.37 -19.95
CA PHE VA 7 15.17 16.17 -18.99
C PHE VA 7 14.22 16.84 -18.03
N GMA VA 8 13.95 16.18 -16.91
CA GMA VA 8 13.12 16.75 -15.89
CD GMA VA 8 13.73 18.09 -15.46
O1 GMA VA 8 14.85 18.18 -14.92
CB GMA VA 8 12.97 15.89 -14.64
CG GMA VA 8 11.58 15.97 -14.06
C GMA VA 8 10.83 14.65 -14.26
O GMA VA 8 9.98 14.29 -13.38
OXT GMA VA 8 11.09 13.99 -15.30
N2 GMA VA 8 13.00 19.23 -15.74
CAA 5CR WA 1 -7.79 -21.90 -31.46
CAL 5CR WA 1 -6.52 -21.97 -30.62
OAB 5CR WA 1 -6.58 -21.97 -29.45
N 5CR WA 1 -5.23 -22.01 -31.26
CA 5CR WA 1 -4.08 -22.07 -30.38
C 5CR WA 1 -3.38 -20.73 -30.37
O 5CR WA 1 -3.26 -20.05 -31.41
CB 5CR WA 1 -3.11 -23.16 -30.83
CG 5CR WA 1 -3.79 -24.52 -30.76
CD1 5CR WA 1 -3.32 -25.54 -31.56
CE1 5CR WA 1 -3.93 -26.78 -31.53
CZ 5CR WA 1 -4.99 -27.00 -30.68
CE2 5CR WA 1 -5.46 -25.97 -29.87
CD2 5CR WA 1 -4.85 -24.74 -29.91
N LYS WA 2 -2.92 -20.33 -29.19
CA LYS WA 2 -2.18 -19.10 -29.07
C LYS WA 2 -0.90 -19.36 -28.29
N PHE WA 3 0.17 -18.68 -28.68
CA PHE WA 3 1.45 -18.84 -28.01
C PHE WA 3 2.15 -17.50 -27.95
N GLU WA 4 2.60 -17.11 -26.76
CA GLU WA 4 3.39 -15.91 -26.62
C GLU WA 4 4.71 -16.26 -25.96
N PHE WA 5 5.75 -15.52 -26.30
CA PHE WA 5 7.07 -15.73 -25.72
C PHE WA 5 7.72 -14.37 -25.53
N LYS WA 6 7.53 -13.78 -24.37
CA LYS WA 6 8.15 -12.51 -24.05
C LYS WA 6 9.50 -12.79 -23.40
N PHE WA 7 10.58 -12.47 -24.10
CA PHE WA 7 11.91 -12.68 -23.56
C PHE WA 7 12.45 -11.38 -23.04
N GMA WA 8 12.21 -11.13 -21.76
CA GMA WA 8 12.74 -9.95 -21.13
CD GMA WA 8 14.26 -9.93 -21.28
O1 GMA WA 8 15.00 -10.76 -20.73
CB GMA WA 8 12.42 -9.83 -19.63
CG GMA WA 8 12.29 -8.40 -19.19
C GMA WA 8 10.84 -8.10 -18.79
O GMA WA 8 10.64 -7.26 -17.87
OXT GMA WA 8 9.93 -8.71 -19.41
N2 GMA WA 8 14.79 -8.94 -22.09
CAA 5CR XA 1 -33.74 -6.65 -18.77
CAL 5CR XA 1 -32.95 -7.68 -17.99
OAB 5CR XA 1 -32.45 -7.39 -16.96
N 5CR XA 1 -32.81 -9.03 -18.48
CA 5CR XA 1 -32.04 -9.93 -17.65
C 5CR XA 1 -30.64 -10.08 -18.21
O 5CR XA 1 -30.44 -10.17 -19.44
CB 5CR XA 1 -32.70 -11.30 -17.56
CG 5CR XA 1 -34.05 -11.15 -16.85
CD1 5CR XA 1 -35.01 -12.13 -17.03
CE1 5CR XA 1 -36.23 -12.01 -16.41
CZ 5CR XA 1 -36.49 -10.92 -15.60
CE2 5CR XA 1 -35.54 -9.95 -15.43
CD2 5CR XA 1 -34.30 -10.07 -16.05
N LYS XA 2 -29.66 -10.12 -17.31
CA LYS XA 2 -28.30 -10.36 -17.72
C LYS XA 2 -27.70 -11.41 -16.80
N PHE XA 3 -27.05 -12.40 -17.38
CA PHE XA 3 -26.43 -13.47 -16.63
C PHE XA 3 -24.97 -13.58 -17.01
N GLU XA 4 -24.13 -13.76 -16.01
CA GLU XA 4 -22.69 -13.72 -16.17
C GLU XA 4 -22.11 -15.00 -15.60
N PHE XA 5 -21.12 -15.58 -16.28
CA PHE XA 5 -20.51 -16.83 -15.81
C PHE XA 5 -19.05 -16.86 -16.21
N LYS XA 6 -18.18 -16.54 -15.26
CA LYS XA 6 -16.75 -16.66 -15.46
C LYS XA 6 -16.30 -17.94 -14.77
N PHE XA 7 -15.83 -18.90 -15.54
CA PHE XA 7 -15.26 -20.10 -14.96
C PHE XA 7 -13.76 -20.07 -15.05
N GMA XA 8 -13.14 -19.51 -14.02
CA GMA XA 8 -11.70 -19.48 -13.96
CD GMA XA 8 -11.15 -20.90 -14.07
O1 GMA XA 8 -11.14 -21.71 -13.13
CB GMA XA 8 -11.14 -18.87 -12.67
CG GMA XA 8 -9.80 -18.23 -12.87
C GMA XA 8 -9.88 -16.70 -12.71
O GMA XA 8 -8.85 -16.09 -12.28
OXT GMA XA 8 -10.96 -16.14 -13.02
N2 GMA XA 8 -10.69 -21.27 -15.32
CAA 5CR YA 1 -13.35 36.31 7.40
CAL 5CR YA 1 -13.89 34.89 7.39
OAB 5CR YA 1 -13.42 34.09 6.66
N 5CR YA 1 -14.97 34.53 8.31
CA 5CR YA 1 -15.52 33.19 8.36
C 5CR YA 1 -16.64 33.14 9.39
O 5CR YA 1 -16.66 33.96 10.35
CB 5CR YA 1 -14.45 32.18 8.74
CG 5CR YA 1 -14.88 30.74 8.47
CD1 5CR YA 1 -14.48 30.13 7.31
CE1 5CR YA 1 -14.86 28.82 7.07
CZ 5CR YA 1 -15.64 28.13 7.98
CE2 5CR YA 1 -16.04 28.73 9.14
CD2 5CR YA 1 -15.65 30.03 9.39
N LYS YA 2 -17.55 32.20 9.21
CA LYS YA 2 -18.47 31.84 10.27
C LYS YA 2 -18.93 30.42 10.04
N PHE YA 3 -19.49 29.79 11.07
CA PHE YA 3 -19.91 28.41 10.98
C PHE YA 3 -21.14 28.23 11.84
N GLU YA 4 -21.90 27.19 11.55
CA GLU YA 4 -23.03 26.80 12.36
C GLU YA 4 -23.23 25.31 12.19
N PHE YA 5 -23.83 24.68 13.19
CA PHE YA 5 -23.98 23.24 13.18
C PHE YA 5 -25.02 22.84 14.21
N LYS YA 6 -25.87 21.90 13.81
CA LYS YA 6 -26.67 21.16 14.78
C LYS YA 6 -26.76 19.73 14.30
N PHE YA 7 -26.57 18.80 15.22
CA PHE YA 7 -26.75 17.39 14.90
C PHE YA 7 -28.02 16.90 15.55
N GMA YA 8 -28.21 15.58 15.51
CA GMA YA 8 -29.36 14.96 16.12
CD GMA YA 8 -29.23 13.43 16.11
O1 GMA YA 8 -28.29 12.83 15.56
CB GMA YA 8 -30.69 15.31 15.45
CG GMA YA 8 -31.63 15.94 16.43
C GMA YA 8 -32.49 14.87 17.15
O GMA YA 8 -31.89 13.95 17.77
OXT GMA YA 8 -33.74 14.97 17.06
N2 GMA YA 8 -30.22 12.71 16.75
CAA 5CR ZA 1 -27.64 15.07 19.34
CAL 5CR ZA 1 -26.86 16.25 19.90
OAB 5CR ZA 1 -27.26 16.84 20.85
N 5CR ZA 1 -25.62 16.67 19.28
CA 5CR ZA 1 -24.92 17.80 19.86
C 5CR ZA 1 -25.06 19.03 18.99
O 5CR ZA 1 -25.97 19.12 18.12
CB 5CR ZA 1 -23.45 17.46 20.07
CG 5CR ZA 1 -22.75 17.09 18.77
CD1 5CR ZA 1 -22.83 15.79 18.28
CE1 5CR ZA 1 -22.19 15.46 17.11
CZ 5CR ZA 1 -21.46 16.42 16.42
CE2 5CR ZA 1 -21.38 17.71 16.91
CD2 5CR ZA 1 -22.02 18.04 18.08
N LYS ZA 2 -24.16 19.99 19.20
CA LYS ZA 2 -24.17 21.23 18.47
C LYS ZA 2 -22.74 21.69 18.35
N PHE ZA 3 -22.43 22.51 17.35
CA PHE ZA 3 -21.07 22.95 17.16
C PHE ZA 3 -21.09 24.34 16.56
N GLU ZA 4 -19.95 25.03 16.69
CA GLU ZA 4 -19.75 26.31 16.03
C GLU ZA 4 -18.26 26.48 15.80
N PHE ZA 5 -17.93 27.35 14.84
CA PHE ZA 5 -16.54 27.73 14.61
C PHE ZA 5 -16.54 29.14 14.05
N LYS ZA 6 -15.39 29.81 14.19
CA LYS ZA 6 -15.21 31.11 13.57
C LYS ZA 6 -13.72 31.38 13.41
N PHE ZA 7 -13.33 31.79 12.21
CA PHE ZA 7 -11.94 32.08 11.92
C PHE ZA 7 -11.82 33.56 11.56
N GMA ZA 8 -10.60 34.09 11.60
CA GMA ZA 8 -10.35 35.42 11.09
CD GMA ZA 8 -8.95 35.53 10.49
O1 GMA ZA 8 -7.91 35.25 11.12
CB GMA ZA 8 -10.47 36.51 12.16
CG GMA ZA 8 -9.72 37.76 11.78
C GMA ZA 8 -10.68 38.91 11.41
O GMA ZA 8 -10.21 40.08 11.35
OXT GMA ZA 8 -11.88 38.61 11.20
N2 GMA ZA 8 -8.85 35.97 9.18
CAA 5CR AB 1 27.99 25.80 -10.19
CAL 5CR AB 1 26.60 25.83 -9.59
OAB 5CR AB 1 25.82 24.99 -9.88
N 5CR AB 1 26.24 26.91 -8.67
CA 5CR AB 1 24.92 26.99 -8.06
C 5CR AB 1 24.85 28.22 -7.18
O 5CR AB 1 25.90 28.73 -6.70
CB 5CR AB 1 24.63 25.75 -7.21
CG 5CR AB 1 23.16 25.65 -6.83
CD1 5CR AB 1 22.33 24.87 -7.61
CE1 5CR AB 1 21.00 24.75 -7.26
CZ 5CR AB 1 20.50 25.41 -6.14
CE2 5CR AB 1 21.32 26.17 -5.37
CD2 5CR AB 1 22.67 26.28 -5.71
N LYS AB 2 23.64 28.71 -6.94
CA LYS AB 2 23.40 29.67 -5.87
C LYS AB 2 21.95 29.58 -5.47
N PHE AB 3 21.63 30.12 -4.30
CA PHE AB 3 20.28 30.05 -3.77
C PHE AB 3 20.01 31.33 -3.01
N GLU AB 4 18.74 31.61 -2.80
CA GLU AB 4 18.31 32.70 -1.95
C GLU AB 4 16.91 32.38 -1.46
N PHE AB 5 16.57 32.90 -0.28
CA PHE AB 5 15.30 32.54 0.31
C PHE AB 5 14.90 33.59 1.33
N LYS AB 6 13.62 33.92 1.36
CA LYS AB 6 13.06 34.62 2.49
C LYS AB 6 11.65 34.11 2.71
N PHE AB 7 11.29 33.91 3.97
CA PHE AB 7 9.93 33.52 4.29
C PHE AB 7 9.26 34.63 5.07
N GMA AB 8 8.08 34.34 5.59
CA GMA AB 8 7.34 35.29 6.39
CD GMA AB 8 6.12 34.62 7.04
O1 GMA AB 8 5.80 33.44 6.84
CB GMA AB 8 6.83 36.49 5.59
CG GMA AB 8 7.30 37.78 6.20
C GMA AB 8 6.27 38.33 7.22
O GMA AB 8 5.92 37.59 8.18
OXT GMA AB 8 5.82 39.50 7.02
N2 GMA AB 8 5.36 35.40 7.89
CAA 5CR BB 1 9.39 34.38 9.24
CAL 5CR BB 1 10.91 34.20 9.29
OAB 5CR BB 1 11.57 34.89 9.98
N 5CR BB 1 11.54 33.17 8.51
CA 5CR BB 1 12.99 33.04 8.60
C 5CR BB 1 13.64 33.40 7.29
O 5CR BB 1 13.08 34.19 6.48
CB 5CR BB 1 13.37 31.62 9.00
CG 5CR BB 1 12.75 30.56 8.09
CD1 5CR BB 1 11.47 30.10 8.34
CE1 5CR BB 1 10.92 29.14 7.51
CZ 5CR BB 1 11.64 28.65 6.44
CE2 5CR BB 1 12.92 29.11 6.20
CD2 5CR BB 1 13.47 30.06 7.02
N LYS BB 2 14.81 32.85 7.05
CA LYS BB 2 15.59 33.14 5.87
C LYS BB 2 16.49 31.96 5.62
N PHE BB 3 16.95 31.78 4.39
CA PHE BB 3 17.78 30.63 4.08
C PHE BB 3 18.69 30.97 2.91
N GLU BB 4 19.77 30.20 2.79
CA GLU BB 4 20.64 30.28 1.64
C GLU BB 4 21.28 28.92 1.43
N PHE BB 5 21.72 28.68 0.21
CA PHE BB 5 22.48 27.47 -0.11
C PHE BB 5 23.44 27.80 -1.23
N LYS BB 6 24.49 26.99 -1.35
CA LYS BB 6 25.42 27.10 -2.46
C LYS BB 6 26.14 25.77 -2.65
N PHE BB 7 26.16 25.28 -3.88
CA PHE BB 7 26.86 24.05 -4.18
C PHE BB 7 27.95 24.32 -5.21
N GMA BB 8 28.89 23.39 -5.34
CA GMA BB 8 29.88 23.47 -6.39
CD GMA BB 8 30.25 22.08 -6.93
O1 GMA BB 8 30.68 21.16 -6.21
CB GMA BB 8 31.19 24.15 -5.95
CG GMA BB 8 32.32 23.82 -6.88
C GMA BB 8 32.83 25.10 -7.59
O GMA BB 8 33.98 25.07 -8.10
OXT GMA BB 8 32.06 26.10 -7.61
N2 GMA BB 8 30.10 21.86 -8.27
CAA 5CR CB 1 28.73 -19.34 -19.26
CAL 5CR CB 1 28.40 -17.91 -18.84
OAB 5CR CB 1 27.26 -17.56 -18.81
N 5CR CB 1 29.48 -17.01 -18.48
CA 5CR CB 1 29.24 -15.64 -18.06
C 5CR CB 1 30.56 -14.95 -17.74
O 5CR CB 1 31.54 -15.61 -17.32
CB 5CR CB 1 28.36 -15.61 -16.81
CG 5CR CB 1 27.85 -14.19 -16.47
CD1 5CR CB 1 26.57 -13.85 -16.83
CE1 5CR CB 1 26.10 -12.59 -16.52
CZ 5CR CB 1 26.90 -11.67 -15.86
CE2 5CR CB 1 28.18 -12.02 -15.50
CD2 5CR CB 1 28.64 -13.29 -15.80
N LYS CB 2 30.60 -13.64 -17.93
CA LYS CB 2 31.64 -12.83 -17.35
C LYS CB 2 31.08 -11.47 -17.03
N PHE CB 3 31.65 -10.83 -16.01
CA PHE CB 3 31.27 -9.49 -15.63
C PHE CB 3 32.55 -8.68 -15.50
N GLU CB 4 32.41 -7.36 -15.60
CA GLU CB 4 33.51 -6.47 -15.33
C GLU CB 4 32.93 -5.14 -14.87
N PHE CB 5 33.72 -4.37 -14.15
CA PHE CB 5 33.21 -3.18 -13.51
C PHE CB 5 34.38 -2.27 -13.18
N LYS CB 6 34.14 -0.97 -13.26
CA LYS CB 6 34.98 -0.01 -12.56
C LYS CB 6 34.18 1.22 -12.24
N PHE CB 7 34.09 1.57 -10.97
CA PHE CB 7 33.42 2.79 -10.58
C PHE CB 7 34.45 3.88 -10.44
N GMA CB 8 34.01 5.02 -9.93
CA GMA CB 8 34.88 6.16 -9.69
CD GMA CB 8 34.17 7.26 -8.92
O1 GMA CB 8 32.99 7.17 -8.52
CB GMA CB 8 35.43 6.78 -10.97
CG GMA CB 8 36.94 6.74 -10.99
C GMA CB 8 37.54 8.02 -10.36
O GMA CB 8 37.07 8.42 -9.26
OXT GMA CB 8 38.47 8.59 -11.00
N2 GMA CB 8 34.86 8.42 -8.67
CAA 5CR DB 1 36.02 4.71 -6.57
CAL 5CR DB 1 36.47 3.27 -6.39
OAB 5CR DB 1 37.60 3.02 -6.15
N 5CR DB 1 35.52 2.19 -6.51
CA 5CR DB 1 35.99 0.84 -6.31
C 5CR DB 1 36.04 0.09 -7.64
O 5CR DB 1 36.15 0.71 -8.73
CB 5CR DB 1 35.11 0.10 -5.32
CG 5CR DB 1 33.63 0.11 -5.73
CD1 5CR DB 1 32.83 1.18 -5.41
CE1 5CR DB 1 31.50 1.19 -5.78
CZ 5CR DB 1 30.97 0.12 -6.47
CE2 5CR DB 1 31.77 -0.96 -6.80
CD2 5CR DB 1 33.10 -0.96 -6.43
N LYS DB 2 35.95 -1.23 -7.55
CA LYS DB 2 36.02 -2.08 -8.72
C LYS DB 2 35.32 -3.38 -8.37
N PHE DB 3 34.83 -4.09 -9.37
CA PHE DB 3 34.09 -5.30 -9.08
C PHE DB 3 34.25 -6.26 -10.25
N GLU DB 4 34.03 -7.55 -9.97
CA GLU DB 4 33.98 -8.56 -10.99
C GLU DB 4 33.02 -9.64 -10.54
N PHE DB 5 32.49 -10.39 -11.51
CA PHE DB 5 31.68 -11.55 -11.20
C PHE DB 5 31.87 -12.57 -12.30
N LYS DB 6 31.58 -13.83 -12.00
CA LYS DB 6 31.56 -14.87 -13.02
C LYS DB 6 30.64 -15.98 -12.55
N PHE DB 7 29.84 -16.51 -13.48
CA PHE DB 7 28.95 -17.61 -13.18
C PHE DB 7 29.23 -18.75 -14.16
N GMA DB 8 28.77 -19.94 -13.83
CA GMA DB 8 28.82 -21.04 -14.76
CD GMA DB 8 27.62 -22.00 -14.56
O1 GMA DB 8 27.36 -22.54 -13.47
CB GMA DB 8 30.10 -21.88 -14.65
CG GMA DB 8 29.91 -23.26 -15.22
C GMA DB 8 30.88 -23.53 -16.38
O GMA DB 8 31.06 -24.72 -16.75
OXT GMA DB 8 31.44 -22.53 -16.92
N2 GMA DB 8 26.83 -22.25 -15.66
CAA 5CR EB 1 -12.30 -36.77 -7.26
CAL 5CR EB 1 -11.06 -35.94 -7.55
OAB 5CR EB 1 -11.18 -34.77 -7.74
N 5CR EB 1 -9.76 -36.58 -7.58
CA 5CR EB 1 -8.54 -35.85 -7.84
C 5CR EB 1 -7.36 -36.82 -7.84
O 5CR EB 1 -7.43 -37.88 -7.19
CB 5CR EB 1 -8.30 -34.77 -6.79
CG 5CR EB 1 -7.18 -33.81 -7.17
CD1 5CR EB 1 -7.49 -32.61 -7.76
CE1 5CR EB 1 -6.48 -31.73 -8.10
CZ 5CR EB 1 -5.16 -32.05 -7.85
CE2 5CR EB 1 -4.84 -33.25 -7.27
CD2 5CR EB 1 -5.85 -34.12 -6.91
N LYS EB 2 -6.31 -36.45 -8.55
CA LYS EB 2 -5.03 -37.12 -8.41
C LYS EB 2 -3.95 -36.13 -8.75
N PHE EB 3 -2.79 -36.27 -8.11
CA PHE EB 3 -1.67 -35.38 -8.35
C PHE EB 3 -0.41 -36.22 -8.47
N GLU EB 4 0.55 -35.69 -9.23
CA GLU EB 4 1.88 -36.28 -9.31
C GLU EB 4 2.86 -35.15 -9.53
N PHE EB 5 4.09 -35.36 -9.09
CA PHE EB 5 5.10 -34.33 -9.21
C PHE EB 5 6.48 -34.95 -9.09
N LYS EB 6 7.45 -34.32 -9.74
CA LYS EB 6 8.85 -34.63 -9.49
C LYS EB 6 9.67 -33.39 -9.77
N PHE EB 7 10.61 -33.09 -8.90
CA PHE EB 7 11.52 -32.00 -9.13
C PHE EB 7 12.88 -32.55 -9.51
N GMA EB 8 13.86 -31.66 -9.54
CA GMA EB 8 15.23 -32.04 -9.83
CD GMA EB 8 16.19 -30.86 -9.61
O1 GMA EB 8 15.78 -29.71 -9.35
CB GMA EB 8 15.43 -32.54 -11.27
CG GMA EB 8 16.04 -33.91 -11.28
C GMA EB 8 17.58 -33.84 -11.27
O GMA EB 8 18.15 -33.25 -10.32
OXT GMA EB 8 18.19 -34.38 -12.24
N2 GMA EB 8 17.53 -31.11 -9.73
CAA 5CR FB 1 15.47 -32.87 -6.31
CAL 5CR FB 1 14.55 -33.73 -5.44
OAB 5CR FB 1 15.00 -34.65 -4.83
N 5CR FB 1 13.15 -33.44 -5.35
CA 5CR FB 1 12.33 -34.29 -4.51
C 5CR FB 1 11.14 -34.83 -5.29
O 5CR FB 1 11.24 -35.06 -6.52
CB 5CR FB 1 11.84 -33.51 -3.28
CG 5CR FB 1 11.18 -32.18 -3.62
CD1 5CR FB 1 11.95 -31.06 -3.89
CE1 5CR FB 1 11.34 -29.86 -4.19
CZ 5CR FB 1 9.96 -29.77 -4.21
CE2 5CR FB 1 9.19 -30.89 -3.95
CD2 5CR FB 1 9.80 -32.09 -3.64
N LYS FB 2 10.04 -35.03 -4.60
CA LYS FB 2 8.86 -35.65 -5.19
C LYS FB 2 7.66 -35.24 -4.36
N PHE FB 3 6.47 -35.37 -4.92
CA PHE FB 3 5.27 -34.95 -4.20
C PHE FB 3 4.09 -35.71 -4.76
N GLU FB 4 3.03 -35.80 -3.95
CA GLU FB 4 1.76 -36.33 -4.41
C GLU FB 4 0.66 -35.68 -3.60
N PHE FB 5 -0.55 -35.70 -4.14
CA PHE FB 5 -1.73 -35.27 -3.41
C PHE FB 5 -2.92 -36.05 -3.95
N LYS FB 6 -3.97 -36.14 -3.14
CA LYS FB 6 -5.22 -36.72 -3.60
C LYS FB 6 -6.35 -36.20 -2.73
N PHE FB 7 -7.45 -35.82 -3.36
CA PHE FB 7 -8.60 -35.30 -2.63
C PHE FB 7 -9.84 -36.13 -2.96
N GMA FB 8 -10.86 -36.02 -2.13
CA GMA FB 8 -12.15 -36.63 -2.43
CD GMA FB 8 -13.31 -35.73 -2.00
O1 GMA FB 8 -13.47 -35.31 -0.84
CB GMA FB 8 -12.35 -37.98 -1.76
CG GMA FB 8 -13.79 -38.41 -1.78
C GMA FB 8 -14.00 -39.62 -2.70
O GMA FB 8 -15.01 -40.35 -2.51
OXT GMA FB 8 -13.13 -39.82 -3.60
N2 GMA FB 8 -14.24 -35.39 -2.96
CAA 5CR GB 1 -38.24 -2.35 9.14
CAL 5CR GB 1 -37.16 -3.29 8.62
OAB 5CR GB 1 -36.29 -2.85 7.95
N 5CR GB 1 -37.24 -4.71 8.92
CA 5CR GB 1 -36.25 -5.66 8.46
C 5CR GB 1 -36.60 -7.06 8.93
O 5CR GB 1 -37.31 -7.22 9.95
CB 5CR GB 1 -34.86 -5.30 8.99
CG 5CR GB 1 -33.75 -6.12 8.30
CD1 5CR GB 1 -33.12 -5.57 7.22
CE1 5CR GB 1 -32.12 -6.30 6.60
CZ 5CR GB 1 -31.76 -7.55 7.05
CE2 5CR GB 1 -32.40 -8.09 8.14
CD2 5CR GB 1 -33.38 -7.36 8.77
N LYS GB 2 -36.13 -8.07 8.21
CA LYS GB 2 -36.15 -9.43 8.70
C LYS GB 2 -35.02 -10.18 8.03
N PHE GB 3 -34.56 -11.26 8.64
CA PHE GB 3 -33.45 -12.04 8.11
C PHE GB 3 -33.73 -13.50 8.35
N GLU GB 4 -33.05 -14.34 7.58
CA GLU GB 4 -33.06 -15.78 7.78
C GLU GB 4 -31.80 -16.34 7.16
N PHE GB 5 -31.31 -17.43 7.73
CA PHE GB 5 -30.11 -18.05 7.17
C PHE GB 5 -30.00 -19.48 7.67
N LYS GB 6 -29.38 -20.32 6.85
CA LYS GB 6 -28.99 -21.64 7.28
C LYS GB 6 -27.74 -22.05 6.52
N PHE GB 7 -26.79 -22.64 7.21
CA PHE GB 7 -25.63 -23.19 6.55
C PHE GB 7 -25.74 -24.69 6.49
N GMA GB 8 -24.62 -25.33 6.15
CA GMA GB 8 -24.53 -26.77 6.12
CD GMA GB 8 -23.08 -27.19 5.87
O1 GMA GB 8 -22.18 -26.39 5.54
CB GMA GB 8 -25.39 -27.43 5.04
CG GMA GB 8 -26.28 -28.50 5.63
C GMA GB 8 -25.59 -29.88 5.61
O GMA GB 8 -24.45 -30.00 6.15
OXT GMA GB 8 -26.21 -30.82 5.04
N2 GMA GB 8 -22.77 -28.52 6.04
CAA 5CR HB 1 -24.05 -26.80 9.71
CAL 5CR HB 1 -24.73 -25.92 10.75
OAB 5CR HB 1 -25.50 -26.40 11.53
N 5CR HB 1 -24.47 -24.50 10.80
CA 5CR HB 1 -25.16 -23.73 11.81
C 5CR HB 1 -26.34 -22.98 11.22
O 5CR HB 1 -26.83 -23.33 10.12
CB 5CR HB 1 -24.19 -22.76 12.49
CG 5CR HB 1 -23.64 -21.71 11.53
CD1 5CR HB 1 -22.65 -22.02 10.63
CE1 5CR HB 1 -22.16 -21.06 9.78
CZ 5CR HB 1 -22.65 -19.77 9.85
CE2 5CR HB 1 -23.63 -19.44 10.76
CD2 5CR HB 1 -24.12 -20.41 11.61
N LYS HB 2 -26.80 -21.97 11.94
CA LYS HB 2 -27.98 -21.22 11.55
C LYS HB 2 -27.86 -19.82 12.11
N PHE HB 3 -28.60 -18.88 11.57
CA PHE HB 3 -28.50 -17.50 12.01
C PHE HB 3 -29.84 -16.82 11.79
N GLU HB 4 -30.04 -15.71 12.49
CA GLU HB 4 -31.18 -14.84 12.25
C GLU HB 4 -30.78 -13.43 12.64
N PHE HB 5 -31.51 -12.46 12.12
CA PHE HB 5 -31.32 -11.08 12.51
C PHE HB 5 -32.65 -10.35 12.32
N LYS HB 6 -32.80 -9.23 13.04
CA LYS HB 6 -33.95 -8.37 12.82
C LYS HB 6 -33.63 -6.98 13.32
N PHE HB 7 -33.84 -5.98 12.48
CA PHE HB 7 -33.61 -4.59 12.85
C PHE HB 7 -34.92 -3.84 12.85
N GMA HB 8 -34.96 -2.68 13.49
CA GMA HB 8 -36.11 -1.80 13.40
CD GMA HB 8 -35.67 -0.32 13.45
O1 GMA HB 8 -34.99 0.16 14.37
CB GMA HB 8 -37.12 -2.02 14.51
CG GMA HB 8 -37.99 -0.81 14.74
C GMA HB 8 -39.45 -1.07 14.33
O GMA HB 8 -40.34 -0.26 14.73
OXT GMA HB 8 -39.68 -2.08 13.61
N2 GMA HB 8 -36.09 0.49 12.42
CAA 5CR IB 1 -23.51 33.56 2.13
CAL 5CR IB 1 -23.74 32.06 2.01
OAB 5CR IB 1 -23.09 31.44 1.23
N 5CR IB 1 -24.75 31.43 2.84
CA 5CR IB 1 -25.01 30.00 2.76
C 5CR IB 1 -26.13 29.64 3.73
O 5CR IB 1 -26.35 30.35 4.73
CB 5CR IB 1 -23.77 29.19 3.12
CG 5CR IB 1 -23.89 27.73 2.73
CD1 5CR IB 1 -23.32 27.30 1.55
CE1 5CR IB 1 -23.42 25.97 1.20
CZ 5CR IB 1 -24.06 25.06 2.01
CE2 5CR IB 1 -24.63 25.48 3.20
CD2 5CR IB 1 -24.52 26.81 3.55
N LYS IB 2 -26.83 28.55 3.44
CA LYS IB 2 -27.68 27.93 4.43
C LYS IB 2 -27.83 26.46 4.06
N PHE IB 3 -28.28 25.65 5.03
CA PHE IB 3 -28.40 24.23 4.81
C PHE IB 3 -29.61 23.74 5.59
N GLU IB 4 -30.11 22.59 5.20
CA GLU IB 4 -31.17 21.92 5.92
C GLU IB 4 -31.06 20.43 5.63
N PHE IB 5 -31.54 19.62 6.56
CA PHE IB 5 -31.39 18.18 6.44
C PHE IB 5 -32.36 17.49 7.38
N LYS IB 6 -32.99 16.44 6.88
CA LYS IB 6 -33.65 15.48 7.75
C LYS IB 6 -33.42 14.10 7.17
N PHE IB 7 -33.07 13.16 8.03
CA PHE IB 7 -32.95 11.79 7.60
C PHE IB 7 -34.10 10.98 8.15
N GMA IB 8 -34.03 9.67 8.01
CA GMA IB 8 -35.04 8.77 8.51
CD GMA IB 8 -34.60 7.30 8.40
O1 GMA IB 8 -33.54 6.95 7.86
CB GMA IB 8 -36.39 8.89 7.81
CG GMA IB 8 -37.49 9.24 8.78
C GMA IB 8 -38.12 7.97 9.38
O GMA IB 8 -37.37 7.14 9.97
OXT GMA IB 8 -39.37 7.82 9.24
N2 GMA IB 8 -35.44 6.35 8.93
CAA 5CR JB 1 -33.49 8.97 11.81
CAL 5CR JB 1 -32.98 10.23 12.49
OAB 5CR JB 1 -33.53 10.65 13.45
N 5CR JB 1 -31.85 10.94 11.96
CA 5CR JB 1 -31.42 12.14 12.66
C 5CR JB 1 -31.77 13.39 11.86
O 5CR JB 1 -32.65 13.36 10.97
CB 5CR JB 1 -29.91 12.10 12.91
CG 5CR JB 1 -29.11 11.98 11.62
CD1 5CR JB 1 -28.90 10.74 11.04
CE1 5CR JB 1 -28.16 10.64 9.88
CZ 5CR JB 1 -27.63 11.77 9.29
CE2 5CR JB 1 -27.83 13.01 9.88
CD2 5CR JB 1 -28.56 13.11 11.04
N LYS JB 2 -31.10 14.49 12.20
CA LYS JB 2 -31.34 15.76 11.55
C LYS JB 2 -30.02 16.50 11.54
N PHE JB 3 -29.87 17.44 10.62
CA PHE JB 3 -28.62 18.17 10.52
C PHE JB 3 -28.90 19.58 10.03
N GLU JB 4 -27.94 20.46 10.25
CA GLU JB 4 -27.98 21.81 9.71
C GLU JB 4 -26.55 22.30 9.55
N PHE JB 5 -26.37 23.28 8.69
CA PHE JB 5 -25.09 23.95 8.54
C PHE JB 5 -25.35 25.37 8.09
N LYS JB 6 -24.38 26.25 8.34
CA LYS JB 6 -24.45 27.61 7.82
C LYS JB 6 -23.05 28.18 7.75
N PHE JB 7 -22.71 28.76 6.60
CA PHE JB 7 -21.40 29.36 6.41
C PHE JB 7 -21.57 30.85 6.15
N GMA JB 8 -20.50 31.61 6.29
CA GMA JB 8 -20.51 33.01 5.90
CD GMA JB 8 -19.13 33.45 5.36
O1 GMA JB 8 -18.08 33.33 6.02
CB GMA JB 8 -20.88 33.95 7.03
CG GMA JB 8 -20.40 35.35 6.79
C GMA JB 8 -21.55 36.31 6.45
O GMA JB 8 -21.33 37.56 6.51
OXT GMA JB 8 -22.67 35.80 6.16
N2 GMA JB 8 -19.09 33.99 4.11
CAA 5CR KB 1 19.67 33.10 -14.16
CAL 5CR KB 1 18.27 32.81 -13.62
OAB 5CR KB 1 17.69 31.84 -14.01
N 5CR KB 1 17.67 33.70 -12.65
CA 5CR KB 1 16.35 33.47 -12.10
C 5CR KB 1 16.00 34.58 -11.13
O 5CR KB 1 16.90 35.25 -10.57
CB 5CR KB 1 16.29 32.14 -11.36
CG 5CR KB 1 14.86 31.71 -11.06
CD1 5CR KB 1 14.23 30.84 -11.93
CE1 5CR KB 1 12.95 30.43 -11.64
CZ 5CR KB 1 12.28 30.87 -10.52
CE2 5CR KB 1 12.91 31.73 -9.65
CD2 5CR KB 1 14.21 32.13 -9.92
N LYS KB 2 14.70 34.80 -10.91
CA LYS KB 2 14.24 35.61 -9.80
C LYS KB 2 12.82 35.19 -9.47
N PHE KB 3 12.36 35.56 -8.28
CA PHE KB 3 11.04 35.17 -7.83
C PHE KB 3 10.49 36.31 -6.97
N GLU KB 4 9.17 36.31 -6.82
CA GLU KB 4 8.51 37.21 -5.92
C GLU KB 4 7.19 36.58 -5.51
N PHE KB 5 6.71 36.92 -4.32
CA PHE KB 5 5.52 36.26 -3.81
C PHE KB 5 4.89 37.13 -2.75
N LYS KB 6 3.57 37.18 -2.76
CA LYS KB 6 2.83 37.67 -1.60
C LYS KB 6 1.55 36.86 -1.49
N PHE KB 7 1.21 36.49 -0.27
CA PHE KB 7 -0.05 35.80 -0.04
C PHE KB 7 -0.96 36.69 0.79
N GMA KB 8 -2.08 36.13 1.22
CA GMA KB 8 -3.03 36.84 2.05
CD GMA KB 8 -4.11 35.89 2.60
O1 GMA KB 8 -4.17 34.69 2.29
CB GMA KB 8 -3.75 37.98 1.32
CG GMA KB 8 -3.58 39.29 2.05
C GMA KB 8 -4.72 39.52 3.04
O GMA KB 8 -4.95 38.65 3.93
OXT GMA KB 8 -5.39 40.58 2.91
N2 GMA KB 8 -5.02 36.43 3.46
CAA 5CR LB 1 -0.92 36.14 4.93
CAL 5CR LB 1 0.60 36.26 5.04
OAB 5CR LB 1 1.07 37.02 5.81
N 5CR LB 1 1.46 35.45 4.21
CA 5CR LB 1 2.89 35.61 4.37
C 5CR LB 1 3.50 36.21 3.11
O 5CR LB 1 2.81 36.92 2.34
CB 5CR LB 1 3.55 34.27 4.68
CG 5CR LB 1 3.18 33.19 3.66
CD1 5CR LB 1 2.03 32.45 3.82
CE1 5CR LB 1 1.71 31.47 2.90
CZ 5CR LB 1 2.55 31.23 1.83
CE2 5CR LB 1 3.71 31.96 1.68
CD2 5CR LB 1 4.03 32.94 2.60
N LYS LB 2 4.77 35.92 2.90
CA LYS LB 2 5.50 36.46 1.77
C LYS LB 2 6.64 35.50 1.49
N PHE LB 3 7.16 35.52 0.26
CA PHE LB 3 8.21 34.60 -0.09
C PHE LB 3 9.07 35.20 -1.18
N GLU LB 4 10.30 34.68 -1.31
CA GLU LB 4 11.18 35.04 -2.40
C GLU LB 4 12.08 33.85 -2.68
N PHE LB 5 12.61 33.80 -3.90
CA PHE LB 5 13.60 32.81 -4.25
C PHE LB 5 14.52 33.40 -5.31
N LYS LB 6 15.72 32.84 -5.43
CA LYS LB 6 16.63 33.23 -6.49
C LYS LB 6 17.60 32.09 -6.73
N PHE LB 7 17.78 31.73 -8.00
CA PHE LB 7 18.72 30.68 -8.35
C PHE LB 7 19.77 31.25 -9.31
N GMA LB 8 20.89 30.55 -9.46
CA GMA LB 8 21.87 30.90 -10.45
CD GMA LB 8 22.54 29.67 -11.07
O1 GMA LB 8 23.12 28.80 -10.40
CB GMA LB 8 22.98 31.80 -9.90
CG GMA LB 8 24.20 31.79 -10.79
C GMA LB 8 24.46 33.19 -11.39
O GMA LB 8 25.61 33.44 -11.85
OXT GMA LB 8 23.50 34.01 -11.38
N2 GMA LB 8 22.47 29.53 -12.44
CAA 5CR MB 1 29.96 -10.06 -26.43
CAL 5CR MB 1 29.34 -8.77 -25.91
OAB 5CR MB 1 28.16 -8.66 -25.91
N 5CR MB 1 30.21 -7.70 -25.44
CA 5CR MB 1 29.67 -6.45 -24.93
C 5CR MB 1 30.80 -5.53 -24.51
O 5CR MB 1 31.89 -6.02 -24.09
CB 5CR MB 1 28.75 -6.69 -23.73
CG 5CR MB 1 27.96 -5.45 -23.32
CD1 5CR MB 1 26.65 -5.35 -23.71
CE1 5CR MB 1 25.92 -4.24 -23.34
CZ 5CR MB 1 26.49 -3.23 -22.57
CE2 5CR MB 1 27.81 -3.34 -22.17
CD2 5CR MB 1 28.53 -4.45 -22.54
N LYS MB 2 30.57 -4.23 -24.60
CA LYS MB 2 31.42 -3.27 -23.91
C LYS MB 2 30.58 -2.08 -23.51
N PHE MB 3 30.97 -1.43 -22.43
CA PHE MB 3 30.31 -0.22 -21.97
C PHE MB 3 31.39 0.81 -21.73
N GLU MB 4 30.99 2.07 -21.74
CA GLU MB 4 31.87 3.15 -21.35
C GLU MB 4 31.01 4.29 -20.83
N PHE MB 5 31.61 5.14 -20.00
CA PHE MB 5 30.85 6.15 -19.30
C PHE MB 5 31.78 7.26 -18.85
N LYS MB 6 31.28 8.48 -18.86
CA LYS MB 6 31.90 9.52 -18.05
C LYS MB 6 30.84 10.54 -17.69
N PHE MB 7 30.65 10.76 -16.39
CA PHE MB 7 29.72 11.78 -15.95
C PHE MB 7 30.49 13.05 -15.69
N GMA MB 8 29.82 14.03 -15.10
CA GMA MB 8 30.44 15.29 -14.75
CD GMA MB 8 29.48 16.17 -13.94
O1 GMA MB 8 28.34 15.80 -13.60
CB GMA MB 8 30.88 16.12 -15.96
CG GMA MB 8 32.36 16.38 -15.91
C GMA MB 8 32.66 17.70 -15.15
O GMA MB 8 32.10 17.92 -14.04
OXT GMA MB 8 33.48 18.50 -15.69
N2 GMA MB 8 29.92 17.41 -13.56
CAA 5CR NB 1 31.74 13.86 -11.70
CAL 5CR NB 1 32.47 12.53 -11.59
OAB 5CR NB 1 33.62 12.49 -11.31
N 5CR NB 1 31.76 11.29 -11.84
CA 5CR NB 1 32.50 10.06 -11.72
C 5CR NB 1 32.74 9.44 -13.09
O 5CR NB 1 32.77 10.16 -14.12
CB 5CR NB 1 31.76 9.06 -10.82
CG 5CR NB 1 30.33 8.82 -11.31
CD1 5CR NB 1 29.31 9.68 -10.94
CE1 5CR NB 1 28.03 9.45 -11.37
CZ 5CR NB 1 27.74 8.35 -12.17
CE2 5CR NB 1 28.77 7.48 -12.53
CD2 5CR NB 1 30.06 7.71 -12.10
N LYS NB 2 32.93 8.14 -13.10
CA LYS NB 2 33.21 7.41 -14.33
C LYS NB 2 32.78 5.98 -14.10
N PHE NB 3 32.47 5.26 -15.17
CA PHE NB 3 31.99 3.90 -15.01
C PHE NB 3 32.39 3.09 -16.24
N GLU NB 4 32.43 1.77 -16.05
CA GLU NB 4 32.63 0.85 -17.16
C GLU NB 4 31.90 -0.44 -16.83
N PHE NB 5 31.55 -1.19 -17.87
CA PHE NB 5 31.00 -2.51 -17.69
C PHE NB 5 31.42 -3.38 -18.86
N LYS NB 6 31.39 -4.70 -18.65
CA LYS NB 6 31.62 -5.63 -19.74
C LYS NB 6 30.93 -6.94 -19.41
N PHE NB 7 30.29 -7.54 -20.41
CA PHE NB 7 29.64 -8.82 -20.23
C PHE NB 7 30.17 -9.79 -21.28
N GMA NB 8 29.96 -11.08 -21.06
CA GMA NB 8 30.27 -12.08 -22.06
CD GMA NB 8 29.29 -13.26 -21.99
O1 GMA NB 8 29.11 -13.93 -20.96
CB GMA NB 8 31.68 -12.64 -21.95
CG GMA NB 8 31.81 -13.98 -22.62
C GMA NB 8 32.84 -13.95 -23.76
O GMA NB 8 33.28 -15.05 -24.21
OXT GMA NB 8 33.20 -12.81 -24.20
N2 GMA NB 8 28.60 -13.58 -23.13
CAA 5CR OB 1 -6.95 -36.36 -17.70
CAL 5CR OB 1 -5.90 -35.28 -17.86
OAB 5CR OB 1 -6.25 -34.15 -17.98
N 5CR OB 1 -4.50 -35.64 -17.88
CA 5CR OB 1 -3.45 -34.66 -18.04
C 5CR OB 1 -2.10 -35.36 -18.04
O 5CR OB 1 -1.95 -36.48 -17.48
CB 5CR OB 1 -3.47 -33.64 -16.90
CG 5CR OB 1 -2.55 -32.44 -17.16
CD1 5CR OB 1 -3.09 -31.29 -17.66
CE1 5CR OB 1 -2.27 -30.20 -17.90
CZ 5CR OB 1 -0.92 -30.25 -17.61
CE2 5CR OB 1 -0.38 -31.41 -17.10
CD2 5CR OB 1 -1.20 -32.49 -16.86
N LYS OB 2 -1.12 -34.73 -18.68
CA LYS OB 2 0.27 -35.14 -18.52
C LYS OB 2 1.14 -33.92 -18.73
N PHE OB 3 2.27 -33.87 -18.06
CA PHE OB 3 3.19 -32.77 -18.18
C PHE OB 3 4.61 -33.31 -18.29
N GLU OB 4 5.46 -32.55 -18.96
CA GLU OB 4 6.87 -32.85 -19.03
C GLU OB 4 7.62 -31.53 -19.12
N PHE OB 5 8.85 -31.52 -18.64
CA PHE OB 5 9.63 -30.30 -18.64
C PHE OB 5 11.10 -30.63 -18.50
N LYS OB 6 11.93 -29.77 -19.04
CA LYS OB 6 13.36 -29.81 -18.75
C LYS OB 6 13.92 -28.42 -18.90
N PHE OB 7 14.75 -28.00 -17.96
CA PHE OB 7 15.42 -26.73 -18.08
C PHE OB 7 16.87 -26.96 -18.42
N GMA OB 8 17.66 -25.89 -18.34
CA GMA OB 8 19.08 -25.95 -18.61
CD GMA OB 8 19.76 -24.63 -18.25
O1 GMA OB 8 19.13 -23.60 -17.92
CB GMA OB 8 19.43 -26.28 -20.06
CG GMA OB 8 20.31 -27.51 -20.14
C GMA OB 8 21.79 -27.13 -20.06
O GMA OB 8 22.20 -26.50 -19.03
OXT GMA OB 8 22.54 -27.46 -21.02
N2 GMA OB 8 21.13 -24.59 -18.32
CAA 5CR PB 1 19.38 -27.01 -15.13
CAL 5CR PB 1 18.62 -28.10 -14.37
OAB 5CR PB 1 19.22 -28.95 -13.82
N 5CR PB 1 17.18 -28.10 -14.34
CA 5CR PB 1 16.54 -29.16 -13.60
C 5CR PB 1 15.51 -29.88 -14.47
O 5CR PB 1 15.69 -29.98 -15.71
CB 5CR PB 1 15.87 -28.62 -12.34
CG 5CR PB 1 14.95 -27.42 -12.62
CD1 5CR PB 1 15.48 -26.14 -12.77
CE1 5CR PB 1 14.65 -25.07 -13.00
CZ 5CR PB 1 13.28 -25.27 -13.10
CE2 5CR PB 1 12.75 -26.54 -12.94
CD2 5CR PB 1 13.59 -27.61 -12.70
N LYS PB 2 14.44 -30.36 -13.86
CA LYS PB 2 13.45 -31.14 -14.55
C LYS PB 2 12.16 -31.05 -13.74
N PHE PB 3 11.03 -31.38 -14.36
CA PHE PB 3 9.76 -31.28 -13.67
C PHE PB 3 8.77 -32.21 -14.34
N GLU PB 4 7.74 -32.57 -13.60
CA GLU PB 4 6.62 -33.31 -14.15
C GLU PB 4 5.38 -32.96 -13.35
N PHE PB 5 4.22 -33.19 -13.96
CA PHE PB 5 2.96 -33.07 -13.24
C PHE PB 5 1.96 -34.02 -13.89
N LYS PB 6 0.94 -34.39 -13.15
CA LYS PB 6 -0.15 -35.16 -13.72
C LYS PB 6 -1.40 -34.97 -12.86
N PHE PB 7 -2.54 -34.76 -13.51
CA PHE PB 7 -3.79 -34.55 -12.81
C PHE PB 7 -4.82 -35.58 -13.25
N GMA PB 8 -5.87 -35.75 -12.47
CA GMA PB 8 -6.99 -36.58 -12.88
CD GMA PB 8 -8.34 -35.98 -12.44
O1 GMA PB 8 -8.59 -35.70 -11.26
CB GMA PB 8 -6.93 -38.00 -12.31
CG GMA PB 8 -8.25 -38.70 -12.43
C GMA PB 8 -8.17 -39.86 -13.45
O GMA PB 8 -9.02 -40.80 -13.37
OXT GMA PB 8 -7.26 -39.80 -14.32
N2 GMA PB 8 -9.28 -35.76 -13.41
CAA 5CR QB 1 -39.94 -9.36 -0.12
CAL 5CR QB 1 -38.67 -10.02 -0.66
OAB 5CR QB 1 -37.89 -9.36 -1.25
N 5CR QB 1 -38.47 -11.44 -0.46
CA 5CR QB 1 -37.28 -12.13 -0.94
C 5CR QB 1 -37.37 -13.60 -0.59
O 5CR QB 1 -38.06 -13.98 0.38
CB 5CR QB 1 -36.01 -11.54 -0.33
CG 5CR QB 1 -34.75 -12.05 -1.01
CD1 5CR QB 1 -34.20 -11.31 -2.02
CE1 5CR QB 1 -33.05 -11.77 -2.64
CZ 5CR QB 1 -32.45 -12.95 -2.27
CE2 5CR QB 1 -33.01 -13.69 -1.25
CD2 5CR QB 1 -34.15 -13.24 -0.62
N LYS QB 2 -36.68 -14.43 -1.36
CA LYS QB 2 -36.42 -15.80 -0.97
C LYS QB 2 -35.13 -16.26 -1.65
N PHE QB 3 -34.49 -17.27 -1.09
CA PHE QB 3 -33.23 -17.75 -1.61
C PHE QB 3 -33.21 -19.27 -1.51
N GLU QB 4 -32.34 -19.88 -2.30
CA GLU QB 4 -32.07 -21.30 -2.20
C GLU QB 4 -30.70 -21.54 -2.79
N PHE QB 5 -30.00 -22.55 -2.29
CA PHE QB 5 -28.70 -22.88 -2.83
C PHE QB 5 -28.31 -24.29 -2.43
N LYS QB 6 -27.50 -24.91 -3.27
CA LYS QB 6 -26.85 -26.16 -2.91
C LYS QB 6 -25.53 -26.24 -3.65
N PHE QB 7 -24.51 -26.69 -2.96
CA PHE QB 7 -23.23 -26.92 -3.60
C PHE QB 7 -23.02 -28.41 -3.78
N GMA QB 8 -21.79 -28.78 -4.11
CA GMA QB 8 -21.41 -30.16 -4.24
CD GMA QB 8 -19.89 -30.26 -4.45
O1 GMA QB 8 -19.17 -29.28 -4.68
CB GMA QB 8 -22.08 -30.90 -5.40
CG GMA QB 8 -22.74 -32.17 -4.94
C GMA QB 8 -21.79 -33.38 -5.02
O GMA QB 8 -20.67 -33.31 -4.44
OXT GMA QB 8 -22.17 -34.38 -5.68
N2 GMA QB 8 -19.32 -31.51 -4.36
CAA 5CR RB 1 -21.04 -30.38 -0.64
CAL 5CR RB 1 -21.93 -29.75 0.42
OAB 5CR RB 1 -22.59 -30.43 1.13
N 5CR RB 1 -21.97 -28.32 0.59
CA 5CR RB 1 -22.83 -27.78 1.62
C 5CR RB 1 -24.12 -27.25 1.03
O 5CR RB 1 -24.49 -27.60 -0.12
CB 5CR RB 1 -22.11 -26.69 2.41
CG 5CR RB 1 -21.76 -25.48 1.56
CD1 5CR RB 1 -20.69 -25.51 0.69
CE1 5CR RB 1 -20.38 -24.40 -0.06
CZ 5CR RB 1 -21.13 -23.25 0.07
CE2 5CR RB 1 -22.18 -23.21 0.95
CD2 5CR RB 1 -22.49 -24.32 1.71
N LYS RB 2 -24.80 -26.41 1.80
CA LYS RB 2 -26.10 -25.89 1.41
C LYS RB 2 -26.29 -24.55 2.08
N PHE RB 3 -27.19 -23.73 1.57
CA PHE RB 3 -27.39 -22.40 2.11
C PHE RB 3 -28.83 -21.99 1.87
N GLU RB 4 -29.28 -21.01 2.64
CA GLU RB 4 -30.56 -20.37 2.42
C GLU RB 4 -30.47 -18.94 2.92
N PHE RB 5 -31.38 -18.10 2.44
CA PHE RB 5 -31.49 -16.74 2.93
C PHE RB 5 -32.92 -16.29 2.74
N LYS RB 6 -33.33 -15.29 3.52
CA LYS RB 6 -34.62 -14.66 3.31
C LYS RB 6 -34.60 -13.27 3.93
N PHE RB 7 -35.00 -12.27 3.16
CA PHE RB 7 -35.07 -10.91 3.64
C PHE RB 7 -36.51 -10.44 3.62
N GMA RB 8 -36.80 -9.36 4.34
CA GMA RB 8 -38.10 -8.72 4.27
CD GMA RB 8 -37.99 -7.21 4.45
O1 GMA RB 8 -37.44 -6.68 5.43
CB GMA RB 8 -39.09 -9.25 5.30
CG GMA RB 8 -40.19 -8.25 5.59
C GMA RB 8 -41.56 -8.77 5.08
O GMA RB 8 -42.61 -8.20 5.50
OXT GMA RB 8 -41.55 -9.74 4.28
N2 GMA RB 8 -38.52 -6.41 3.45
CAA 5CR SB 1 -2.57 37.40 12.11
CAL 5CR SB 1 -3.40 36.13 12.25
OAB 5CR SB 1 -3.15 35.20 11.56
N 5CR SB 1 -4.49 36.08 13.21
CA 5CR SB 1 -5.30 34.89 13.39
C 5CR SB 1 -6.34 35.14 14.47
O 5CR SB 1 -6.16 36.01 15.35
CB 5CR SB 1 -4.43 33.70 13.83
CG 5CR SB 1 -5.17 32.37 13.69
CD1 5CR SB 1 -4.96 31.61 12.58
CE1 5CR SB 1 -5.61 30.39 12.46
CZ 5CR SB 1 -6.47 29.94 13.44
CE2 5CR SB 1 -6.68 30.71 14.56
CD2 5CR SB 1 -6.02 31.91 14.69
N LYS SB 2 -7.44 34.41 14.40
CA LYS SB 2 -8.37 34.32 15.51
C LYS SB 2 -9.12 33.02 15.41
N PHE SB 3 -9.74 32.60 16.50
CA PHE SB 3 -10.44 31.33 16.55
C PHE SB 3 -11.65 31.49 17.45
N GLU SB 4 -12.61 30.60 17.27
CA GLU SB 4 -13.77 30.53 18.14
C GLU SB 4 -14.28 29.10 18.10
N PHE SB 5 -14.93 28.68 19.17
CA PHE SB 5 -15.37 27.31 19.29
C PHE SB 5 -16.43 27.21 20.37
N LYS SB 6 -17.49 26.45 20.09
CA LYS SB 6 -18.36 25.97 21.13
C LYS SB 6 -18.77 24.56 20.79
N PHE SB 7 -18.74 23.68 21.77
CA PHE SB 7 -19.21 22.32 21.57
C PHE SB 7 -20.52 22.14 22.30
N GMA SB 8 -20.99 20.91 22.37
CA GMA SB 8 -22.21 20.58 23.08
CD GMA SB 8 -22.39 19.06 23.19
O1 GMA SB 8 -21.63 18.23 22.65
CB GMA SB 8 -23.47 21.14 22.42
CG GMA SB 8 -24.22 22.04 23.37
C GMA SB 8 -25.23 21.23 24.20
O GMA SB 8 -24.82 20.25 24.88
OXT GMA SB 8 -26.44 21.59 24.15
N2 GMA SB 8 -23.48 18.62 23.91
CAA 5CR TB 1 -20.35 20.57 26.22
CAL 5CR TB 1 -19.32 21.60 26.65
OAB 5CR TB 1 -19.54 22.32 27.56
N 5CR TB 1 -18.05 21.70 25.96
CA 5CR TB 1 -17.11 22.70 26.43
C 5CR TB 1 -17.03 23.86 25.45
O 5CR TB 1 -17.94 24.07 24.62
CB 5CR TB 1 -15.73 22.08 26.62
CG 5CR TB 1 -15.19 21.47 25.33
CD1 5CR TB 1 -15.55 20.19 24.95
CE1 5CR TB 1 -15.05 19.64 23.79
CZ 5CR TB 1 -14.18 20.37 23.00
CE2 5CR TB 1 -13.81 21.64 23.38
CD2 5CR TB 1 -14.30 22.20 24.54
N LYS TB 2 -15.95 24.62 25.57
CA LYS TB 2 -15.73 25.78 24.72
C LYS TB 2 -14.24 25.92 24.53
N PHE TB 3 -13.82 26.58 23.46
CA PHE TB 3 -12.41 26.71 23.18
C PHE TB 3 -12.16 28.03 22.47
N GLU TB 4 -10.90 28.46 22.51
CA GLU TB 4 -10.48 29.62 21.74
C GLU TB 4 -8.99 29.47 21.45
N PHE TB 5 -8.54 30.16 20.42
CA PHE TB 5 -7.13 30.23 20.11
C PHE TB 5 -6.84 31.56 19.43
N LYS TB 6 -5.60 31.99 19.48
CA LYS TB 6 -5.17 33.17 18.74
C LYS TB 6 -3.67 33.11 18.52
N PHE TB 7 -3.26 33.34 17.28
CA PHE TB 7 -1.86 33.32 16.92
C PHE TB 7 -1.45 34.70 16.43
N GMA TB 8 -0.15 34.97 16.39
CA GMA TB 8 0.35 36.18 15.78
CD GMA TB 8 1.72 35.94 15.12
O1 GMA TB 8 2.71 35.50 15.73
CB GMA TB 8 0.50 37.34 16.75
CG GMA TB 8 1.48 38.37 16.25
C GMA TB 8 0.76 39.68 15.82
O GMA TB 8 1.46 40.71 15.65
OXT GMA TB 8 -0.49 39.62 15.67
N2 GMA TB 8 1.84 36.25 13.78
CAA 5CR UB 1 34.80 17.18 -5.86
CAL 5CR UB 1 33.47 17.55 -5.23
OAB 5CR UB 1 32.53 16.87 -5.42
N 5CR UB 1 33.39 18.74 -4.39
CA 5CR UB 1 32.15 19.14 -3.75
C 5CR UB 1 32.37 20.43 -2.96
O 5CR UB 1 33.53 20.73 -2.56
CB 5CR UB 1 31.65 18.07 -2.79
CG 5CR UB 1 30.21 18.29 -2.35
CD1 5CR UB 1 29.20 17.65 -3.03
CE1 5CR UB 1 27.89 17.85 -2.63
CZ 5CR UB 1 27.59 18.67 -1.56
CE2 5CR UB 1 28.60 19.30 -0.88
CD2 5CR UB 1 29.90 19.10 -1.27
N LYS UB 2 31.30 21.18 -2.73
CA LYS UB 2 31.33 22.23 -1.74
C LYS UB 2 29.91 22.48 -1.27
N PHE UB 3 29.77 23.17 -0.15
CA PHE UB 3 28.46 23.42 0.43
C PHE UB 3 28.49 24.79 1.10
N GLU UB 4 27.31 25.33 1.31
CA GLU UB 4 27.17 26.55 2.09
C GLU UB 4 25.76 26.56 2.65
N PHE UB 5 25.58 27.23 3.79
CA PHE UB 5 24.30 27.19 4.45
C PHE UB 5 24.18 28.38 5.40
N LYS UB 6 22.99 28.97 5.44
CA LYS UB 6 22.64 29.86 6.52
C LYS UB 6 21.17 29.67 6.83
N PHE UB 7 20.84 29.63 8.11
CA PHE UB 7 19.45 29.56 8.51
C PHE UB 7 19.06 30.84 9.21
N GMA UB 8 17.87 30.84 9.79
CA GMA UB 8 17.37 31.99 10.53
CD GMA UB 8 16.09 31.64 11.28
O1 GMA UB 8 15.51 30.54 11.18
CB GMA UB 8 17.09 33.21 9.66
CG GMA UB 8 17.84 34.42 10.15
C GMA UB 8 17.00 35.24 11.13
O GMA UB 8 16.55 34.65 12.17
OXT GMA UB 8 16.80 36.45 10.86
N2 GMA UB 8 15.55 32.62 12.09
CAA 5CR VB 1 19.34 30.87 13.39
CAL 5CR VB 1 20.78 30.39 13.40
OAB 5CR VB 1 21.61 30.98 14.01
N 5CR VB 1 21.16 29.20 12.68
CA 5CR VB 1 22.54 28.77 12.74
C 5CR VB 1 23.19 28.90 11.38
O 5CR VB 1 22.76 29.72 10.53
CB 5CR VB 1 22.65 27.34 13.25
CG 5CR VB 1 21.77 26.37 12.44
CD1 5CR VB 1 20.44 26.20 12.77
CE1 5CR VB 1 19.66 25.32 12.05
CZ 5CR VB 1 20.21 24.62 11.00
CE2 5CR VB 1 21.55 24.78 10.67
CD2 5CR VB 1 22.33 25.66 11.40
N LYS VB 2 24.22 28.09 11.15
CA LYS VB 2 24.97 28.13 9.92
C LYS VB 2 25.60 26.76 9.75
N PHE VB 3 25.96 26.40 8.52
CA PHE VB 3 26.51 25.08 8.29
C PHE VB 3 27.41 25.13 7.06
N GLU VB 4 28.30 24.16 6.97
CA GLU VB 4 29.12 23.97 5.78
C GLU VB 4 29.45 22.49 5.67
N PHE VB 5 29.77 22.07 4.45
CA PHE VB 5 30.25 20.72 4.22
C PHE VB 5 31.20 20.74 3.05
N LYS VB 6 32.06 19.73 2.96
CA LYS VB 6 32.93 19.56 1.80
C LYS VB 6 33.34 18.11 1.71
N PHE VB 7 33.22 17.53 0.52
CA PHE VB 7 33.62 16.15 0.30
C PHE VB 7 34.70 16.12 -0.78
N GMA VB 8 35.42 15.00 -0.86
CA GMA VB 8 36.35 14.80 -1.95
CD GMA VB 8 36.40 13.33 -2.39
O1 GMA VB 8 36.66 12.39 -1.60
CB GMA VB 8 37.78 15.22 -1.61
CG GMA VB 8 38.78 14.60 -2.54
C GMA VB 8 39.51 15.68 -3.37
O GMA VB 8 40.61 15.38 -3.92
OXT GMA VB 8 38.96 16.81 -3.45
N2 GMA VB 8 36.13 13.04 -3.71
CAA 5CR WB 1 25.75 -27.64 -11.23
CAL 5CR WB 1 25.75 -26.15 -10.90
OAB 5CR WB 1 24.71 -25.57 -10.87
N 5CR WB 1 27.00 -25.47 -10.65
CA 5CR WB 1 27.08 -24.06 -10.34
C 5CR WB 1 28.52 -23.64 -10.13
O 5CR WB 1 29.36 -24.45 -9.69
CB 5CR WB 1 26.28 -23.74 -9.07
CG 5CR WB 1 26.09 -22.24 -8.84
CD1 5CR WB 1 24.89 -21.66 -9.18
CE1 5CR WB 1 24.71 -20.32 -8.96
CZ 5CR WB 1 25.71 -19.53 -8.41
CE2 5CR WB 1 26.91 -20.12 -8.06
CD2 5CR WB 1 27.09 -21.47 -8.26
N LYS WB 2 28.82 -22.39 -10.42
CA LYS WB 2 30.04 -21.77 -9.95
C LYS WB 2 29.79 -20.30 -9.72
N PHE WB 3 30.52 -19.72 -8.77
CA PHE WB 3 30.45 -18.30 -8.50
C PHE WB 3 31.88 -17.77 -8.47
N GLU WB 4 32.01 -16.47 -8.68
CA GLU WB 4 33.28 -15.81 -8.52
C GLU WB 4 33.00 -14.36 -8.15
N PHE WB 5 33.98 -13.73 -7.51
CA PHE WB 5 33.75 -12.41 -6.95
C PHE WB 5 35.10 -11.74 -6.74
N LYS WB 6 35.13 -10.42 -6.91
CA LYS WB 6 36.19 -9.63 -6.33
C LYS WB 6 35.66 -8.23 -6.09
N PHE WB 7 35.72 -7.78 -4.85
CA PHE WB 7 35.34 -6.42 -4.54
C PHE WB 7 36.57 -5.55 -4.52
N GMA WB 8 36.40 -4.31 -4.09
CA GMA WB 8 37.50 -3.37 -3.98
CD GMA WB 8 37.06 -2.08 -3.28
O1 GMA WB 8 35.91 -1.91 -2.83
CB GMA WB 8 38.10 -2.97 -5.32
CG GMA WB 8 39.57 -3.33 -5.39
C GMA WB 8 40.45 -2.17 -4.88
O GMA WB 8 40.13 -1.59 -3.80
OXT GMA WB 8 41.44 -1.85 -5.59
N2 GMA WB 8 38.01 -1.09 -3.14
CAA 5CR XB 1 38.46 -4.80 -0.78
CAL 5CR XB 1 38.61 -6.28 -0.50
OAB 5CR XB 1 39.67 -6.74 -0.27
N 5CR XB 1 37.45 -7.14 -0.49
CA 5CR XB 1 37.65 -8.54 -0.21
C 5CR XB 1 37.47 -9.38 -1.48
O 5CR XB 1 37.66 -8.88 -2.61
CB 5CR XB 1 36.68 -9.02 0.87
CG 5CR XB 1 35.23 -8.72 0.49
CD1 5CR XB 1 34.67 -7.48 0.77
CE1 5CR XB 1 33.36 -7.22 0.44
CZ 5CR XB 1 32.58 -8.21 -0.15
CE2 5CR XB 1 33.13 -9.45 -0.41
CD2 5CR XB 1 34.45 -9.71 -0.08
N LYS XB 2 37.13 -10.65 -1.28
CA LYS XB 2 36.96 -11.57 -2.37
C LYS XB 2 36.02 -12.66 -1.89
N PHE XB 3 35.34 -13.33 -2.81
CA PHE XB 3 34.38 -14.33 -2.41
C PHE XB 3 34.29 -15.40 -3.49
N GLU XB 4 33.83 -16.57 -3.10
CA GLU XB 4 33.52 -17.63 -4.04
C GLU XB 4 32.37 -18.45 -3.47
N PHE XB 5 31.65 -19.14 -4.35
CA PHE XB 5 30.64 -20.08 -3.92
C PHE XB 5 30.56 -21.19 -4.95
N LYS XB 6 30.03 -22.34 -4.53
CA LYS XB 6 29.74 -23.42 -5.46
C LYS XB 6 28.64 -24.28 -4.88
N PHE XB 7 27.71 -24.69 -5.74
CA PHE XB 7 26.62 -25.56 -5.32
C PHE XB 7 26.62 -26.80 -6.20
N GMA XB 8 25.93 -27.84 -5.76
CA GMA XB 8 25.70 -28.99 -6.60
CD GMA XB 8 24.36 -29.66 -6.29
O1 GMA XB 8 24.04 -30.05 -5.15
CB GMA XB 8 26.78 -30.07 -6.47
CG GMA XB 8 26.30 -31.42 -6.91
C GMA XB 8 27.12 -31.96 -8.09
O GMA XB 8 27.04 -33.21 -8.35
OXT GMA XB 8 27.86 -31.15 -8.71
N2 GMA XB 8 23.47 -29.82 -7.33
CAA 5CR YB 1 -17.36 -35.15 3.48
CAL 5CR YB 1 -15.99 -34.62 3.08
OAB 5CR YB 1 -15.87 -33.48 2.80
N 5CR YB 1 -14.86 -35.53 3.06
CA 5CR YB 1 -13.52 -35.08 2.70
C 5CR YB 1 -12.57 -36.28 2.75
O 5CR YB 1 -12.83 -37.26 3.48
CB 5CR YB 1 -13.01 -34.01 3.65
CG 5CR YB 1 -11.74 -33.34 3.15
CD1 5CR YB 1 -11.83 -32.14 2.49
CE1 5CR YB 1 -10.67 -31.52 2.05
CZ 5CR YB 1 -9.43 -32.09 2.26
CE2 5CR YB 1 -9.34 -33.29 2.94
CD2 5CR YB 1 -10.50 -33.89 3.39
N LYS YB 2 -11.50 -36.19 1.97
CA LYS YB 2 -10.38 -37.11 2.13
C LYS YB 2 -9.14 -36.39 1.68
N PHE YB 3 -8.01 -36.71 2.28
CA PHE YB 3 -6.73 -36.10 1.93
C PHE YB 3 -5.68 -37.20 1.84
N GLU YB 4 -4.68 -36.95 1.02
CA GLU YB 4 -3.51 -37.80 0.94
C GLU YB 4 -2.32 -36.92 0.59
N PHE YB 5 -1.14 -37.36 1.01
CA PHE YB 5 0.06 -36.56 0.77
C PHE YB 5 1.28 -37.45 0.90
N LYS YB 6 2.32 -37.09 0.18
CA LYS YB 6 3.64 -37.67 0.41
C LYS YB 6 4.68 -36.65 -0.01
N PHE YB 7 5.70 -36.50 0.81
CA PHE YB 7 6.82 -35.63 0.45
C PHE YB 7 8.01 -36.48 0.09
N GMA YB 8 9.16 -35.83 -0.05
CA GMA YB 8 10.39 -36.50 -0.35
CD GMA YB 8 11.58 -35.53 -0.27
O1 GMA YB 8 11.44 -34.31 -0.09
CB GMA YB 8 10.43 -37.13 -1.75
CG GMA YB 8 10.73 -38.61 -1.67
C GMA YB 8 12.25 -38.86 -1.73
O GMA YB 8 12.97 -38.33 -0.84
OXT GMA YB 8 12.69 -39.59 -2.65
N2 GMA YB 8 12.84 -36.07 -0.40
CAA 5CR ZB 1 10.63 -37.10 3.22
CAL 5CR ZB 1 9.60 -37.69 4.19
OAB 5CR ZB 1 9.87 -38.63 4.84
N 5CR ZB 1 8.29 -37.10 4.28
CA 5CR ZB 1 7.35 -37.69 5.22
C 5CR ZB 1 6.05 -38.03 4.53
O 5CR ZB 1 6.03 -38.37 3.32
CB 5CR ZB 1 7.10 -36.75 6.40
CG 5CR ZB 1 6.71 -35.33 5.97
CD1 5CR ZB 1 7.67 -34.43 5.59
CE1 5CR ZB 1 7.31 -33.15 5.22
CZ 5CR ZB 1 5.99 -32.77 5.22
CE2 5CR ZB 1 5.02 -33.68 5.61
CD2 5CR ZB 1 5.38 -34.96 5.99
N LYS ZB 2 4.95 -37.95 5.27
CA LYS ZB 2 3.65 -38.34 4.77
C LYS ZB 2 2.61 -37.63 5.60
N PHE ZB 3 1.38 -37.54 5.09
CA PHE ZB 3 0.34 -36.85 5.81
C PHE ZB 3 -1.01 -37.37 5.36
N GLU ZB 4 -2.01 -37.18 6.20
CA GLU ZB 4 -3.39 -37.47 5.83
C GLU ZB 4 -4.29 -36.53 6.62
N PHE ZB 5 -5.51 -36.34 6.13
CA PHE ZB 5 -6.53 -35.63 6.85
C PHE ZB 5 -7.88 -36.17 6.42
N LYS ZB 6 -8.89 -35.98 7.27
CA LYS ZB 6 -10.25 -36.32 6.89
C LYS ZB 6 -11.21 -35.51 7.75
N PHE ZB 7 -12.24 -34.95 7.13
CA PHE ZB 7 -13.22 -34.16 7.85
C PHE ZB 7 -14.62 -34.72 7.63
N GMA ZB 8 -15.55 -34.34 8.48
CA GMA ZB 8 -16.95 -34.69 8.27
CD GMA ZB 8 -17.88 -33.53 8.66
O1 GMA ZB 8 -17.88 -33.01 9.79
CB GMA ZB 8 -17.40 -35.91 9.06
CG GMA ZB 8 -18.89 -36.03 9.12
C GMA ZB 8 -19.39 -37.24 8.31
O GMA ZB 8 -20.51 -37.73 8.59
OXT GMA ZB 8 -18.63 -37.67 7.40
N2 GMA ZB 8 -18.77 -33.08 7.71
CAA 5CR AC 1 -34.80 5.05 17.82
CAL 5CR AC 1 -33.98 3.87 17.34
OAB 5CR AC 1 -33.06 4.06 16.62
N 5CR AC 1 -34.33 2.53 17.77
CA 5CR AC 1 -33.57 1.36 17.34
C 5CR AC 1 -34.19 0.11 17.94
O 5CR AC 1 -34.86 0.18 19.00
CB 5CR AC 1 -32.11 1.46 17.81
CG 5CR AC 1 -31.24 0.39 17.15
CD1 5CR AC 1 -30.55 0.69 16.01
CE1 5CR AC 1 -29.76 -0.27 15.41
CZ 5CR AC 1 -29.64 -1.53 15.96
CE2 5CR AC 1 -30.33 -1.84 17.11
CD2 5CR AC 1 -31.11 -0.88 17.71
N LYS AC 2 -33.98 -1.03 17.29
CA LYS AC 2 -34.24 -2.32 17.90
C LYS AC 2 -33.32 -3.33 17.24
N PHE AC 3 -33.07 -4.44 17.93
CA PHE AC 3 -32.18 -5.46 17.44
C PHE AC 3 -32.75 -6.83 17.80
N GLU AC 4 -32.29 -7.83 17.08
CA GLU AC 4 -32.59 -9.22 17.41
C GLU AC 4 -31.49 -10.07 16.79
N PHE AC 5 -31.20 -11.20 17.43
CA PHE AC 5 -30.20 -12.10 16.89
C PHE AC 5 -30.36 -13.48 17.50
N LYS AC 6 -29.97 -14.48 16.73
CA LYS AC 6 -29.84 -15.84 17.27
C LYS AC 6 -28.74 -16.54 16.49
N PHE AC 7 -27.90 -17.27 17.20
CA PHE AC 7 -26.92 -18.09 16.54
C PHE AC 7 -27.33 -19.54 16.61
N GMA AC 8 -26.39 -20.42 16.30
CA GMA AC 8 -26.59 -21.85 16.38
CD GMA AC 8 -25.28 -22.59 16.12
O1 GMA AC 8 -24.25 -22.01 15.69
CB GMA AC 8 -27.63 -22.39 15.38
CG GMA AC 8 -28.69 -23.20 16.08
C GMA AC 8 -28.30 -24.69 16.16
O GMA AC 8 -27.19 -25.01 16.67
OXT GMA AC 8 -29.13 -25.53 15.69
N2 GMA AC 8 -25.24 -23.93 16.39
CAA 5CR BC 1 -25.96 -21.71 19.94
CAL 5CR BC 1 -26.40 -20.64 20.93
OAB 5CR BC 1 -27.21 -20.89 21.76
N 5CR BC 1 -25.85 -19.31 20.84
CA 5CR BC 1 -26.30 -18.34 21.82
C 5CR BC 1 -27.34 -17.40 21.20
O 5CR BC 1 -27.94 -17.72 20.15
CB 5CR BC 1 -25.13 -17.55 22.38
CG 5CR BC 1 -24.42 -16.70 21.33
CD1 5CR BC 1 -23.56 -17.28 20.42
CE1 5CR BC 1 -22.92 -16.50 19.48
CZ 5CR BC 1 -23.13 -15.14 19.45
CE2 5CR BC 1 -23.98 -14.55 20.37
CD2 5CR BC 1 -24.63 -15.33 21.31
N LYS BC 2 -27.55 -16.27 21.85
CA LYS BC 2 -28.57 -15.32 21.44
C LYS BC 2 -28.13 -13.94 21.89
N PHE BC 3 -28.69 -12.90 21.29
CA PHE BC 3 -28.27 -11.54 21.60
C PHE BC 3 -29.46 -10.62 21.37
N GLU BC 4 -29.39 -9.44 21.99
CA GLU BC 4 -30.34 -8.37 21.72
C GLU BC 4 -29.63 -7.06 21.97
N PHE BC 5 -30.18 -6.00 21.40
CA PHE BC 5 -29.68 -4.65 21.67
C PHE BC 5 -30.83 -3.68 21.47
N LYS BC 6 -30.73 -2.51 22.09
CA LYS BC 6 -31.67 -1.44 21.84
C LYS BC 6 -31.04 -0.11 22.21
N PHE BC 7 -31.09 0.84 21.30
CA PHE BC 7 -30.56 2.17 21.55
C PHE BC 7 -31.69 3.18 21.53
N GMA BC 8 -31.45 4.37 22.07
CA GMA BC 8 -32.39 5.46 21.94
CD GMA BC 8 -31.67 6.81 21.86
O1 GMA BC 8 -30.86 7.21 22.72
CB GMA BC 8 -33.39 5.53 23.10
CG GMA BC 8 -33.97 6.92 23.26
C GMA BC 8 -35.47 6.94 22.92
O GMA BC 8 -36.16 7.94 23.29
OXT GMA BC 8 -35.94 5.96 22.29
N2 GMA BC 8 -31.95 7.62 20.79
CAA 5CR CC 1 -32.85 29.09 -3.93
CAL 5CR CC 1 -32.75 27.59 -4.18
OAB 5CR CC 1 -31.97 27.17 -4.96
N 5CR CC 1 -33.63 26.69 -3.45
CA 5CR CC 1 -33.59 25.25 -3.64
C 5CR CC 1 -34.63 24.58 -2.75
O 5CR CC 1 -35.04 25.15 -1.71
CB 5CR CC 1 -32.22 24.69 -3.27
CG 5CR CC 1 -32.01 23.26 -3.77
CD1 5CR CC 1 -31.34 23.06 -4.96
CE1 5CR CC 1 -31.14 21.78 -5.41
CZ 5CR CC 1 -31.60 20.69 -4.69
CE2 5CR CC 1 -32.27 20.89 -3.51
CD2 5CR CC 1 -32.46 22.17 -3.06
N LYS CC 2 -35.07 23.40 -3.15
CA LYS CC 2 -35.81 22.53 -2.26
C LYS CC 2 -35.64 21.11 -2.74
N PHE CC 3 -35.94 20.15 -1.86
CA PHE CC 3 -35.75 18.75 -2.18
C PHE CC 3 -36.85 17.96 -1.50
N GLU CC 4 -37.09 16.76 -2.01
CA GLU CC 4 -38.01 15.83 -1.38
C GLU CC 4 -37.57 14.43 -1.77
N PHE CC 5 -37.90 13.46 -0.93
CA PHE CC 5 -37.44 12.10 -1.15
C PHE CC 5 -38.27 11.16 -0.32
N LYS CC 6 -38.67 10.03 -0.92
CA LYS CC 6 -39.13 8.89 -0.16
C LYS CC 6 -38.59 7.64 -0.82
N PHE CC 7 -38.09 6.72 -0.02
CA PHE CC 7 -37.66 5.44 -0.54
C PHE CC 7 -38.64 4.37 -0.11
N GMA CC 8 -38.28 3.12 -0.35
CA GMA CC 8 -39.09 2.00 0.05
CD GMA CC 8 -38.35 0.67 -0.15
O1 GMA CC 8 -37.23 0.59 -0.67
CB GMA CC 8 -40.41 1.89 -0.71
CG GMA CC 8 -41.59 1.93 0.23
C GMA CC 8 -41.96 0.50 0.69
O GMA CC 8 -41.08 -0.19 1.27
OXT GMA CC 8 -43.15 0.12 0.49
N2 GMA CC 8 -38.99 -0.47 0.27
CAA 5CR DC 1 -37.74 2.24 3.41
CAL 5CR DC 1 -37.54 3.53 4.22
OAB 5CR DC 1 -38.19 3.74 5.19
N 5CR DC 1 -36.55 4.50 3.80
CA 5CR DC 1 -36.41 5.70 4.60
C 5CR DC 1 -36.99 6.90 3.88
O 5CR DC 1 -37.81 6.77 2.95
CB 5CR DC 1 -34.94 5.94 4.93
CG 5CR DC 1 -34.08 6.10 3.67
CD1 5CR DC 1 -33.60 4.99 3.01
CE1 5CR DC 1 -32.82 5.13 1.88
CZ 5CR DC 1 -32.52 6.40 1.42
CE2 5CR DC 1 -32.99 7.52 2.07
CD2 5CR DC 1 -33.77 7.36 3.20
N LYS DC 2 -36.57 8.08 4.33
CA LYS DC 2 -37.06 9.33 3.77
C LYS DC 2 -35.92 10.33 3.88
N PHE DC 3 -35.95 11.36 3.03
CA PHE DC 3 -34.87 12.33 3.04
C PHE DC 3 -35.42 13.69 2.65
N GLU DC 4 -34.68 14.73 2.99
CA GLU DC 4 -34.99 16.07 2.53
C GLU DC 4 -33.70 16.87 2.49
N PHE DC 5 -33.70 17.93 1.71
CA PHE DC 5 -32.58 18.86 1.68
C PHE DC 5 -33.12 20.23 1.31
N LYS DC 6 -32.37 21.27 1.68
CA LYS DC 6 -32.70 22.62 1.24
C LYS DC 6 -31.45 23.47 1.29
N PHE DC 7 -31.20 24.20 0.21
CA PHE DC 7 -30.05 25.08 0.12
C PHE DC 7 -30.52 26.51 -0.03
N GMA DC 8 -29.63 27.47 0.22
CA GMA DC 8 -29.92 28.85 -0.07
CD GMA DC 8 -28.66 29.61 -0.49
O1 GMA DC 8 -27.62 29.66 0.20
CB GMA DC 8 -30.53 29.61 1.11
CG GMA DC 8 -30.34 31.10 0.99
C GMA DC 8 -31.66 31.82 0.67
O GMA DC 8 -31.71 33.07 0.82
OXT GMA DC 8 -32.64 31.11 0.28
N2 GMA DC 8 -28.68 30.25 -1.71
CAA 5CR EC 1 9.97 38.94 -18.05
CAL 5CR EC 1 8.64 38.31 -17.61
OAB 5CR EC 1 8.30 37.29 -18.09
N 5CR EC 1 7.84 38.99 -16.60
CA 5CR EC 1 6.58 38.44 -16.13
C 5CR EC 1 5.96 39.37 -15.10
O 5CR EC 1 6.69 40.16 -14.46
CB 5CR EC 1 6.78 37.06 -15.50
CG 5CR EC 1 5.46 36.31 -15.30
CD1 5CR EC 1 5.06 35.41 -16.26
CE1 5CR EC 1 3.88 34.73 -16.08
CZ 5CR EC 1 3.10 34.93 -14.95
CE2 5CR EC 1 3.50 35.83 -13.99
CD2 5CR EC 1 4.69 36.50 -14.17
N LYS EC 2 4.65 39.30 -14.94
CA LYS EC 2 3.99 39.88 -13.80
C LYS EC 2 2.69 39.16 -13.57
N PHE EC 3 2.12 39.33 -12.38
CA PHE EC 3 0.90 38.65 -12.02
C PHE EC 3 0.08 39.56 -11.13
N GLU EC 4 -1.21 39.27 -11.02
CA GLU EC 4 -2.07 39.96 -10.09
C GLU EC 4 -3.24 39.03 -9.80
N PHE EC 5 -3.82 39.16 -8.62
CA PHE EC 5 -4.86 38.23 -8.22
C PHE EC 5 -5.70 38.86 -7.12
N LYS EC 6 -7.01 38.63 -7.20
CA LYS EC 6 -7.86 38.86 -6.04
C LYS EC 6 -8.95 37.80 -6.06
N PHE EC 7 -9.26 37.26 -4.88
CA PHE EC 7 -10.34 36.32 -4.76
C PHE EC 7 -11.44 36.93 -3.92
N GMA EC 8 -12.42 36.11 -3.58
CA GMA EC 8 -13.52 36.53 -2.76
CD GMA EC 8 -14.40 35.35 -2.33
O1 GMA EC 8 -14.20 34.18 -2.72
CB GMA EC 8 -14.44 37.56 -3.44
CG GMA EC 8 -14.58 38.81 -2.61
C GMA EC 8 -15.79 38.72 -1.65
O GMA EC 8 -15.85 37.75 -0.85
OXT GMA EC 8 -16.66 39.63 -1.74
N2 GMA EC 8 -15.45 35.60 -1.48
CAA 5CR FC 1 -11.42 36.05 0.16
CAL 5CR FC 1 -9.97 36.48 0.36
OAB 5CR FC 1 -9.68 37.26 1.20
N 5CR FC 1 -8.93 35.93 -0.48
CA 5CR FC 1 -7.57 36.37 -0.24
C 5CR FC 1 -7.06 37.19 -1.42
O 5CR FC 1 -7.86 37.81 -2.17
CB 5CR FC 1 -6.65 35.18 0.01
CG 5CR FC 1 -6.74 34.14 -1.11
CD1 5CR FC 1 -7.72 33.17 -1.06
CE1 5CR FC 1 -7.80 32.22 -2.06
CZ 5CR FC 1 -6.89 32.24 -3.11
CE2 5CR FC 1 -5.91 33.21 -3.14
CD2 5CR FC 1 -5.83 34.16 -2.14
N LYS FC 2 -5.74 37.20 -1.59
CA LYS FC 2 -5.11 37.96 -2.64
C LYS FC 2 -3.78 37.29 -2.93
N PHE FC 3 -3.24 37.52 -4.12
CA PHE FC 3 -2.00 36.85 -4.49
C PHE FC 3 -1.25 37.72 -5.49
N GLU FC 4 0.05 37.48 -5.59
CA GLU FC 4 0.87 38.09 -6.62
C GLU FC 4 2.02 37.15 -6.94
N PHE FC 5 2.58 37.31 -8.13
CA PHE FC 5 3.78 36.57 -8.50
C PHE FC 5 4.58 37.44 -9.46
N LYS FC 6 5.87 37.15 -9.57
CA LYS FC 6 6.72 37.80 -10.56
C LYS FC 6 7.92 36.91 -10.83
N PHE FC 7 8.21 36.69 -12.11
CA PHE FC 7 9.36 35.90 -12.50
C PHE FC 7 10.30 36.75 -13.34
N GMA FC 8 11.55 36.31 -13.49
CA GMA FC 8 12.46 36.95 -14.41
CD GMA FC 8 13.39 35.93 -15.08
O1 GMA FC 8 14.12 35.16 -14.45
CB GMA FC 8 13.34 38.00 -13.74
CG GMA FC 8 14.56 38.32 -14.57
C GMA FC 8 14.54 39.79 -15.04
O GMA FC 8 15.62 40.31 -15.42
OXT GMA FC 8 13.42 40.39 -15.03
N2 GMA FC 8 13.40 35.89 -16.45
CAA 5CR GC 1 29.54 0.00 -32.91
CAL 5CR GC 1 28.64 1.09 -32.33
OAB 5CR GC 1 27.46 0.95 -32.39
N 5CR GC 1 29.24 2.28 -31.74
CA 5CR GC 1 28.44 3.34 -31.17
C 5CR GC 1 29.33 4.43 -30.62
O 5CR GC 1 30.48 4.16 -30.19
CB 5CR GC 1 27.56 2.82 -30.03
CG 5CR GC 1 26.51 3.83 -29.57
CD1 5CR GC 1 25.21 3.68 -30.02
CE1 5CR GC 1 24.26 4.59 -29.60
CZ 5CR GC 1 24.58 5.62 -28.74
CE2 5CR GC 1 25.87 5.76 -28.30
CD2 5CR GC 1 26.82 4.85 -28.70
N LYS GC 2 28.85 5.66 -30.64
CA LYS GC 2 29.44 6.72 -29.83
C LYS GC 2 28.35 7.67 -29.39
N PHE GC 3 28.57 8.29 -28.25
CA PHE GC 3 27.66 9.30 -27.74
C PHE GC 3 28.48 10.51 -27.35
N GLU GC 4 27.83 11.66 -27.31
CA GLU GC 4 28.45 12.86 -26.79
C GLU GC 4 27.35 13.74 -26.23
N PHE GC 5 27.73 14.63 -25.32
CA PHE GC 5 26.74 15.41 -24.59
C PHE GC 5 27.41 16.63 -24.01
N LYS GC 6 26.66 17.72 -23.94
CA LYS GC 6 27.02 18.80 -23.04
C LYS GC 6 25.76 19.55 -22.65
N PHE GC 7 25.48 19.61 -21.36
CA PHE GC 7 24.35 20.38 -20.89
C PHE GC 7 24.83 21.76 -20.50
N GMA GC 8 23.94 22.53 -19.88
CA GMA GC 8 24.26 23.85 -19.41
CD GMA GC 8 23.11 24.44 -18.57
O1 GMA GC 8 22.06 23.82 -18.32
CB GMA GC 8 24.56 24.85 -20.52
CG GMA GC 8 25.96 25.42 -20.38
C GMA GC 8 25.95 26.70 -19.52
O GMA GC 8 25.31 26.70 -18.43
OXT GMA GC 8 26.59 27.69 -19.97
N2 GMA GC 8 23.27 25.72 -18.10
CAA 5CR HC 1 25.74 22.48 -16.40
CAL 5CR HC 1 26.73 21.33 -16.35
OAB 5CR HC 1 27.85 21.52 -16.02
N 5CR HC 1 26.30 19.99 -16.73
CA 5CR HC 1 27.28 18.94 -16.66
C 5CR HC 1 27.70 18.50 -18.06
O 5CR HC 1 27.60 19.28 -19.04
CB 5CR HC 1 26.74 17.75 -15.88
CG 5CR HC 1 25.41 17.24 -16.46
CD1 5CR HC 1 24.22 17.84 -16.07
CE1 5CR HC 1 23.03 17.38 -16.58
CZ 5CR HC 1 23.02 16.32 -17.47
CE2 5CR HC 1 24.21 15.71 -17.85
CD2 5CR HC 1 25.40 16.18 -17.34
N LYS HC 2 28.16 17.27 -18.17
CA LYS HC 2 28.62 16.72 -19.42
C LYS HC 2 28.50 15.21 -19.33
N PHE HC 3 28.39 14.54 -20.46
CA PHE HC 3 28.19 13.09 -20.42
C PHE HC 3 28.79 12.49 -21.68
N GLU HC 4 29.11 11.20 -21.59
CA GLU HC 4 29.52 10.43 -22.74
C GLU HC 4 29.08 9.00 -22.55
N PHE HC 5 28.94 8.28 -23.65
CA PHE HC 5 28.66 6.86 -23.60
C PHE HC 5 29.31 6.19 -24.81
N LYS HC 6 29.54 4.89 -24.70
CA LYS HC 6 30.00 4.12 -25.84
C LYS HC 6 29.60 2.66 -25.65
N PHE HC 7 29.12 2.05 -26.71
CA PHE HC 7 28.75 0.63 -26.67
C PHE HC 7 29.52 -0.12 -27.74
N GMA HC 8 29.57 -1.43 -27.63
CA GMA HC 8 30.11 -2.26 -28.69
CD GMA HC 8 29.40 -3.62 -28.75
O1 GMA HC 8 29.34 -4.39 -27.79
CB GMA HC 8 31.61 -2.52 -28.55
CG GMA HC 8 32.04 -3.75 -29.31
C GMA HC 8 33.08 -3.40 -30.40
O GMA HC 8 33.75 -4.35 -30.90
OXT GMA HC 8 33.21 -2.20 -30.73
N2 GMA HC 8 28.83 -3.98 -29.95
CAA 5CR IC 1 -1.27 -34.02 -27.96
CAL 5CR IC 1 -0.46 -32.73 -28.00
OAB 5CR IC 1 -1.04 -31.70 -28.05
N 5CR IC 1 0.99 -32.79 -27.98
CA 5CR IC 1 1.81 -31.60 -28.00
C 5CR IC 1 3.28 -32.00 -28.00
O 5CR IC 1 3.63 -33.10 -27.51
CB 5CR IC 1 1.53 -30.71 -26.80
CG 5CR IC 1 2.18 -29.33 -26.92
CD1 5CR IC 1 1.43 -28.27 -27.37
CE1 5CR IC 1 2.01 -27.02 -27.48
CZ 5CR IC 1 3.34 -26.83 -27.13
CE2 5CR IC 1 4.09 -27.88 -26.69
CD2 5CR IC 1 3.51 -29.12 -26.56
N LYS IC 2 4.12 -31.15 -28.53
CA LYS IC 2 5.56 -31.27 -28.34
C LYS IC 2 6.16 -29.87 -28.42
N PHE IC 3 7.23 -29.65 -27.69
CA PHE IC 3 7.90 -28.36 -27.68
C PHE IC 3 9.40 -28.59 -27.76
N GLU IC 4 10.09 -27.62 -28.33
CA GLU IC 4 11.54 -27.62 -28.34
C GLU IC 4 12.00 -26.17 -28.31
N PHE IC 5 13.19 -25.94 -27.76
CA PHE IC 5 13.68 -24.58 -27.64
C PHE IC 5 15.19 -24.62 -27.44
N LYS IC 6 15.84 -23.55 -27.89
CA LYS IC 6 17.23 -23.33 -27.53
C LYS IC 6 17.48 -21.84 -27.55
N PHE IC 7 18.18 -21.35 -26.54
CA PHE IC 7 18.57 -19.94 -26.53
C PHE IC 7 20.05 -19.84 -26.81
N GMA IC 8 20.60 -18.64 -26.62
CA GMA IC 8 22.00 -18.39 -26.81
CD GMA IC 8 22.37 -16.98 -26.33
O1 GMA IC 8 21.53 -16.15 -25.96
CB GMA IC 8 22.46 -18.51 -28.27
CG GMA IC 8 23.58 -19.52 -28.40
C GMA IC 8 24.95 -18.84 -28.21
O GMA IC 8 25.18 -18.24 -27.13
OXT GMA IC 8 25.77 -18.93 -29.16
N2 GMA IC 8 23.71 -16.67 -26.33
CAA 5CR JC 1 22.39 -19.64 -23.42
CAL 5CR JC 1 21.87 -20.92 -22.78
OAB 5CR JC 1 22.62 -21.68 -22.26
N 5CR JC 1 20.45 -21.23 -22.82
CA 5CR JC 1 20.02 -22.46 -22.19
C 5CR JC 1 19.21 -23.30 -23.17
O 5CR JC 1 19.45 -23.25 -24.40
CB 5CR JC 1 19.21 -22.17 -20.93
CG 5CR JC 1 18.07 -21.17 -21.17
CD1 5CR JC 1 18.33 -19.80 -21.19
CE1 5CR JC 1 17.29 -18.91 -21.40
CZ 5CR JC 1 16.00 -19.38 -21.56
CE2 5CR JC 1 15.75 -20.73 -21.53
CD2 5CR JC 1 16.78 -21.63 -21.33
N LYS JC 2 18.24 -24.03 -22.64
CA LYS JC 2 17.46 -24.95 -23.43
C LYS JC 2 16.15 -25.20 -22.69
N PHE JC 3 15.15 -25.69 -23.39
CA PHE JC 3 13.86 -25.92 -22.76
C PHE JC 3 13.11 -26.98 -23.54
N GLU JC 4 12.15 -27.61 -22.88
CA GLU JC 4 11.23 -28.52 -23.54
C GLU JC 4 9.92 -28.50 -22.78
N PHE JC 5 8.85 -28.91 -23.45
CA PHE JC 5 7.57 -29.12 -22.80
C PHE JC 5 6.82 -30.19 -23.56
N LYS JC 6 5.88 -30.83 -22.90
CA LYS JC 6 4.98 -31.77 -23.57
C LYS JC 6 3.70 -31.91 -22.77
N PHE JC 7 2.57 -31.89 -23.46
CA PHE JC 7 1.28 -32.00 -22.81
C PHE JC 7 0.50 -33.18 -23.38
N GMA JC 8 -0.52 -33.63 -22.66
CA GMA JC 8 -1.42 -34.64 -23.18
CD GMA JC 8 -2.87 -34.36 -22.77
O1 GMA JC 8 -3.22 -34.23 -21.58
CB GMA JC 8 -1.08 -36.05 -22.72
CG GMA JC 8 -2.22 -37.01 -22.96
C GMA JC 8 -1.86 -38.03 -24.05
O GMA JC 8 -2.49 -39.12 -24.07
OXT GMA JC 8 -0.95 -37.71 -24.86
N2 GMA JC 8 -3.81 -34.27 -23.77
CAA 5CR KC 1 -39.77 -15.99 -10.12
CAL 5CR KC 1 -38.38 -16.32 -10.65
OAB 5CR KC 1 -37.74 -15.46 -11.14
N 5CR KC 1 -37.88 -17.68 -10.54
CA 5CR KC 1 -36.56 -18.07 -11.01
C 5CR KC 1 -36.35 -19.55 -10.77
O 5CR KC 1 -36.98 -20.15 -9.87
CB 5CR KC 1 -35.47 -17.28 -10.29
CG 5CR KC 1 -34.11 -17.47 -10.95
CD1 5CR KC 1 -33.69 -16.54 -11.87
CE1 5CR KC 1 -32.46 -16.69 -12.47
CZ 5CR KC 1 -31.64 -17.76 -12.15
CE2 5CR KC 1 -32.05 -18.68 -11.22
CD2 5CR KC 1 -33.28 -18.52 -10.61
N LYS KC 2 -35.47 -20.15 -11.57
CA LYS KC 2 -34.94 -21.47 -11.26
C LYS KC 2 -33.57 -21.58 -11.91
N PHE KC 3 -32.75 -22.49 -11.39
CA PHE KC 3 -31.40 -22.66 -11.89
C PHE KC 3 -31.06 -24.14 -11.89
N GLU KC 4 -30.06 -24.48 -12.69
CA GLU KC 4 -29.50 -25.83 -12.67
C GLU KC 4 -28.09 -25.73 -13.21
N PHE KC 5 -27.21 -26.60 -12.75
CA PHE KC 5 -25.85 -26.60 -13.25
C PHE KC 5 -25.18 -27.92 -12.93
N LYS KC 6 -24.24 -28.31 -13.78
CA LYS KC 6 -23.35 -29.42 -13.48
C LYS KC 6 -22.03 -29.16 -14.16
N PHE KC 7 -20.94 -29.43 -13.45
CA PHE KC 7 -19.63 -29.35 -14.04
C PHE KC 7 -19.11 -30.74 -14.31
N GMA KC 8 -17.81 -30.82 -14.61
CA GMA KC 8 -17.14 -32.07 -14.82
CD GMA KC 8 -15.64 -31.84 -14.96
O1 GMA KC 8 -15.13 -30.72 -15.08
CB GMA KC 8 -17.60 -32.84 -16.07
CG GMA KC 8 -18.00 -34.25 -15.72
C GMA KC 8 -16.81 -35.22 -15.86
O GMA KC 8 -15.75 -34.97 -15.22
OXT GMA KC 8 -16.96 -36.22 -16.61
N2 GMA KC 8 -14.82 -32.94 -14.94
CAA 5CR LC 1 -16.86 -32.51 -11.24
CAL 5CR LC 1 -17.90 -32.17 -10.17
OAB 5CR LC 1 -18.42 -33.02 -9.56
N 5CR LC 1 -18.24 -30.79 -9.90
CA 5CR LC 1 -19.22 -30.53 -8.88
C 5CR LC 1 -20.58 -30.23 -9.49
O 5CR LC 1 -20.84 -30.55 -10.68
CB 5CR LC 1 -18.78 -29.39 -7.97
CG 5CR LC 1 -18.66 -28.06 -8.71
CD1 5CR LC 1 -17.59 -27.80 -9.54
CE1 5CR LC 1 -17.49 -26.59 -10.20
CZ 5CR LC 1 -18.47 -25.63 -10.01
CE2 5CR LC 1 -19.55 -25.88 -9.18
CD2 5CR LC 1 -19.64 -27.09 -8.52
N LYS LC 2 -21.46 -29.62 -8.71
CA LYS LC 2 -22.81 -29.35 -9.12
C LYS LC 2 -23.30 -28.13 -8.36
N PHE LC 3 -24.35 -27.48 -8.86
CA PHE LC 3 -24.83 -26.27 -8.23
C PHE LC 3 -26.32 -26.15 -8.51
N GLU LC 4 -26.99 -25.35 -7.69
CA GLU LC 4 -28.37 -24.98 -7.93
C GLU LC 4 -28.61 -23.61 -7.32
N PHE LC 5 -29.65 -22.94 -7.79
CA PHE LC 5 -30.06 -21.68 -7.20
C PHE LC 5 -31.55 -21.51 -7.43
N LYS LC 6 -32.19 -20.69 -6.60
CA LYS LC 6 -33.58 -20.33 -6.83
C LYS LC 6 -33.87 -19.02 -6.10
N PHE LC 7 -34.44 -18.07 -6.83
CA PHE LC 7 -34.81 -16.79 -6.25
C PHE LC 7 -36.32 -16.63 -6.30
N GMA LC 8 -36.86 -15.70 -5.52
CA GMA LC 8 -38.25 -15.34 -5.62
CD GMA LC 8 -38.47 -13.85 -5.32
O1 GMA LC 8 -38.09 -13.30 -4.27
CB GMA LC 8 -39.15 -16.14 -4.67
CG GMA LC 8 -40.45 -15.43 -4.37
C GMA LC 8 -41.65 -16.18 -4.98
O GMA LC 8 -42.81 -15.86 -4.57
OXT GMA LC 8 -41.41 -17.05 -5.85
N2 GMA LC 8 -39.13 -13.11 -6.27
CAA 5CR MC 1 8.24 36.39 16.42
CAL 5CR MC 1 7.18 35.32 16.69
OAB 5CR MC 1 7.22 34.30 16.07
N 5CR MC 1 6.16 35.55 17.69
CA 5CR MC 1 5.14 34.57 17.99
C 5CR MC 1 4.21 35.11 19.07
O 5CR MC 1 4.61 35.97 19.87
CB 5CR MC 1 5.76 33.27 18.49
CG 5CR MC 1 4.78 32.11 18.49
CD1 5CR MC 1 4.79 31.23 17.42
CE1 5CR MC 1 3.90 30.17 17.42
CZ 5CR MC 1 3.02 29.97 18.47
CE2 5CR MC 1 3.01 30.84 19.53
CD2 5CR MC 1 3.90 31.90 19.54
N LYS MC 2 2.98 34.60 19.10
CA LYS MC 2 2.12 34.77 20.25
C LYS MC 2 1.12 33.64 20.26
N PHE MC 3 0.48 33.44 21.40
CA PHE MC 3 -0.46 32.35 21.57
C PHE MC 3 -1.55 32.80 22.50
N GLU MC 4 -2.69 32.12 22.43
CA GLU MC 4 -3.79 32.33 23.35
C GLU MC 4 -4.57 31.04 23.43
N PHE MC 5 -5.25 30.84 24.56
CA PHE MC 5 -5.94 29.59 24.79
C PHE MC 5 -6.95 29.79 25.91
N LYS MC 6 -8.14 29.23 25.72
CA LYS MC 6 -9.05 29.01 26.83
C LYS MC 6 -9.74 27.68 26.61
N PHE MC 7 -9.83 26.88 27.66
CA PHE MC 7 -10.58 25.65 27.59
C PHE MC 7 -11.86 25.79 28.37
N GMA MC 8 -12.55 24.67 28.55
CA GMA MC 8 -13.78 24.65 29.32
CD GMA MC 8 -14.26 23.21 29.55
O1 GMA MC 8 -13.69 22.21 29.06
CB GMA MC 8 -14.93 25.40 28.66
CG GMA MC 8 -15.45 26.50 29.56
C GMA MC 8 -16.57 25.97 30.48
O GMA MC 8 -16.31 24.98 31.22
OXT GMA MC 8 -17.68 26.55 30.44
N2 GMA MC 8 -15.37 23.05 30.34
CAA 5CR NC 1 -11.81 24.49 32.38
CAL 5CR NC 1 -10.58 25.32 32.70
OAB 5CR NC 1 -10.61 26.14 33.56
N 5CR NC 1 -9.36 25.12 31.97
CA 5CR NC 1 -8.22 25.94 32.32
C 5CR NC 1 -7.95 26.99 31.25
O 5CR NC 1 -8.84 27.32 30.43
CB 5CR NC 1 -6.97 25.08 32.51
CG 5CR NC 1 -6.62 24.28 31.25
CD1 5CR NC 1 -7.25 23.07 30.99
CE1 5CR NC 1 -6.92 22.35 29.86
CZ 5CR NC 1 -5.96 22.84 29.00
CE2 5CR NC 1 -5.32 24.03 29.25
CD2 5CR NC 1 -5.65 24.76 30.39
N LYS NC 2 -6.74 27.53 31.27
CA LYS NC 2 -6.33 28.57 30.34
C LYS NC 2 -4.85 28.38 30.08
N PHE NC 3 -4.37 28.88 28.95
CA PHE NC 3 -2.97 28.69 28.61
C PHE NC 3 -2.50 29.88 27.80
N GLU NC 4 -1.19 30.07 27.76
CA GLU NC 4 -0.57 31.05 26.89
C GLU NC 4 0.83 30.59 26.56
N PHE NC 5 1.36 31.10 25.47
CA PHE NC 5 2.75 30.85 25.10
C PHE NC 5 3.25 32.06 24.32
N LYS NC 6 4.57 32.23 24.30
CA LYS NC 6 5.18 33.24 23.45
C LYS NC 6 6.62 32.87 23.18
N PHE NC 7 7.00 32.92 21.92
CA PHE NC 7 8.37 32.60 21.52
C PHE NC 7 9.01 33.83 20.91
N GMA NC 8 10.34 33.83 20.80
CA GMA NC 8 11.03 34.87 20.07
CD GMA NC 8 12.30 34.32 19.39
O1 GMA NC 8 13.21 33.73 20.01
CB GMA NC 8 11.46 36.05 20.95
CG GMA NC 8 12.59 36.82 20.34
C GMA NC 8 12.13 38.20 19.83
O GMA NC 8 13.01 39.07 19.55
OXT GMA NC 8 10.88 38.39 19.71
N2 GMA NC 8 12.41 34.50 18.04
CAA 5CR OC 1 40.01 7.89 -1.08
CAL 5CR OC 1 38.82 8.57 -0.44
OAB 5CR OC 1 37.75 8.07 -0.54
N 5CR OC 1 39.01 9.80 0.31
CA 5CR OC 1 37.91 10.49 0.96
C 5CR OC 1 38.42 11.75 1.63
O 5CR OC 1 39.62 11.84 1.96
CB 5CR OC 1 37.25 9.60 2.00
CG 5CR OC 1 35.91 10.14 2.47
CD1 5CR OC 1 34.75 9.67 1.88
CE1 5CR OC 1 33.53 10.15 2.30
CZ 5CR OC 1 33.45 11.09 3.31
CE2 5CR OC 1 34.60 11.56 3.91
CD2 5CR OC 1 35.82 11.07 3.49
N LYS OC 2 37.53 12.71 1.84
CA LYS OC 2 37.80 13.82 2.74
C LYS OC 2 36.48 14.38 3.22
N PHE OC 3 36.53 15.15 4.30
CA PHE OC 3 35.33 15.70 4.89
C PHE OC 3 35.65 17.07 5.45
N GLU OC 4 34.62 17.87 5.66
CA GLU OC 4 34.76 19.14 6.34
C GLU OC 4 33.40 19.48 6.95
N PHE OC 5 33.42 20.24 8.02
CA PHE OC 5 32.18 20.50 8.73
C PHE OC 5 32.35 21.75 9.58
N LYS OC 6 31.31 22.57 9.61
CA LYS OC 6 31.18 23.59 10.65
C LYS OC 6 29.72 23.72 11.01
N PHE OC 7 29.45 23.85 12.29
CA PHE OC 7 28.10 24.08 12.75
C PHE OC 7 28.00 25.45 13.36
N GMA OC 8 26.86 25.74 13.98
CA GMA OC 8 26.64 27.00 14.64
CD GMA OC 8 25.34 26.98 15.45
O1 GMA OC 8 24.55 26.01 15.46
CB GMA OC 8 26.56 28.20 13.68
CG GMA OC 8 27.56 29.26 14.04
C GMA OC 8 26.94 30.29 15.00
O GMA OC 8 26.43 29.90 16.08
OXT GMA OC 8 26.96 31.51 14.63
N2 GMA OC 8 25.04 28.10 16.19
CAA 5CR PC 1 28.48 25.73 17.50
CAL 5CR PC 1 29.80 24.96 17.52
OAB 5CR PC 1 30.74 25.43 18.05
N 5CR PC 1 29.89 23.67 16.88
CA 5CR PC 1 31.17 22.99 16.93
C 5CR PC 1 31.77 22.89 15.54
O 5CR PC 1 31.46 23.71 14.64
CB 5CR PC 1 31.01 21.60 17.54
CG 5CR PC 1 29.93 20.78 16.84
CD1 5CR PC 1 28.60 20.89 17.23
CE1 5CR PC 1 27.63 20.15 16.60
CZ 5CR PC 1 27.99 19.27 15.59
CE2 5CR PC 1 29.31 19.14 15.21
CD2 5CR PC 1 30.28 19.89 15.84
N LYS PC 2 32.60 21.87 15.35
CA LYS PC 2 33.29 21.68 14.09
C LYS PC 2 33.62 20.20 14.00
N PHE PC 3 33.84 19.69 12.80
CA PHE PC 3 34.11 18.27 12.64
C PHE PC 3 34.96 18.06 11.40
N GLU PC 4 35.62 16.92 11.36
CA GLU PC 4 36.34 16.49 10.17
C GLU PC 4 36.36 14.97 10.15
N PHE PC 5 36.54 14.40 8.97
CA PHE PC 5 36.73 12.97 8.83
C PHE PC 5 37.61 12.72 7.62
N LYS PC 6 38.25 11.55 7.59
CA LYS PC 6 39.01 11.14 6.42
C LYS PC 6 39.13 9.62 6.43
N PHE PC 7 38.83 9.00 5.30
CA PHE PC 7 38.95 7.56 5.17
C PHE PC 7 39.95 7.23 4.07
N GMA PC 8 40.43 5.99 4.05
CA GMA PC 8 41.25 5.53 2.95
CD GMA PC 8 40.99 4.05 2.63
O1 GMA PC 8 41.10 3.14 3.48
CB GMA PC 8 42.75 5.68 3.22
CG GMA PC 8 43.57 4.81 2.30
C GMA PC 8 44.45 5.66 1.37
O GMA PC 8 45.44 5.10 0.81
OXT GMA PC 8 44.13 6.87 1.20
N2 GMA PC 8 40.61 3.73 1.35
CAA 5CR QC 1 22.10 -34.50 -2.57
CAL 5CR QC 1 22.40 -33.02 -2.38
OAB 5CR QC 1 21.50 -32.24 -2.35
N 5CR QC 1 23.78 -32.58 -2.22
CA 5CR QC 1 24.13 -31.19 -2.01
C 5CR QC 1 25.64 -31.05 -1.89
O 5CR QC 1 26.33 -32.00 -1.41
CB 5CR QC 1 23.49 -30.64 -0.75
CG 5CR QC 1 23.60 -29.12 -0.64
CD1 5CR QC 1 22.52 -28.33 -0.98
CE1 5CR QC 1 22.62 -26.96 -0.87
CZ 5CR QC 1 23.79 -26.36 -0.41
CE2 5CR QC 1 24.86 -27.15 -0.06
CD2 5CR QC 1 24.75 -28.52 -0.16
N LYS QC 2 26.17 -29.91 -2.30
CA LYS QC 2 27.51 -29.52 -1.90
C LYS QC 2 27.56 -28.01 -1.79
N PHE QC 3 28.44 -27.54 -0.91
CA PHE QC 3 28.66 -26.11 -0.75
C PHE QC 3 30.16 -25.88 -0.81
N GLU QC 4 30.53 -24.64 -1.13
CA GLU QC 4 31.92 -24.24 -1.06
C GLU QC 4 31.95 -22.74 -0.80
N PHE QC 5 33.06 -22.28 -0.24
CA PHE QC 5 33.13 -20.90 0.21
C PHE QC 5 34.58 -20.50 0.32
N LYS QC 6 34.87 -19.23 0.04
CA LYS QC 6 36.09 -18.62 0.53
C LYS QC 6 35.86 -17.13 0.68
N PHE QC 7 36.05 -16.62 1.88
CA PHE QC 7 35.96 -15.20 2.09
C PHE QC 7 37.34 -14.59 1.99
N GMA QC 8 37.45 -13.31 2.35
CA GMA QC 8 38.71 -12.61 2.34
CD GMA QC 8 38.57 -11.21 2.95
O1 GMA QC 8 37.50 -10.77 3.42
CB GMA QC 8 39.32 -12.43 0.95
CG GMA QC 8 40.67 -13.07 0.87
C GMA QC 8 41.79 -12.08 1.25
O GMA QC 8 41.65 -11.37 2.29
OXT GMA QC 8 42.80 -12.02 0.49
N2 GMA QC 8 39.69 -10.42 2.97
CAA 5CR RC 1 39.52 -13.95 5.60
CAL 5CR RC 1 39.39 -15.42 6.00
OAB 5CR RC 1 40.35 -16.07 6.23
N 5CR RC 1 38.08 -16.02 6.10
CA 5CR RC 1 38.01 -17.42 6.50
C 5CR RC 1 37.62 -18.29 5.32
O 5CR RC 1 37.85 -17.92 4.13
CB 5CR RC 1 37.03 -17.61 7.64
CG 5CR RC 1 35.65 -17.05 7.29
CD1 5CR RC 1 35.36 -15.71 7.49
CE1 5CR RC 1 34.11 -15.22 7.18
CZ 5CR RC 1 33.13 -16.07 6.70
CE2 5CR RC 1 33.41 -17.42 6.52
CD2 5CR RC 1 34.66 -17.91 6.82
N LYS RC 2 37.04 -19.44 5.62
CA LYS RC 2 36.65 -20.40 4.61
C LYS RC 2 35.54 -21.23 5.21
N PHE RC 3 34.69 -21.81 4.36
CA PHE RC 3 33.57 -22.58 4.88
C PHE RC 3 33.22 -23.67 3.88
N GLU RC 4 32.56 -24.71 4.38
CA GLU RC 4 32.00 -25.75 3.54
C GLU RC 4 30.75 -26.29 4.21
N PHE RC 5 29.87 -26.88 3.41
CA PHE RC 5 28.71 -27.56 3.94
C PHE RC 5 28.37 -28.71 3.01
N LYS RC 6 27.64 -29.69 3.54
CA LYS RC 6 27.11 -30.76 2.71
C LYS RC 6 25.88 -31.34 3.38
N PHE RC 7 24.85 -31.60 2.60
CA PHE RC 7 23.63 -32.21 3.12
C PHE RC 7 23.34 -33.48 2.34
N GMA RC 8 22.49 -34.34 2.88
CA GMA RC 8 22.00 -35.48 2.14
CD GMA RC 8 20.56 -35.83 2.55
O1 GMA RC 8 20.23 -36.07 3.72
CB GMA RC 8 22.85 -36.73 2.33
CG GMA RC 8 22.09 -37.99 2.01
C GMA RC 8 22.74 -38.78 0.85
O GMA RC 8 22.40 -39.98 0.68
OXT GMA RC 8 23.59 -38.17 0.13
N2 GMA RC 8 19.62 -35.89 1.56
CAA 5CR SC 1 -20.91 -32.18 14.07
CAL 5CR SC 1 -19.48 -31.96 13.59
OAB 5CR SC 1 -19.15 -30.90 13.21
N 5CR SC 1 -18.55 -33.08 13.59
CA 5CR SC 1 -17.17 -32.94 13.16
C 5CR SC 1 -16.47 -34.28 13.26
O 5CR SC 1 -16.88 -35.14 14.08
CB 5CR SC 1 -16.42 -31.92 14.00
CG 5CR SC 1 -15.06 -31.55 13.41
CD1 5CR SC 1 -14.95 -30.41 12.66
CE1 5CR SC 1 -13.72 -30.07 12.12
CZ 5CR SC 1 -12.60 -30.86 12.35
CE2 5CR SC 1 -12.71 -32.00 13.12
CD2 5CR SC 1 -13.94 -32.33 13.66
N LYS SC 2 -15.44 -34.48 12.46
CA LYS SC 2 -14.52 -35.59 12.65
C LYS SC 2 -13.18 -35.16 12.10
N PHE SC 3 -12.11 -35.66 12.68
CA PHE SC 3 -10.77 -35.35 12.25
C PHE SC 3 -9.94 -36.62 12.22
N GLU SC 4 -8.96 -36.64 11.34
CA GLU SC 4 -7.99 -37.72 11.30
C GLU SC 4 -6.66 -37.12 10.84
N PHE SC 5 -5.57 -37.75 11.26
CA PHE SC 5 -4.26 -37.23 10.91
C PHE SC 5 -3.23 -38.33 11.08
N LYS SC 6 -2.17 -38.24 10.29
CA LYS SC 6 -0.99 -39.05 10.52
C LYS SC 6 0.22 -38.29 10.00
N PHE SC 7 1.30 -38.29 10.77
CA PHE SC 7 2.53 -37.70 10.31
C PHE SC 7 3.52 -38.79 9.97
N GMA SC 8 4.76 -38.39 9.75
CA GMA SC 8 5.83 -39.32 9.45
CD GMA SC 8 7.19 -38.60 9.43
O1 GMA SC 8 7.30 -37.36 9.52
CB GMA SC 8 5.67 -40.04 8.11
CG GMA SC 8 5.69 -41.53 8.30
C GMA SC 8 7.12 -42.09 8.21
O GMA SC 8 7.97 -41.64 9.04
OXT GMA SC 8 7.36 -42.95 7.34
N2 GMA SC 8 8.30 -39.38 9.30
CAA 5CR TC 1 6.11 -39.70 13.06
CAL 5CR TC 1 5.03 -39.99 14.09
OAB 5CR TC 1 5.15 -40.91 14.82
N 5CR TC 1 3.87 -39.14 14.19
CA 5CR TC 1 2.88 -39.47 15.20
C 5CR TC 1 1.50 -39.59 14.58
O 5CR TC 1 1.36 -40.00 13.40
CB 5CR TC 1 2.87 -38.42 16.31
CG 5CR TC 1 2.75 -36.99 15.78
CD1 5CR TC 1 3.86 -36.31 15.30
CE1 5CR TC 1 3.73 -35.02 14.83
CZ 5CR TC 1 2.51 -34.39 14.86
CE2 5CR TC 1 1.40 -35.06 15.34
CD2 5CR TC 1 1.52 -36.36 15.81
N LYS TC 2 0.48 -39.24 15.36
CA LYS TC 2 -0.89 -39.40 14.92
C LYS TC 2 -1.74 -38.44 15.73
N PHE TC 3 -2.94 -38.15 15.26
CA PHE TC 3 -3.80 -37.20 15.96
C PHE TC 3 -5.24 -37.48 15.58
N GLU TC 4 -6.15 -37.04 16.43
CA GLU TC 4 -7.57 -37.07 16.14
C GLU TC 4 -8.23 -35.91 16.88
N PHE TC 5 -9.41 -35.52 16.40
CA PHE TC 5 -10.24 -34.57 17.11
C PHE TC 5 -11.68 -34.86 16.77
N LYS TC 6 -12.59 -34.41 17.63
CA LYS TC 6 -14.01 -34.49 17.32
C LYS TC 6 -14.76 -33.46 18.15
N PHE TC 7 -15.68 -32.75 17.51
CA PHE TC 7 -16.45 -31.72 18.20
C PHE TC 7 -17.94 -32.02 18.07
N GMA TC 8 -18.74 -31.39 18.92
CA GMA TC 8 -20.19 -31.47 18.78
CD GMA TC 8 -20.86 -30.13 19.11
O1 GMA TC 8 -20.70 -29.54 20.20
CB GMA TC 8 -20.82 -32.53 19.68
CG GMA TC 8 -22.31 -32.33 19.80
C GMA TC 8 -23.08 -33.47 19.10
O GMA TC 8 -24.27 -33.71 19.46
OXT GMA TC 8 -22.46 -34.12 18.21
N2 GMA TC 8 -21.68 -29.58 18.16
CAA 5CR UC 1 -29.41 11.61 25.73
CAL 5CR UC 1 -28.85 10.25 25.30
OAB 5CR UC 1 -27.96 10.22 24.54
N 5CR UC 1 -29.44 9.05 25.85
CA 5CR UC 1 -28.95 7.72 25.51
C 5CR UC 1 -29.78 6.67 26.22
O 5CR UC 1 -30.37 6.94 27.28
CB 5CR UC 1 -27.49 7.56 25.90
CG 5CR UC 1 -26.87 6.29 25.30
CD1 5CR UC 1 -26.20 6.37 24.12
CE1 5CR UC 1 -25.63 5.23 23.58
CZ 5CR UC 1 -25.74 4.01 24.22
CE2 5CR UC 1 -26.42 3.93 25.41
CD2 5CR UC 1 -26.97 5.07 25.96
N LYS UC 2 -29.82 5.47 25.65
CA LYS UC 2 -30.30 4.31 26.36
C LYS UC 2 -29.64 3.07 25.76
N PHE UC 3 -29.58 1.99 26.53
CA PHE UC 3 -28.93 0.78 26.09
C PHE UC 3 -29.73 -0.41 26.58
N GLU UC 4 -29.52 -1.54 25.92
CA GLU UC 4 -30.07 -2.81 26.37
C GLU UC 4 -29.19 -3.91 25.79
N PHE UC 5 -29.11 -5.03 26.51
CA PHE UC 5 -28.32 -6.13 26.00
C PHE UC 5 -28.72 -7.41 26.73
N LYS UC 6 -28.57 -8.53 26.03
CA LYS UC 6 -28.68 -9.83 26.66
C LYS UC 6 -27.79 -10.80 25.91
N PHE UC 7 -27.08 -11.63 26.65
CA PHE UC 7 -26.29 -12.67 26.03
C PHE UC 7 -26.99 -14.01 26.22
N GMA UC 8 -26.25 -15.07 25.95
CA GMA UC 8 -26.73 -16.42 26.15
CD GMA UC 8 -25.60 -17.42 25.91
O1 GMA UC 8 -24.50 -17.10 25.41
CB GMA UC 8 -27.89 -16.82 25.24
CG GMA UC 8 -29.05 -17.35 26.03
C GMA UC 8 -28.97 -18.88 26.21
O GMA UC 8 -27.92 -19.37 26.71
OXT GMA UC 8 -29.96 -19.56 25.84
N2 GMA UC 8 -25.82 -18.73 26.28
CAA 5CR VC 1 -25.91 -16.16 29.67
CAL 5CR VC 1 -26.08 -14.95 30.58
OAB 5CR VC 1 -26.87 -14.97 31.46
N 5CR VC 1 -25.29 -13.76 30.39
CA 5CR VC 1 -25.50 -12.66 31.29
C 5CR VC 1 -26.35 -11.58 30.64
O 5CR VC 1 -27.06 -11.85 29.62
CB 5CR VC 1 -24.16 -12.08 31.75
CG 5CR VC 1 -23.35 -11.47 30.61
CD1 5CR VC 1 -22.67 -12.28 29.72
CE1 5CR VC 1 -21.93 -11.71 28.69
CZ 5CR VC 1 -21.86 -10.34 28.57
CE2 5CR VC 1 -22.54 -9.53 29.47
CD2 5CR VC 1 -23.28 -10.10 30.48
N LYS VC 2 -26.30 -10.38 31.19
CA LYS VC 2 -27.14 -9.29 30.74
C LYS VC 2 -26.42 -8.00 31.06
N PHE VC 3 -26.79 -6.91 30.40
CA PHE VC 3 -26.11 -5.64 30.60
C PHE VC 3 -27.09 -4.51 30.33
N GLU VC 4 -26.77 -3.34 30.86
CA GLU VC 4 -27.49 -2.13 30.53
C GLU VC 4 -26.53 -0.96 30.65
N PHE VC 5 -26.88 0.15 30.01
CA PHE VC 5 -26.13 1.38 30.16
C PHE VC 5 -27.07 2.54 29.92
N LYS VC 6 -26.70 3.71 30.44
CA LYS VC 6 -27.43 4.93 30.13
C LYS VC 6 -26.54 6.13 30.39
N PHE VC 7 -26.44 7.00 29.40
CA PHE VC 7 -25.65 8.21 29.53
C PHE VC 7 -26.57 9.43 29.46
N GMA VC 8 -26.06 10.58 29.90
CA GMA VC 8 -26.78 11.82 29.72
CD GMA VC 8 -25.81 12.99 29.51
O1 GMA VC 8 -24.90 13.27 30.31
CB GMA VC 8 -27.68 12.18 30.90
CG GMA VC 8 -27.97 13.66 30.97
C GMA VC 8 -29.46 13.95 30.67
O GMA VC 8 -29.91 15.09 30.98
OXT GMA VC 8 -30.14 13.03 30.14
N2 GMA VC 8 -25.98 13.76 28.38
#